data_8R0O
#
_entry.id   8R0O
#
_cell.length_a   1.00
_cell.length_b   1.00
_cell.length_c   1.00
_cell.angle_alpha   90.00
_cell.angle_beta   90.00
_cell.angle_gamma   90.00
#
_symmetry.space_group_name_H-M   'P 1'
#
loop_
_entity.id
_entity.type
_entity.pdbx_description
1 polymer Rhodopsin
2 non-polymer DODECYL-BETA-D-MALTOSIDE
3 non-polymer RETINAL
4 water water
#
_entity_poly.entity_id   1
_entity_poly.type   'polypeptide(L)'
_entity_poly.pdbx_seq_one_letter_code
;MTDMISAPWEASLTQAEHSLIFYFLALTGSALLFGLARTWLTRGEVGARYRTAVVARSGIMIVATLSYVFMVLAFTSGYD
HVGSLWVPNSEAIMTIAPRYVEWSIAVPLLSIELLSVATLSGVSARRTRLAAVAGAFLMIFTGFLGAVVIGDGRSVGSLI
IWGAISTVFWIITAVILIRAIRHSLPQLTPEAAALLKTATIFLMSGWAVYPLAYLIQILFAGGLWTTSIHIILCTADIVV
KLGFCGLIHRIAKLRTAEDVRAGVDIHTEAIWISSVKQSDAGIPTVVYLPEGETIHQRRPKPSDSNATASSSARQWTDDF
PPTDL
;
_entity_poly.pdbx_strand_id   A,B,C,D,E
#
# COMPACT_ATOMS: atom_id res chain seq x y z
N ASP A 3 -41.21 -9.63 22.22
CA ASP A 3 -40.50 -8.90 23.30
C ASP A 3 -39.37 -8.10 22.66
N MET A 4 -39.33 -6.81 22.99
CA MET A 4 -38.30 -5.92 22.49
C MET A 4 -37.12 -5.95 23.47
N ILE A 5 -35.92 -5.97 22.91
CA ILE A 5 -34.71 -5.74 23.66
C ILE A 5 -33.97 -4.54 23.05
N SER A 6 -32.95 -4.04 23.72
CA SER A 6 -32.15 -2.98 23.13
C SER A 6 -30.95 -3.60 22.43
N ALA A 7 -30.59 -3.08 21.26
CA ALA A 7 -29.47 -3.63 20.53
C ALA A 7 -28.16 -3.27 21.22
N PRO A 8 -27.07 -4.02 20.98
CA PRO A 8 -25.78 -3.70 21.61
C PRO A 8 -25.23 -2.32 21.32
N TRP A 9 -25.51 -1.77 20.13
CA TRP A 9 -24.96 -0.48 19.75
C TRP A 9 -25.83 0.66 20.29
N GLU A 10 -26.85 0.35 21.08
CA GLU A 10 -27.71 1.34 21.68
C GLU A 10 -27.32 1.67 23.12
N ALA A 11 -26.40 0.91 23.70
CA ALA A 11 -26.06 1.09 25.10
C ALA A 11 -25.06 2.22 25.26
N SER A 12 -25.23 3.03 26.31
CA SER A 12 -24.21 4.00 26.69
C SER A 12 -23.05 3.30 27.40
N LEU A 13 -21.84 3.81 27.23
CA LEU A 13 -20.69 3.12 27.79
C LEU A 13 -20.08 4.01 28.87
N THR A 14 -19.62 3.40 29.95
CA THR A 14 -18.73 4.10 30.86
C THR A 14 -17.37 4.32 30.20
N GLN A 15 -16.53 5.16 30.80
CA GLN A 15 -15.21 5.45 30.26
C GLN A 15 -14.40 4.16 30.21
N ALA A 16 -14.57 3.33 31.25
CA ALA A 16 -13.84 2.08 31.30
C ALA A 16 -14.20 1.20 30.11
N GLU A 17 -15.52 0.99 29.90
CA GLU A 17 -16.02 0.19 28.79
C GLU A 17 -15.59 0.76 27.45
N HIS A 18 -15.62 2.06 27.29
CA HIS A 18 -15.29 2.66 26.01
C HIS A 18 -13.80 2.40 25.70
N SER A 19 -12.96 2.49 26.74
CA SER A 19 -11.54 2.28 26.62
C SER A 19 -11.22 0.81 26.36
N LEU A 20 -11.89 -0.12 27.06
CA LEU A 20 -11.75 -1.52 26.76
C LEU A 20 -12.14 -1.87 25.32
N ILE A 21 -13.27 -1.38 24.85
CA ILE A 21 -13.65 -1.73 23.50
C ILE A 21 -12.63 -1.20 22.51
N PHE A 22 -12.18 0.04 22.67
CA PHE A 22 -11.19 0.60 21.76
C PHE A 22 -9.96 -0.35 21.73
N TYR A 23 -9.50 -0.75 22.91
CA TYR A 23 -8.32 -1.58 22.98
C TYR A 23 -8.51 -2.88 22.19
N PHE A 24 -9.60 -3.63 22.47
CA PHE A 24 -9.86 -4.89 21.80
C PHE A 24 -10.04 -4.72 20.28
N LEU A 25 -10.68 -3.66 19.82
CA LEU A 25 -10.83 -3.50 18.40
C LEU A 25 -9.50 -3.22 17.75
N ALA A 26 -8.69 -2.38 18.38
CA ALA A 26 -7.41 -1.99 17.83
C ALA A 26 -6.43 -3.15 17.94
N LEU A 27 -6.55 -3.95 19.00
CA LEU A 27 -5.72 -5.11 19.17
C LEU A 27 -6.00 -6.13 18.06
N THR A 28 -7.28 -6.29 17.70
CA THR A 28 -7.65 -7.29 16.73
C THR A 28 -7.19 -6.82 15.36
N GLY A 29 -7.45 -5.59 15.02
CA GLY A 29 -7.01 -5.08 13.75
C GLY A 29 -5.51 -5.22 13.55
N SER A 30 -4.75 -4.97 14.61
CA SER A 30 -3.30 -5.01 14.59
C SER A 30 -2.83 -6.45 14.45
N ALA A 31 -3.42 -7.34 15.23
CA ALA A 31 -3.08 -8.73 15.16
C ALA A 31 -3.34 -9.29 13.75
N LEU A 32 -4.43 -8.85 13.14
CA LEU A 32 -4.78 -9.37 11.84
C LEU A 32 -3.83 -8.79 10.81
N LEU A 33 -3.34 -7.57 11.01
CA LEU A 33 -2.43 -6.98 10.05
C LEU A 33 -1.06 -7.67 10.12
N PHE A 34 -0.64 -8.06 11.33
CA PHE A 34 0.50 -8.92 11.48
C PHE A 34 0.28 -10.23 10.70
N GLY A 35 -0.88 -10.86 10.87
CA GLY A 35 -1.23 -12.09 10.20
C GLY A 35 -1.16 -11.97 8.69
N LEU A 36 -1.58 -10.84 8.18
CA LEU A 36 -1.47 -10.60 6.77
C LEU A 36 -0.01 -10.59 6.35
N ALA A 37 0.83 -9.90 7.09
CA ALA A 37 2.23 -9.79 6.76
C ALA A 37 2.88 -11.17 6.84
N ARG A 38 2.54 -11.94 7.87
CA ARG A 38 3.06 -13.27 8.02
C ARG A 38 2.77 -14.13 6.78
N THR A 39 1.55 -14.00 6.27
CA THR A 39 1.07 -14.80 5.17
C THR A 39 1.89 -14.45 3.95
N TRP A 40 2.14 -13.16 3.75
CA TRP A 40 2.86 -12.72 2.59
C TRP A 40 4.31 -13.17 2.65
N LEU A 41 4.95 -13.02 3.81
CA LEU A 41 6.33 -13.39 3.99
C LEU A 41 6.53 -14.89 3.91
N THR A 42 5.51 -15.73 4.14
CA THR A 42 5.77 -17.16 4.20
C THR A 42 5.16 -17.86 3.01
N ARG A 43 4.65 -17.09 2.03
CA ARG A 43 3.92 -17.68 0.91
C ARG A 43 4.80 -18.59 0.06
N GLY A 44 6.11 -18.33 -0.04
CA GLY A 44 6.99 -19.19 -0.80
C GLY A 44 7.36 -20.50 -0.14
N GLU A 45 6.84 -20.80 1.04
CA GLU A 45 7.20 -22.03 1.72
C GLU A 45 6.32 -23.18 1.22
N VAL A 46 5.33 -22.87 0.39
CA VAL A 46 4.31 -23.83 0.01
C VAL A 46 4.39 -24.02 -1.49
N GLY A 47 4.28 -25.26 -1.95
CA GLY A 47 4.30 -25.50 -3.37
C GLY A 47 3.05 -24.99 -4.07
N ALA A 48 3.11 -24.86 -5.40
CA ALA A 48 2.00 -24.47 -6.23
C ALA A 48 0.81 -25.44 -6.12
N ARG A 49 1.03 -26.69 -5.79
CA ARG A 49 -0.06 -27.62 -5.62
C ARG A 49 -0.95 -27.23 -4.44
N TYR A 50 -0.47 -26.41 -3.51
CA TYR A 50 -1.20 -26.14 -2.28
C TYR A 50 -1.31 -24.63 -2.09
N ARG A 51 -1.17 -23.85 -3.16
CA ARG A 51 -1.24 -22.41 -3.07
C ARG A 51 -2.62 -21.89 -2.69
N THR A 52 -3.67 -22.67 -2.85
CA THR A 52 -4.99 -22.23 -2.43
C THR A 52 -5.01 -21.94 -0.93
N ALA A 53 -4.30 -22.74 -0.15
CA ALA A 53 -4.16 -22.46 1.26
C ALA A 53 -3.68 -21.03 1.52
N VAL A 54 -2.70 -20.55 0.77
CA VAL A 54 -2.14 -19.23 0.97
C VAL A 54 -3.13 -18.16 0.48
N VAL A 55 -3.79 -18.45 -0.63
CA VAL A 55 -4.74 -17.50 -1.19
C VAL A 55 -5.90 -17.32 -0.21
N ALA A 56 -6.48 -18.43 0.23
CA ALA A 56 -7.57 -18.38 1.19
C ALA A 56 -7.16 -17.59 2.44
N ARG A 57 -5.98 -17.86 2.97
N ARG A 57 -5.97 -17.87 2.97
CA ARG A 57 -5.54 -17.23 4.19
CA ARG A 57 -5.51 -17.24 4.20
C ARG A 57 -5.24 -15.75 4.01
C ARG A 57 -5.23 -15.76 4.02
N SER A 58 -4.59 -15.40 2.92
CA SER A 58 -4.44 -13.99 2.57
C SER A 58 -5.77 -13.25 2.58
N GLY A 59 -6.82 -13.87 2.04
CA GLY A 59 -8.13 -13.24 1.94
C GLY A 59 -8.74 -13.05 3.30
N ILE A 60 -8.69 -14.09 4.13
CA ILE A 60 -9.17 -13.95 5.48
C ILE A 60 -8.49 -12.77 6.17
N MET A 61 -7.18 -12.67 6.06
CA MET A 61 -6.45 -11.67 6.80
C MET A 61 -6.73 -10.29 6.22
N ILE A 62 -6.86 -10.15 4.91
CA ILE A 62 -7.12 -8.85 4.31
C ILE A 62 -8.52 -8.35 4.69
N VAL A 63 -9.53 -9.20 4.53
CA VAL A 63 -10.87 -8.72 4.77
C VAL A 63 -11.07 -8.46 6.26
N ALA A 64 -10.51 -9.30 7.13
CA ALA A 64 -10.67 -9.11 8.55
C ALA A 64 -9.98 -7.80 8.97
N THR A 65 -8.80 -7.55 8.45
CA THR A 65 -8.08 -6.34 8.82
C THR A 65 -8.91 -5.11 8.45
N LEU A 66 -9.42 -5.09 7.22
CA LEU A 66 -10.16 -3.95 6.70
C LEU A 66 -11.40 -3.71 7.56
N SER A 67 -12.09 -4.79 7.88
CA SER A 67 -13.24 -4.73 8.72
C SER A 67 -12.95 -4.09 10.08
N TYR A 68 -11.86 -4.47 10.72
CA TYR A 68 -11.55 -3.94 12.03
C TYR A 68 -11.07 -2.50 11.95
N VAL A 69 -10.40 -2.13 10.86
CA VAL A 69 -9.95 -0.76 10.69
C VAL A 69 -11.17 0.12 10.54
N PHE A 70 -12.13 -0.35 9.75
CA PHE A 70 -13.38 0.34 9.61
C PHE A 70 -14.05 0.49 10.98
N MET A 71 -14.06 -0.56 11.77
CA MET A 71 -14.80 -0.53 13.02
C MET A 71 -14.10 0.39 14.02
N VAL A 72 -12.78 0.45 13.99
CA VAL A 72 -12.06 1.30 14.94
C VAL A 72 -12.38 2.76 14.64
N LEU A 73 -12.40 3.11 13.35
CA LEU A 73 -12.77 4.45 12.93
C LEU A 73 -14.25 4.72 13.25
N ALA A 74 -15.13 3.80 12.94
CA ALA A 74 -16.51 3.96 13.31
C ALA A 74 -16.67 4.19 14.83
N PHE A 75 -15.83 3.53 15.65
CA PHE A 75 -15.95 3.61 17.10
C PHE A 75 -15.63 5.02 17.55
N THR A 76 -14.60 5.61 16.95
CA THR A 76 -14.19 6.97 17.25
C THR A 76 -15.28 7.97 16.88
N SER A 77 -16.12 7.65 15.91
CA SER A 77 -17.16 8.56 15.49
C SER A 77 -18.56 8.16 15.95
N GLY A 78 -18.73 7.02 16.59
CA GLY A 78 -20.07 6.51 16.83
C GLY A 78 -20.50 6.71 18.27
N TYR A 79 -19.64 7.28 19.12
CA TYR A 79 -20.02 7.59 20.48
C TYR A 79 -19.59 9.02 20.82
N ASP A 80 -20.38 9.74 21.60
CA ASP A 80 -20.03 11.10 22.01
C ASP A 80 -19.93 11.17 23.52
N HIS A 81 -18.86 11.77 24.02
CA HIS A 81 -18.64 11.85 25.45
C HIS A 81 -19.60 12.89 26.00
N VAL A 82 -20.49 12.46 26.88
CA VAL A 82 -21.49 13.35 27.44
C VAL A 82 -21.55 13.07 28.94
N GLY A 83 -21.01 13.99 29.73
CA GLY A 83 -20.87 13.74 31.14
C GLY A 83 -19.76 12.72 31.34
N SER A 84 -20.08 11.65 32.06
CA SER A 84 -19.14 10.58 32.29
C SER A 84 -19.47 9.36 31.41
N LEU A 85 -20.38 9.51 30.45
CA LEU A 85 -20.81 8.41 29.62
C LEU A 85 -20.45 8.64 28.17
N TRP A 86 -20.23 7.56 27.44
CA TRP A 86 -20.15 7.66 25.99
C TRP A 86 -21.49 7.24 25.42
N VAL A 87 -22.14 8.14 24.70
CA VAL A 87 -23.49 7.91 24.23
C VAL A 87 -23.42 7.58 22.75
N PRO A 88 -24.03 6.46 22.31
CA PRO A 88 -23.94 6.04 20.90
C PRO A 88 -24.79 6.95 20.02
N ASN A 89 -24.25 7.35 18.87
CA ASN A 89 -25.02 8.01 17.82
C ASN A 89 -25.42 7.02 16.72
N SER A 90 -25.80 7.50 15.54
CA SER A 90 -26.40 6.65 14.52
C SER A 90 -25.35 5.78 13.84
N GLU A 91 -24.05 6.10 14.04
CA GLU A 91 -23.00 5.34 13.42
C GLU A 91 -22.47 4.23 14.34
N ALA A 92 -23.03 4.07 15.55
CA ALA A 92 -22.51 3.10 16.50
C ALA A 92 -22.73 1.68 15.96
N ILE A 93 -23.76 1.52 15.12
CA ILE A 93 -24.04 0.21 14.56
C ILE A 93 -22.89 -0.29 13.65
N MET A 94 -22.09 0.64 13.14
CA MET A 94 -20.95 0.31 12.31
C MET A 94 -19.77 -0.16 13.15
N THR A 95 -19.95 -0.31 14.46
CA THR A 95 -18.94 -0.95 15.29
C THR A 95 -19.30 -2.42 15.54
N ILE A 96 -20.45 -2.87 15.05
CA ILE A 96 -20.88 -4.24 15.22
C ILE A 96 -21.14 -4.91 13.87
N ALA A 97 -21.88 -4.24 13.00
CA ALA A 97 -22.32 -4.83 11.75
C ALA A 97 -21.17 -5.26 10.84
N PRO A 98 -20.05 -4.54 10.71
CA PRO A 98 -18.97 -4.98 9.83
C PRO A 98 -18.36 -6.33 10.12
N ARG A 99 -18.54 -6.87 11.33
CA ARG A 99 -18.09 -8.22 11.60
C ARG A 99 -18.79 -9.23 10.71
N TYR A 100 -20.07 -9.00 10.40
CA TYR A 100 -20.85 -9.87 9.53
C TYR A 100 -20.33 -9.85 8.11
N VAL A 101 -19.74 -8.74 7.69
CA VAL A 101 -19.16 -8.66 6.38
C VAL A 101 -17.93 -9.54 6.36
N GLU A 102 -17.01 -9.30 7.28
CA GLU A 102 -15.82 -10.11 7.50
C GLU A 102 -16.18 -11.60 7.52
N TRP A 103 -17.09 -12.02 8.37
CA TRP A 103 -17.41 -13.43 8.48
C TRP A 103 -18.00 -14.00 7.21
N SER A 104 -18.70 -13.18 6.44
CA SER A 104 -19.36 -13.62 5.22
C SER A 104 -18.33 -14.07 4.20
N ILE A 105 -17.14 -13.51 4.28
CA ILE A 105 -16.08 -13.95 3.41
C ILE A 105 -15.17 -14.96 4.10
N ALA A 106 -14.83 -14.71 5.36
CA ALA A 106 -13.81 -15.47 6.05
C ALA A 106 -14.29 -16.90 6.35
N VAL A 107 -15.54 -17.12 6.66
CA VAL A 107 -15.91 -18.48 7.04
C VAL A 107 -15.88 -19.35 5.79
N PRO A 108 -16.43 -18.94 4.65
CA PRO A 108 -16.21 -19.66 3.39
C PRO A 108 -14.73 -19.86 3.02
N LEU A 109 -13.89 -18.84 3.23
CA LEU A 109 -12.48 -18.98 2.92
C LEU A 109 -11.80 -19.97 3.87
N LEU A 110 -12.22 -20.04 5.13
CA LEU A 110 -11.71 -21.06 6.04
C LEU A 110 -12.07 -22.43 5.53
N SER A 111 -13.29 -22.60 5.05
CA SER A 111 -13.72 -23.88 4.51
C SER A 111 -12.82 -24.28 3.35
N ILE A 112 -12.50 -23.31 2.50
CA ILE A 112 -11.68 -23.55 1.34
C ILE A 112 -10.26 -23.88 1.77
N GLU A 113 -9.73 -23.16 2.74
CA GLU A 113 -8.42 -23.43 3.30
C GLU A 113 -8.32 -24.85 3.85
N LEU A 114 -9.30 -25.27 4.63
CA LEU A 114 -9.25 -26.60 5.20
C LEU A 114 -9.27 -27.68 4.12
N LEU A 115 -10.03 -27.47 3.06
CA LEU A 115 -10.19 -28.49 2.02
C LEU A 115 -9.03 -28.47 1.03
N SER A 116 -8.26 -27.39 1.06
CA SER A 116 -7.14 -27.19 0.17
C SER A 116 -6.02 -28.18 0.44
N VAL A 117 -5.99 -28.76 1.61
CA VAL A 117 -4.90 -29.65 2.00
C VAL A 117 -5.46 -31.03 2.20
N ALA A 118 -6.74 -31.22 1.86
CA ALA A 118 -7.33 -32.54 1.97
C ALA A 118 -7.18 -33.27 0.63
N THR A 119 -7.62 -34.52 0.55
CA THR A 119 -7.39 -35.32 -0.63
C THR A 119 -8.72 -35.58 -1.31
N LEU A 120 -9.21 -34.60 -2.07
CA LEU A 120 -10.45 -34.73 -2.81
C LEU A 120 -10.16 -34.20 -4.20
N SER A 121 -10.79 -34.82 -5.22
CA SER A 121 -10.80 -34.24 -6.55
C SER A 121 -11.99 -34.79 -7.34
N GLY A 122 -12.25 -34.18 -8.51
CA GLY A 122 -13.38 -34.56 -9.33
C GLY A 122 -14.65 -33.82 -8.93
N VAL A 123 -15.80 -34.48 -9.15
CA VAL A 123 -17.10 -33.88 -8.93
C VAL A 123 -17.25 -33.65 -7.42
N SER A 124 -16.87 -34.65 -6.62
CA SER A 124 -16.94 -34.56 -5.18
C SER A 124 -16.23 -33.32 -4.68
N ALA A 125 -15.03 -33.03 -5.24
CA ALA A 125 -14.29 -31.88 -4.77
C ALA A 125 -15.12 -30.60 -4.93
N ARG A 126 -15.67 -30.43 -6.14
CA ARG A 126 -16.40 -29.23 -6.50
C ARG A 126 -17.72 -29.21 -5.72
N ARG A 127 -18.36 -30.36 -5.61
CA ARG A 127 -19.60 -30.47 -4.86
C ARG A 127 -19.34 -30.01 -3.43
N THR A 128 -18.29 -30.54 -2.80
CA THR A 128 -17.97 -30.24 -1.42
C THR A 128 -17.62 -28.76 -1.27
N ARG A 129 -16.75 -28.25 -2.13
CA ARG A 129 -16.35 -26.87 -1.99
C ARG A 129 -17.53 -25.92 -2.14
N LEU A 130 -18.45 -26.21 -3.07
CA LEU A 130 -19.59 -25.34 -3.29
C LEU A 130 -20.53 -25.45 -2.11
N ALA A 131 -20.90 -26.67 -1.75
CA ALA A 131 -21.78 -26.80 -0.61
C ALA A 131 -21.21 -26.10 0.62
N ALA A 132 -19.91 -26.24 0.88
CA ALA A 132 -19.36 -25.74 2.13
C ALA A 132 -19.29 -24.22 2.07
N VAL A 133 -18.94 -23.66 0.93
CA VAL A 133 -18.95 -22.22 0.75
C VAL A 133 -20.36 -21.65 0.91
N ALA A 134 -21.34 -22.29 0.29
CA ALA A 134 -22.71 -21.82 0.31
C ALA A 134 -23.25 -21.86 1.72
N GLY A 135 -23.05 -23.00 2.38
CA GLY A 135 -23.52 -23.20 3.75
C GLY A 135 -22.91 -22.18 4.69
N ALA A 136 -21.64 -21.90 4.50
CA ALA A 136 -20.90 -21.03 5.38
C ALA A 136 -21.41 -19.61 5.20
N PHE A 137 -21.66 -19.22 3.96
CA PHE A 137 -22.13 -17.89 3.67
C PHE A 137 -23.53 -17.70 4.26
N LEU A 138 -24.39 -18.70 4.11
CA LEU A 138 -25.76 -18.59 4.56
C LEU A 138 -25.87 -18.57 6.08
N MET A 139 -24.98 -19.27 6.76
CA MET A 139 -24.97 -19.24 8.21
C MET A 139 -24.72 -17.80 8.68
N ILE A 140 -23.76 -17.12 8.08
CA ILE A 140 -23.45 -15.76 8.49
C ILE A 140 -24.57 -14.82 8.07
N PHE A 141 -25.08 -14.96 6.85
CA PHE A 141 -26.06 -14.03 6.32
C PHE A 141 -27.35 -14.10 7.15
N THR A 142 -27.84 -15.31 7.45
CA THR A 142 -29.03 -15.45 8.27
C THR A 142 -28.77 -14.92 9.68
N GLY A 143 -27.55 -15.08 10.20
CA GLY A 143 -27.16 -14.44 11.43
C GLY A 143 -27.27 -12.93 11.37
N PHE A 144 -26.78 -12.33 10.31
CA PHE A 144 -26.85 -10.91 10.09
C PHE A 144 -28.30 -10.41 10.03
N LEU A 145 -29.19 -11.17 9.40
CA LEU A 145 -30.57 -10.77 9.32
C LEU A 145 -31.20 -10.68 10.70
N GLY A 146 -30.93 -11.65 11.58
CA GLY A 146 -31.50 -11.67 12.93
C GLY A 146 -30.87 -10.61 13.80
N ALA A 147 -29.55 -10.51 13.73
CA ALA A 147 -28.84 -9.66 14.66
C ALA A 147 -28.85 -8.18 14.27
N VAL A 148 -29.02 -7.85 12.99
CA VAL A 148 -28.89 -6.47 12.56
C VAL A 148 -30.11 -5.98 11.82
N VAL A 149 -30.74 -6.80 10.96
CA VAL A 149 -31.61 -6.28 9.93
C VAL A 149 -33.08 -6.42 10.32
N ILE A 150 -33.59 -7.63 10.50
CA ILE A 150 -35.00 -7.80 10.80
C ILE A 150 -35.27 -7.49 12.27
N GLY A 151 -35.96 -6.37 12.54
CA GLY A 151 -36.24 -5.94 13.89
C GLY A 151 -35.20 -4.96 14.40
N ASP A 152 -34.18 -4.68 13.58
CA ASP A 152 -33.14 -3.71 13.92
C ASP A 152 -32.31 -4.15 15.10
N GLY A 153 -32.24 -5.47 15.32
CA GLY A 153 -31.47 -6.02 16.42
C GLY A 153 -32.19 -5.93 17.75
N ARG A 154 -33.49 -5.65 17.73
CA ARG A 154 -34.21 -5.37 18.96
C ARG A 154 -35.29 -6.38 19.21
N SER A 155 -35.48 -7.35 18.30
CA SER A 155 -36.58 -8.31 18.38
C SER A 155 -36.05 -9.66 18.84
N VAL A 156 -36.52 -10.13 19.98
CA VAL A 156 -36.08 -11.41 20.50
C VAL A 156 -36.52 -12.50 19.55
N GLY A 157 -37.79 -12.50 19.17
CA GLY A 157 -38.31 -13.48 18.23
C GLY A 157 -37.50 -13.55 16.95
N SER A 158 -37.16 -12.43 16.37
CA SER A 158 -36.39 -12.41 15.15
C SER A 158 -35.00 -13.01 15.41
N LEU A 159 -34.38 -12.68 16.55
CA LEU A 159 -33.05 -13.20 16.84
C LEU A 159 -33.09 -14.71 17.01
N ILE A 160 -34.16 -15.19 17.63
CA ILE A 160 -34.26 -16.60 17.89
C ILE A 160 -34.47 -17.36 16.59
N ILE A 161 -35.40 -16.88 15.77
CA ILE A 161 -35.73 -17.57 14.54
C ILE A 161 -34.52 -17.59 13.61
N TRP A 162 -33.91 -16.44 13.40
CA TRP A 162 -32.83 -16.36 12.44
C TRP A 162 -31.59 -17.01 13.00
N GLY A 163 -31.48 -17.07 14.33
CA GLY A 163 -30.36 -17.75 14.96
C GLY A 163 -30.51 -19.24 14.77
N ALA A 164 -31.73 -19.73 14.84
CA ALA A 164 -31.96 -21.15 14.65
C ALA A 164 -31.66 -21.53 13.22
N ILE A 165 -32.10 -20.71 12.27
CA ILE A 165 -31.79 -20.95 10.87
C ILE A 165 -30.28 -20.93 10.67
N SER A 166 -29.59 -20.00 11.31
CA SER A 166 -28.16 -19.92 11.12
C SER A 166 -27.50 -21.19 11.68
N THR A 167 -28.04 -21.71 12.77
CA THR A 167 -27.55 -22.91 13.41
C THR A 167 -27.71 -24.12 12.50
N VAL A 168 -28.77 -24.18 11.73
CA VAL A 168 -28.96 -25.29 10.80
C VAL A 168 -27.86 -25.26 9.75
N PHE A 169 -27.63 -24.10 9.15
CA PHE A 169 -26.58 -24.01 8.17
C PHE A 169 -25.21 -24.31 8.77
N TRP A 170 -25.04 -24.04 10.06
CA TRP A 170 -23.82 -24.35 10.76
C TRP A 170 -23.61 -25.85 10.77
N ILE A 171 -24.63 -26.56 11.24
CA ILE A 171 -24.60 -28.01 11.28
C ILE A 171 -24.30 -28.56 9.89
N ILE A 172 -25.00 -28.09 8.87
CA ILE A 172 -24.81 -28.63 7.54
C ILE A 172 -23.36 -28.44 7.11
N THR A 173 -22.83 -27.22 7.23
CA THR A 173 -21.48 -26.93 6.78
C THR A 173 -20.48 -27.81 7.53
N ALA A 174 -20.65 -27.92 8.83
CA ALA A 174 -19.79 -28.72 9.67
C ALA A 174 -19.77 -30.17 9.20
N VAL A 175 -20.95 -30.74 8.95
CA VAL A 175 -21.03 -32.14 8.56
C VAL A 175 -20.32 -32.34 7.23
N ILE A 176 -20.56 -31.45 6.27
CA ILE A 176 -19.93 -31.52 4.96
C ILE A 176 -18.42 -31.49 5.10
N LEU A 177 -17.89 -30.64 5.99
CA LEU A 177 -16.46 -30.49 6.13
C LEU A 177 -15.90 -31.70 6.85
N ILE A 178 -16.58 -32.17 7.87
CA ILE A 178 -16.06 -33.24 8.68
C ILE A 178 -16.04 -34.50 7.84
N ARG A 179 -17.05 -34.69 7.01
CA ARG A 179 -17.10 -35.88 6.17
C ARG A 179 -15.93 -35.83 5.18
N ALA A 180 -15.56 -34.64 4.71
CA ALA A 180 -14.52 -34.53 3.72
C ALA A 180 -13.18 -34.88 4.36
N ILE A 181 -12.92 -34.29 5.51
CA ILE A 181 -11.72 -34.58 6.24
C ILE A 181 -11.67 -36.07 6.56
N ARG A 182 -12.75 -36.66 7.01
CA ARG A 182 -12.73 -38.04 7.44
C ARG A 182 -12.36 -38.92 6.25
N HIS A 183 -12.81 -38.56 5.07
CA HIS A 183 -12.54 -39.34 3.88
C HIS A 183 -11.09 -39.17 3.43
N SER A 184 -10.50 -38.00 3.71
CA SER A 184 -9.16 -37.67 3.30
C SER A 184 -8.15 -38.34 4.21
N LEU A 185 -8.43 -38.47 5.50
CA LEU A 185 -7.39 -38.82 6.45
C LEU A 185 -6.74 -40.14 6.07
N PRO A 186 -7.48 -41.15 5.60
CA PRO A 186 -6.87 -42.42 5.21
C PRO A 186 -5.92 -42.33 4.02
N GLN A 187 -6.00 -41.25 3.26
CA GLN A 187 -5.27 -41.13 2.01
C GLN A 187 -4.10 -40.19 2.19
N LEU A 188 -3.86 -39.75 3.43
CA LEU A 188 -2.76 -38.86 3.73
C LEU A 188 -1.70 -39.68 4.45
N THR A 189 -0.49 -39.12 4.54
CA THR A 189 0.53 -39.77 5.34
C THR A 189 0.15 -39.60 6.79
N PRO A 190 0.53 -40.52 7.68
CA PRO A 190 0.23 -40.38 9.09
C PRO A 190 0.51 -39.00 9.68
N GLU A 191 1.63 -38.41 9.30
CA GLU A 191 2.03 -37.15 9.91
C GLU A 191 1.01 -36.07 9.53
N ALA A 192 0.65 -36.01 8.25
CA ALA A 192 -0.28 -35.02 7.76
C ALA A 192 -1.68 -35.31 8.29
N ALA A 193 -2.07 -36.58 8.30
CA ALA A 193 -3.38 -36.96 8.78
C ALA A 193 -3.58 -36.44 10.19
N ALA A 194 -2.59 -36.65 11.04
CA ALA A 194 -2.65 -36.21 12.43
C ALA A 194 -2.79 -34.70 12.54
N LEU A 195 -2.02 -33.97 11.75
CA LEU A 195 -2.09 -32.53 11.79
C LEU A 195 -3.44 -32.03 11.29
N LEU A 196 -3.96 -32.67 10.22
CA LEU A 196 -5.22 -32.25 9.62
C LEU A 196 -6.38 -32.49 10.57
N LYS A 197 -6.32 -33.59 11.34
CA LYS A 197 -7.39 -33.91 12.28
C LYS A 197 -7.43 -32.85 13.38
N THR A 198 -6.27 -32.55 13.94
CA THR A 198 -6.13 -31.52 14.95
C THR A 198 -6.64 -30.17 14.42
N ALA A 199 -6.17 -29.75 13.25
CA ALA A 199 -6.59 -28.49 12.67
C ALA A 199 -8.11 -28.46 12.53
N THR A 200 -8.73 -29.59 12.14
CA THR A 200 -10.19 -29.61 11.98
C THR A 200 -10.90 -29.37 13.31
N ILE A 201 -10.44 -29.92 14.42
N ILE A 201 -10.41 -30.00 14.38
CA ILE A 201 -11.07 -29.67 15.72
CA ILE A 201 -10.99 -29.87 15.70
C ILE A 201 -10.99 -28.20 16.14
C ILE A 201 -10.85 -28.43 16.18
N PHE A 202 -9.88 -27.54 15.81
N PHE A 202 -9.71 -27.80 15.89
CA PHE A 202 -9.67 -26.15 16.17
CA PHE A 202 -9.44 -26.45 16.33
C PHE A 202 -10.61 -25.21 15.43
C PHE A 202 -10.38 -25.46 15.64
N LEU A 203 -10.95 -25.50 14.17
N LEU A 203 -10.52 -25.63 14.31
CA LEU A 203 -11.84 -24.64 13.42
CA LEU A 203 -11.28 -24.70 13.50
C LEU A 203 -13.27 -24.83 13.87
C LEU A 203 -12.78 -24.81 13.83
N MET A 204 -13.66 -26.06 14.17
N MET A 204 -13.24 -26.04 14.04
CA MET A 204 -15.04 -26.31 14.52
CA MET A 204 -14.66 -26.28 14.29
C MET A 204 -15.29 -25.76 15.92
C MET A 204 -15.01 -25.78 15.68
N SER A 205 -14.32 -26.00 16.79
N SER A 205 -14.11 -26.03 16.62
CA SER A 205 -14.40 -25.57 18.17
CA SER A 205 -14.33 -25.64 18.00
C SER A 205 -14.37 -24.05 18.20
C SER A 205 -14.36 -24.12 18.14
N GLY A 206 -13.53 -23.47 17.35
CA GLY A 206 -13.47 -22.02 17.32
C GLY A 206 -14.79 -21.43 16.86
N TRP A 207 -15.51 -22.15 15.99
CA TRP A 207 -16.79 -21.68 15.50
C TRP A 207 -17.81 -21.60 16.62
N ALA A 208 -17.71 -22.47 17.63
CA ALA A 208 -18.74 -22.51 18.67
C ALA A 208 -18.70 -21.30 19.59
N VAL A 209 -17.62 -20.53 19.56
CA VAL A 209 -17.56 -19.36 20.42
C VAL A 209 -18.52 -18.28 19.91
N TYR A 210 -18.70 -18.16 18.60
CA TYR A 210 -19.36 -17.00 18.04
C TYR A 210 -20.84 -16.94 18.44
N PRO A 211 -21.61 -18.04 18.33
CA PRO A 211 -22.99 -18.04 18.80
C PRO A 211 -23.18 -17.52 20.23
N LEU A 212 -22.16 -17.58 21.08
CA LEU A 212 -22.28 -17.10 22.44
C LEU A 212 -22.48 -15.59 22.47
N ALA A 213 -21.82 -14.86 21.58
CA ALA A 213 -22.06 -13.43 21.52
C ALA A 213 -23.49 -13.13 21.04
N TYR A 214 -24.03 -14.00 20.20
CA TYR A 214 -25.38 -13.81 19.69
C TYR A 214 -26.36 -14.01 20.85
N LEU A 215 -26.10 -15.01 21.69
CA LEU A 215 -26.97 -15.27 22.82
C LEU A 215 -26.96 -14.10 23.82
N ILE A 216 -25.81 -13.44 23.97
CA ILE A 216 -25.79 -12.28 24.83
C ILE A 216 -26.76 -11.24 24.29
N GLN A 217 -26.65 -10.91 23.00
CA GLN A 217 -27.55 -9.97 22.40
C GLN A 217 -29.02 -10.32 22.69
N ILE A 218 -29.38 -11.58 22.66
CA ILE A 218 -30.74 -11.99 22.96
C ILE A 218 -31.11 -11.73 24.41
N LEU A 219 -30.21 -12.04 25.36
CA LEU A 219 -30.55 -12.22 26.76
C LEU A 219 -30.23 -11.00 27.63
N PHE A 220 -29.21 -10.21 27.29
CA PHE A 220 -28.73 -9.15 28.17
C PHE A 220 -28.39 -7.89 27.39
N ALA A 221 -28.76 -6.72 27.94
CA ALA A 221 -28.42 -5.46 27.30
C ALA A 221 -27.82 -4.49 28.32
N GLY A 222 -26.84 -3.71 27.88
CA GLY A 222 -26.17 -2.77 28.74
C GLY A 222 -24.75 -2.60 28.25
N GLY A 223 -24.02 -1.66 28.84
CA GLY A 223 -22.67 -1.36 28.43
C GLY A 223 -21.73 -2.53 28.71
N LEU A 224 -21.96 -3.19 29.84
CA LEU A 224 -21.13 -4.31 30.20
C LEU A 224 -21.27 -5.45 29.18
N TRP A 225 -22.50 -5.64 28.69
CA TRP A 225 -22.81 -6.67 27.72
C TRP A 225 -22.30 -6.31 26.33
N THR A 226 -22.45 -5.06 25.93
CA THR A 226 -21.82 -4.65 24.70
C THR A 226 -20.32 -4.90 24.78
N THR A 227 -19.74 -4.62 25.94
CA THR A 227 -18.29 -4.75 26.11
C THR A 227 -17.93 -6.21 25.99
N SER A 228 -18.70 -7.06 26.67
CA SER A 228 -18.51 -8.48 26.61
C SER A 228 -18.58 -9.04 25.19
N ILE A 229 -19.56 -8.57 24.41
CA ILE A 229 -19.72 -9.03 23.05
C ILE A 229 -18.45 -8.71 22.28
N HIS A 230 -17.96 -7.48 22.37
CA HIS A 230 -16.80 -7.07 21.62
C HIS A 230 -15.56 -7.85 22.08
N ILE A 231 -15.45 -8.16 23.38
CA ILE A 231 -14.27 -8.82 23.87
C ILE A 231 -14.29 -10.27 23.37
N ILE A 232 -15.43 -10.93 23.49
CA ILE A 232 -15.55 -12.30 23.01
C ILE A 232 -15.28 -12.37 21.50
N LEU A 233 -15.86 -11.47 20.72
CA LEU A 233 -15.74 -11.61 19.28
C LEU A 233 -14.34 -11.20 18.82
N CYS A 234 -13.74 -10.20 19.45
CA CYS A 234 -12.38 -9.81 19.12
C CYS A 234 -11.41 -10.94 19.44
N THR A 235 -11.62 -11.57 20.59
CA THR A 235 -10.72 -12.59 21.04
C THR A 235 -10.85 -13.80 20.15
N ALA A 236 -12.08 -14.22 19.84
CA ALA A 236 -12.29 -15.31 18.90
C ALA A 236 -11.66 -14.99 17.55
N ASP A 237 -11.86 -13.78 17.05
CA ASP A 237 -11.27 -13.43 15.77
C ASP A 237 -9.75 -13.62 15.85
N ILE A 238 -9.09 -13.14 16.90
CA ILE A 238 -7.65 -13.27 17.01
C ILE A 238 -7.26 -14.76 17.03
N VAL A 239 -7.86 -15.53 17.91
CA VAL A 239 -7.48 -16.91 18.08
C VAL A 239 -7.75 -17.72 16.81
N VAL A 240 -8.89 -17.55 16.20
CA VAL A 240 -9.22 -18.33 15.02
C VAL A 240 -8.38 -17.88 13.82
N LYS A 241 -8.11 -16.60 13.62
N LYS A 241 -8.15 -16.59 13.64
CA LYS A 241 -7.51 -16.14 12.39
CA LYS A 241 -7.55 -16.14 12.39
C LYS A 241 -5.99 -16.03 12.49
C LYS A 241 -6.04 -16.08 12.51
N LEU A 242 -5.42 -16.38 13.62
N LEU A 242 -5.55 -15.36 13.51
CA LEU A 242 -3.97 -16.54 13.67
CA LEU A 242 -4.11 -15.33 13.73
C LEU A 242 -3.67 -18.04 13.85
C LEU A 242 -3.64 -16.57 14.46
N GLY A 243 -4.28 -18.65 14.86
N GLY A 243 -4.37 -17.06 15.44
CA GLY A 243 -4.06 -20.04 15.21
CA GLY A 243 -3.89 -18.20 16.18
C GLY A 243 -4.33 -21.02 14.05
C GLY A 243 -3.75 -19.43 15.30
N PHE A 244 -5.52 -20.95 13.48
N PHE A 244 -4.75 -19.67 14.43
CA PHE A 244 -5.94 -21.94 12.49
CA PHE A 244 -4.79 -20.89 13.63
C PHE A 244 -5.14 -21.77 11.20
C PHE A 244 -4.31 -20.65 12.19
N CYS A 245 -4.86 -20.52 10.86
N CYS A 245 -3.68 -19.51 11.90
CA CYS A 245 -4.21 -20.22 9.60
CA CYS A 245 -3.26 -19.21 10.54
C CYS A 245 -2.78 -20.74 9.65
C CYS A 245 -2.04 -20.05 10.15
N GLY A 246 -2.12 -20.60 10.81
N GLY A 246 -1.46 -20.70 11.16
CA GLY A 246 -0.82 -21.18 11.03
CA GLY A 246 -0.27 -21.49 10.93
C GLY A 246 -0.84 -22.69 10.85
C GLY A 246 -0.58 -22.96 10.81
N LEU A 247 -1.93 -23.32 11.27
N LEU A 247 -1.76 -23.38 11.22
CA LEU A 247 -2.02 -24.78 11.26
CA LEU A 247 -2.08 -24.80 11.26
C LEU A 247 -2.13 -25.35 9.85
C LEU A 247 -2.14 -25.37 9.84
N ILE A 248 -2.87 -24.70 8.94
CA ILE A 248 -3.03 -25.19 7.59
C ILE A 248 -1.75 -24.93 6.82
N HIS A 249 -1.09 -23.83 7.14
CA HIS A 249 0.18 -23.53 6.51
C HIS A 249 1.18 -24.64 6.79
N ARG A 250 1.25 -25.10 8.03
CA ARG A 250 2.13 -26.18 8.37
C ARG A 250 1.80 -27.45 7.55
N ILE A 251 0.53 -27.80 7.37
CA ILE A 251 0.15 -28.99 6.63
C ILE A 251 0.51 -28.82 5.15
N ALA A 252 0.30 -27.62 4.62
CA ALA A 252 0.63 -27.37 3.25
C ALA A 252 2.14 -27.51 3.08
N LYS A 253 2.93 -27.03 4.04
CA LYS A 253 4.37 -27.19 4.02
C LYS A 253 4.75 -28.65 4.07
N LEU A 254 4.16 -29.40 4.97
CA LEU A 254 4.47 -30.81 5.08
C LEU A 254 4.09 -31.58 3.81
N ARG A 255 2.96 -31.29 3.20
CA ARG A 255 2.57 -32.00 1.98
C ARG A 255 3.49 -31.58 0.83
N THR A 256 3.90 -30.30 0.80
CA THR A 256 4.88 -29.87 -0.16
C THR A 256 6.16 -30.67 -0.05
N ALA A 257 6.70 -30.76 1.16
CA ALA A 257 7.93 -31.47 1.42
C ALA A 257 7.80 -32.94 1.08
N GLU A 258 6.64 -33.54 1.25
CA GLU A 258 6.44 -34.95 0.93
C GLU A 258 6.44 -35.14 -0.57
N ASP A 259 5.89 -34.17 -1.31
CA ASP A 259 5.93 -34.20 -2.76
C ASP A 259 7.36 -34.08 -3.28
N VAL A 260 8.17 -33.21 -2.65
CA VAL A 260 9.55 -33.04 -3.03
C VAL A 260 10.32 -34.35 -2.82
N ARG A 261 10.16 -34.99 -1.67
CA ARG A 261 10.86 -36.23 -1.39
C ARG A 261 10.37 -37.39 -2.23
N ALA A 262 9.17 -37.29 -2.80
CA ALA A 262 8.60 -38.38 -3.60
C ALA A 262 8.96 -38.17 -5.07
N GLY A 263 9.52 -37.00 -5.39
CA GLY A 263 9.80 -36.63 -6.76
C GLY A 263 8.59 -36.09 -7.51
N VAL A 264 7.48 -35.88 -6.82
CA VAL A 264 6.28 -35.37 -7.47
C VAL A 264 6.50 -33.93 -7.91
N ASP A 265 7.28 -33.16 -7.16
CA ASP A 265 7.58 -31.79 -7.55
C ASP A 265 8.93 -31.39 -6.95
N ILE A 266 9.40 -30.20 -7.28
CA ILE A 266 10.61 -29.65 -6.71
C ILE A 266 10.22 -28.35 -6.02
N HIS A 267 11.03 -27.88 -5.07
CA HIS A 267 10.76 -26.62 -4.39
C HIS A 267 12.04 -25.83 -4.34
N THR A 268 11.93 -24.52 -4.47
CA THR A 268 13.14 -23.72 -4.65
C THR A 268 13.92 -23.60 -3.36
N GLU A 269 13.24 -23.60 -2.21
CA GLU A 269 13.97 -23.55 -0.95
C GLU A 269 13.69 -24.82 -0.15
N ALA A 270 14.53 -25.04 0.85
CA ALA A 270 14.31 -26.05 1.87
C ALA A 270 13.11 -25.67 2.72
N ILE A 271 12.43 -26.68 3.24
CA ILE A 271 11.27 -26.50 4.06
C ILE A 271 11.66 -26.95 5.46
N TRP A 272 11.46 -26.04 6.41
CA TRP A 272 11.73 -26.28 7.82
C TRP A 272 10.40 -26.23 8.60
N ILE A 273 10.17 -27.23 9.44
CA ILE A 273 8.96 -27.25 10.23
C ILE A 273 9.37 -27.59 11.64
N SER A 274 9.15 -26.64 12.57
CA SER A 274 9.51 -26.82 13.97
C SER A 274 10.99 -27.12 14.06
N SER A 275 11.79 -26.33 13.34
CA SER A 275 13.23 -26.41 13.44
C SER A 275 13.84 -27.63 12.74
N VAL A 276 13.02 -28.53 12.18
CA VAL A 276 13.53 -29.71 11.53
C VAL A 276 13.35 -29.61 10.02
N LYS A 277 14.38 -29.97 9.25
CA LYS A 277 14.37 -29.86 7.81
C LYS A 277 13.56 -31.00 7.23
N GLN A 278 12.59 -30.69 6.35
CA GLN A 278 11.66 -31.67 5.84
C GLN A 278 12.01 -32.01 4.41
N SER A 279 12.56 -31.05 3.69
CA SER A 279 12.98 -31.27 2.31
C SER A 279 14.12 -30.31 1.99
N ASP A 280 14.98 -30.69 1.03
CA ASP A 280 16.05 -29.83 0.53
C ASP A 280 15.62 -28.94 -0.62
N ALA A 281 16.29 -27.80 -0.77
CA ALA A 281 16.13 -26.95 -1.95
C ALA A 281 16.57 -27.71 -3.20
N GLY A 282 15.85 -27.52 -4.30
CA GLY A 282 16.15 -28.26 -5.52
C GLY A 282 15.95 -27.39 -6.76
N ILE A 283 16.42 -27.90 -7.91
CA ILE A 283 16.26 -27.21 -9.19
C ILE A 283 15.76 -28.22 -10.21
N PRO A 284 14.99 -27.75 -11.24
CA PRO A 284 14.59 -28.60 -12.37
C PRO A 284 15.82 -29.13 -13.09
N THR A 285 15.76 -30.37 -13.59
CA THR A 285 16.87 -30.92 -14.35
C THR A 285 17.20 -30.07 -15.59
N ASP B 3 -6.37 8.28 46.65
CA ASP B 3 -5.89 9.63 46.20
C ASP B 3 -6.06 9.72 44.70
N MET B 4 -6.72 10.80 44.28
CA MET B 4 -6.95 11.05 42.88
C MET B 4 -5.79 11.85 42.31
N ILE B 5 -5.36 11.49 41.11
CA ILE B 5 -4.46 12.29 40.32
C ILE B 5 -5.12 12.64 38.98
N SER B 6 -4.53 13.53 38.22
CA SER B 6 -5.05 13.81 36.89
C SER B 6 -4.31 12.96 35.88
N ALA B 7 -5.02 12.40 34.90
CA ALA B 7 -4.38 11.55 33.91
C ALA B 7 -3.51 12.40 32.98
N PRO B 8 -2.53 11.82 32.30
CA PRO B 8 -1.69 12.58 31.37
C PRO B 8 -2.42 13.28 30.24
N TRP B 9 -3.52 12.70 29.76
CA TRP B 9 -4.24 13.26 28.63
C TRP B 9 -5.21 14.35 29.09
N GLU B 10 -5.21 14.69 30.37
CA GLU B 10 -6.05 15.73 30.91
C GLU B 10 -5.33 17.07 31.04
N ALA B 11 -4.02 17.10 30.84
CA ALA B 11 -3.25 18.31 31.06
C ALA B 11 -3.33 19.22 29.84
N SER B 12 -3.44 20.52 30.08
CA SER B 12 -3.31 21.49 29.01
C SER B 12 -1.84 21.67 28.63
N LEU B 13 -1.56 21.94 27.38
CA LEU B 13 -0.17 22.01 26.94
C LEU B 13 0.14 23.44 26.51
N THR B 14 1.33 23.92 26.83
CA THR B 14 1.83 25.11 26.18
C THR B 14 2.14 24.83 24.72
N GLN B 15 2.37 25.88 23.93
CA GLN B 15 2.67 25.73 22.51
C GLN B 15 3.96 24.94 22.36
N ALA B 16 4.92 25.18 23.27
CA ALA B 16 6.17 24.47 23.21
C ALA B 16 5.96 22.98 23.37
N GLU B 17 5.24 22.60 24.45
CA GLU B 17 4.92 21.21 24.73
C GLU B 17 4.13 20.57 23.60
N HIS B 18 3.18 21.28 23.03
CA HIS B 18 2.36 20.70 21.99
C HIS B 18 3.23 20.39 20.75
N SER B 19 4.16 21.29 20.46
CA SER B 19 5.06 21.16 19.34
C SER B 19 6.06 20.04 19.57
N LEU B 20 6.64 19.95 20.77
CA LEU B 20 7.49 18.83 21.12
C LEU B 20 6.78 17.48 20.99
N ILE B 21 5.58 17.36 21.51
CA ILE B 21 4.91 16.08 21.42
C ILE B 21 4.66 15.71 19.98
N PHE B 22 4.20 16.66 19.16
CA PHE B 22 3.96 16.38 17.77
C PHE B 22 5.26 15.83 17.13
N TYR B 23 6.36 16.50 17.40
CA TYR B 23 7.62 16.11 16.80
C TYR B 23 7.97 14.67 17.18
N PHE B 24 7.97 14.33 18.48
CA PHE B 24 8.32 12.99 18.94
C PHE B 24 7.36 11.92 18.39
N LEU B 25 6.06 12.21 18.29
CA LEU B 25 5.17 11.21 17.77
C LEU B 25 5.43 10.97 16.31
N ALA B 26 5.65 12.04 15.56
CA ALA B 26 5.87 11.95 14.14
C ALA B 26 7.25 11.35 13.84
N LEU B 27 8.22 11.66 14.71
CA LEU B 27 9.54 11.10 14.58
C LEU B 27 9.48 9.57 14.77
N THR B 28 8.69 9.12 15.73
CA THR B 28 8.65 7.71 16.04
C THR B 28 7.93 6.97 14.93
N GLY B 29 6.81 7.50 14.49
CA GLY B 29 6.09 6.89 13.39
C GLY B 29 6.94 6.74 12.15
N SER B 30 7.75 7.75 11.86
CA SER B 30 8.60 7.80 10.70
C SER B 30 9.75 6.82 10.83
N ALA B 31 10.38 6.81 12.00
CA ALA B 31 11.44 5.88 12.26
C ALA B 31 10.95 4.44 12.13
N LEU B 32 9.74 4.17 12.59
CA LEU B 32 9.23 2.82 12.56
C LEU B 32 8.89 2.46 11.12
N LEU B 33 8.47 3.42 10.32
CA LEU B 33 8.13 3.12 8.93
C LEU B 33 9.41 2.83 8.12
N PHE B 34 10.49 3.53 8.43
CA PHE B 34 11.79 3.18 7.92
C PHE B 34 12.14 1.72 8.31
N GLY B 35 11.95 1.37 9.59
CA GLY B 35 12.23 0.06 10.10
C GLY B 35 11.45 -1.03 9.38
N LEU B 36 10.22 -0.72 9.05
CA LEU B 36 9.42 -1.64 8.29
C LEU B 36 10.04 -1.87 6.92
N ALA B 37 10.44 -0.80 6.25
CA ALA B 37 11.01 -0.91 4.93
C ALA B 37 12.33 -1.68 5.00
N ARG B 38 13.14 -1.40 6.01
CA ARG B 38 14.39 -2.09 6.19
C ARG B 38 14.16 -3.61 6.28
N THR B 39 13.13 -4.00 7.00
CA THR B 39 12.83 -5.39 7.28
C THR B 39 12.47 -6.05 5.97
N TRP B 40 11.67 -5.37 5.17
CA TRP B 40 11.23 -5.94 3.92
C TRP B 40 12.39 -6.08 2.94
N LEU B 41 13.23 -5.05 2.83
CA LEU B 41 14.34 -5.06 1.94
C LEU B 41 15.41 -6.07 2.35
N THR B 42 15.48 -6.48 3.62
CA THR B 42 16.59 -7.33 4.02
C THR B 42 16.10 -8.74 4.33
N ARG B 43 14.83 -9.02 4.04
CA ARG B 43 14.23 -10.30 4.40
C ARG B 43 14.92 -11.49 3.71
N GLY B 44 15.46 -11.32 2.51
CA GLY B 44 16.13 -12.40 1.83
C GLY B 44 17.54 -12.69 2.33
N GLU B 45 18.01 -12.01 3.35
CA GLU B 45 19.36 -12.27 3.83
C GLU B 45 19.37 -13.44 4.82
N VAL B 46 18.19 -13.93 5.16
CA VAL B 46 18.06 -14.91 6.23
C VAL B 46 17.48 -16.18 5.63
N GLY B 47 17.99 -17.33 6.04
CA GLY B 47 17.46 -18.57 5.54
C GLY B 47 16.07 -18.86 6.07
N ALA B 48 15.36 -19.79 5.42
CA ALA B 48 14.06 -20.26 5.83
C ALA B 48 14.06 -20.86 7.25
N ARG B 49 15.17 -21.39 7.72
CA ARG B 49 15.22 -21.93 9.06
C ARG B 49 15.03 -20.82 10.11
N TYR B 50 15.24 -19.55 9.75
CA TYR B 50 15.25 -18.48 10.74
C TYR B 50 14.30 -17.38 10.29
N ARG B 51 13.35 -17.70 9.42
CA ARG B 51 12.42 -16.70 8.92
C ARG B 51 11.47 -16.18 9.99
N THR B 52 11.29 -16.88 11.11
CA THR B 52 10.48 -16.35 12.18
C THR B 52 11.00 -15.02 12.70
N ALA B 53 12.33 -14.88 12.73
CA ALA B 53 12.91 -13.60 13.08
C ALA B 53 12.38 -12.46 12.22
N VAL B 54 12.26 -12.67 10.92
CA VAL B 54 11.80 -11.65 10.00
C VAL B 54 10.30 -11.41 10.17
N VAL B 55 9.57 -12.49 10.38
CA VAL B 55 8.12 -12.38 10.54
C VAL B 55 7.83 -11.58 11.81
N ALA B 56 8.44 -11.99 12.93
CA ALA B 56 8.27 -11.29 14.18
C ALA B 56 8.59 -9.79 14.04
N ARG B 57 9.71 -9.48 13.40
N ARG B 57 9.72 -9.49 13.40
CA ARG B 57 10.16 -8.11 13.27
CA ARG B 57 10.19 -8.12 13.26
C ARG B 57 9.26 -7.29 12.35
C ARG B 57 9.29 -7.29 12.35
N SER B 58 8.86 -7.87 11.23
CA SER B 58 7.87 -7.23 10.40
C SER B 58 6.63 -6.83 11.19
N GLY B 59 6.16 -7.71 12.08
CA GLY B 59 4.95 -7.47 12.83
C GLY B 59 5.14 -6.34 13.82
N ILE B 60 6.26 -6.37 14.53
CA ILE B 60 6.57 -5.27 15.42
C ILE B 60 6.51 -3.94 14.66
N MET B 61 7.15 -3.88 13.51
CA MET B 61 7.28 -2.63 12.80
C MET B 61 5.93 -2.21 12.23
N ILE B 62 5.11 -3.14 11.74
CA ILE B 62 3.82 -2.77 11.17
C ILE B 62 2.87 -2.26 12.27
N VAL B 63 2.76 -2.99 13.37
CA VAL B 63 1.83 -2.62 14.40
C VAL B 63 2.26 -1.30 15.03
N ALA B 64 3.57 -1.12 15.28
CA ALA B 64 4.05 0.08 15.92
C ALA B 64 3.80 1.28 15.00
N THR B 65 4.05 1.12 13.72
CA THR B 65 3.84 2.21 12.79
C THR B 65 2.38 2.66 12.80
N LEU B 66 1.47 1.70 12.73
CA LEU B 66 0.05 2.00 12.66
C LEU B 66 -0.38 2.74 13.92
N SER B 67 0.09 2.23 15.05
CA SER B 67 -0.19 2.84 16.33
C SER B 67 0.24 4.32 16.37
N TYR B 68 1.42 4.63 15.89
CA TYR B 68 1.90 6.00 15.95
C TYR B 68 1.19 6.89 14.93
N VAL B 69 0.80 6.33 13.80
CA VAL B 69 0.08 7.10 12.80
C VAL B 69 -1.27 7.47 13.38
N PHE B 70 -1.91 6.50 14.03
CA PHE B 70 -3.15 6.75 14.71
C PHE B 70 -2.95 7.85 15.75
N MET B 71 -1.88 7.79 16.53
CA MET B 71 -1.70 8.71 17.62
C MET B 71 -1.41 10.12 17.07
N VAL B 72 -0.71 10.22 15.96
CA VAL B 72 -0.38 11.53 15.42
C VAL B 72 -1.67 12.20 14.95
N LEU B 73 -2.55 11.44 14.30
CA LEU B 73 -3.84 11.96 13.89
C LEU B 73 -4.70 12.28 15.11
N ALA B 74 -4.77 11.40 16.08
CA ALA B 74 -5.48 11.70 17.30
C ALA B 74 -4.97 13.00 17.94
N PHE B 75 -3.65 13.26 17.87
CA PHE B 75 -3.05 14.40 18.52
C PHE B 75 -3.57 15.68 17.87
N THR B 76 -3.66 15.65 16.54
CA THR B 76 -4.16 16.78 15.78
C THR B 76 -5.62 17.07 16.10
N SER B 77 -6.37 16.07 16.53
CA SER B 77 -7.78 16.25 16.83
C SER B 77 -8.09 16.27 18.32
N GLY B 78 -7.13 16.02 19.19
CA GLY B 78 -7.44 15.79 20.58
C GLY B 78 -7.12 16.99 21.45
N TYR B 79 -6.57 18.06 20.86
CA TYR B 79 -6.32 19.29 21.59
C TYR B 79 -6.84 20.48 20.79
N ASP B 80 -7.38 21.49 21.46
CA ASP B 80 -7.87 22.69 20.79
C ASP B 80 -7.11 23.90 21.29
N HIS B 81 -6.64 24.74 20.37
CA HIS B 81 -5.86 25.90 20.74
C HIS B 81 -6.81 26.92 21.33
N VAL B 82 -6.61 27.27 22.58
CA VAL B 82 -7.48 28.20 23.27
C VAL B 82 -6.60 29.17 24.05
N GLY B 83 -6.50 30.39 23.55
CA GLY B 83 -5.56 31.32 24.11
C GLY B 83 -4.16 30.91 23.71
N SER B 84 -3.29 30.75 24.70
CA SER B 84 -1.93 30.31 24.46
C SER B 84 -1.75 28.84 24.87
N LEU B 85 -2.86 28.14 25.16
CA LEU B 85 -2.79 26.77 25.63
C LEU B 85 -3.45 25.83 24.64
N TRP B 86 -2.97 24.59 24.60
CA TRP B 86 -3.71 23.56 23.91
C TRP B 86 -4.49 22.75 24.95
N VAL B 87 -5.80 22.73 24.82
CA VAL B 87 -6.66 22.15 25.82
C VAL B 87 -7.13 20.80 25.30
N PRO B 88 -6.98 19.70 26.07
CA PRO B 88 -7.35 18.36 25.60
C PRO B 88 -8.86 18.22 25.56
N ASN B 89 -9.38 17.62 24.49
CA ASN B 89 -10.78 17.18 24.42
C ASN B 89 -10.89 15.69 24.72
N SER B 90 -12.00 15.05 24.34
CA SER B 90 -12.27 13.68 24.77
C SER B 90 -11.46 12.67 23.95
N GLU B 91 -10.83 13.14 22.87
CA GLU B 91 -10.01 12.29 22.01
C GLU B 91 -8.55 12.27 22.46
N ALA B 92 -8.17 13.07 23.48
CA ALA B 92 -6.77 13.20 23.84
C ALA B 92 -6.25 11.87 24.38
N ILE B 93 -7.14 11.06 24.95
CA ILE B 93 -6.73 9.77 25.49
C ILE B 93 -6.19 8.85 24.37
N MET B 94 -6.59 9.08 23.14
CA MET B 94 -6.13 8.31 22.00
C MET B 94 -4.73 8.73 21.57
N THR B 95 -4.08 9.63 22.31
CA THR B 95 -2.68 9.93 22.09
C THR B 95 -1.81 9.15 23.08
N ILE B 96 -2.42 8.41 24.01
CA ILE B 96 -1.67 7.65 24.99
C ILE B 96 -2.06 6.17 24.92
N ALA B 97 -3.35 5.88 24.90
CA ALA B 97 -3.84 4.52 24.99
C ALA B 97 -3.35 3.61 23.86
N PRO B 98 -3.24 4.04 22.59
CA PRO B 98 -2.77 3.15 21.54
C PRO B 98 -1.38 2.56 21.71
N ARG B 99 -0.54 3.14 22.57
CA ARG B 99 0.74 2.50 22.86
C ARG B 99 0.55 1.12 23.49
N TYR B 100 -0.49 0.96 24.30
CA TYR B 100 -0.80 -0.30 24.94
C TYR B 100 -1.23 -1.36 23.94
N VAL B 101 -1.81 -0.93 22.83
CA VAL B 101 -2.17 -1.85 21.79
C VAL B 101 -0.90 -2.34 21.13
N GLU B 102 -0.08 -1.42 20.66
CA GLU B 102 1.25 -1.70 20.10
C GLU B 102 2.01 -2.65 21.01
N TRP B 103 2.19 -2.33 22.29
CA TRP B 103 2.98 -3.16 23.15
C TRP B 103 2.38 -4.55 23.36
N SER B 104 1.07 -4.66 23.28
CA SER B 104 0.38 -5.91 23.50
C SER B 104 0.75 -6.91 22.40
N ILE B 105 1.11 -6.42 21.23
CA ILE B 105 1.57 -7.29 20.20
C ILE B 105 3.09 -7.36 20.17
N ALA B 106 3.75 -6.20 20.31
CA ALA B 106 5.17 -6.10 20.06
C ALA B 106 5.98 -6.80 21.15
N VAL B 107 5.57 -6.78 22.40
CA VAL B 107 6.43 -7.39 23.41
C VAL B 107 6.40 -8.90 23.24
N PRO B 108 5.24 -9.55 23.05
CA PRO B 108 5.22 -10.96 22.66
C PRO B 108 6.02 -11.28 21.38
N LEU B 109 5.94 -10.41 20.37
CA LEU B 109 6.69 -10.65 19.14
C LEU B 109 8.19 -10.51 19.38
N LEU B 110 8.62 -9.62 20.27
CA LEU B 110 10.03 -9.53 20.64
C LEU B 110 10.47 -10.82 21.28
N SER B 111 9.64 -11.38 22.15
CA SER B 111 9.97 -12.63 22.80
C SER B 111 10.17 -13.72 21.76
N ILE B 112 9.30 -13.73 20.76
CA ILE B 112 9.35 -14.72 19.70
C ILE B 112 10.59 -14.51 18.86
N GLU B 113 10.91 -13.27 18.54
CA GLU B 113 12.11 -12.93 17.80
C GLU B 113 13.37 -13.40 18.53
N LEU B 114 13.47 -13.14 19.82
CA LEU B 114 14.65 -13.55 20.55
C LEU B 114 14.81 -15.06 20.56
N LEU B 115 13.71 -15.80 20.67
CA LEU B 115 13.77 -17.25 20.79
C LEU B 115 13.93 -17.92 19.44
N SER B 116 13.68 -17.17 18.37
CA SER B 116 13.76 -17.63 17.00
C SER B 116 15.17 -18.02 16.61
N VAL B 117 16.16 -17.48 17.30
CA VAL B 117 17.54 -17.68 16.93
C VAL B 117 18.22 -18.44 18.04
N ALA B 118 17.45 -18.90 19.01
CA ALA B 118 18.02 -19.70 20.08
C ALA B 118 17.91 -21.18 19.72
N THR B 119 18.44 -22.06 20.55
CA THR B 119 18.47 -23.48 20.23
C THR B 119 17.55 -24.22 21.19
N LEU B 120 16.29 -24.46 20.78
CA LEU B 120 15.34 -25.12 21.67
C LEU B 120 14.73 -26.38 21.08
N SER B 121 13.65 -26.23 20.31
CA SER B 121 12.90 -27.33 19.74
C SER B 121 12.36 -28.31 20.79
N GLY B 122 11.28 -28.98 20.39
CA GLY B 122 10.60 -29.92 21.26
C GLY B 122 9.50 -29.25 22.09
N VAL B 123 9.11 -29.95 23.16
CA VAL B 123 8.02 -29.52 24.03
C VAL B 123 8.45 -28.24 24.73
N SER B 124 9.69 -28.24 25.22
CA SER B 124 10.30 -27.08 25.86
C SER B 124 10.14 -25.84 24.97
N ALA B 125 10.38 -25.97 23.66
CA ALA B 125 10.30 -24.84 22.78
C ALA B 125 8.90 -24.23 22.85
N ARG B 126 7.89 -25.08 22.71
CA ARG B 126 6.49 -24.65 22.67
C ARG B 126 6.09 -24.14 24.06
N ARG B 127 6.53 -24.83 25.10
CA ARG B 127 6.26 -24.42 26.46
C ARG B 127 6.80 -23.00 26.66
N THR B 128 8.07 -22.78 26.28
CA THR B 128 8.73 -21.51 26.48
C THR B 128 8.05 -20.43 25.65
N ARG B 129 7.79 -20.70 24.38
CA ARG B 129 7.21 -19.68 23.53
C ARG B 129 5.83 -19.27 24.05
N LEU B 130 5.04 -20.23 24.53
CA LEU B 130 3.71 -19.91 24.99
C LEU B 130 3.80 -19.14 26.30
N ALA B 131 4.55 -19.67 27.25
CA ALA B 131 4.71 -18.95 28.49
C ALA B 131 5.18 -17.52 28.25
N ALA B 132 6.16 -17.32 27.36
CA ALA B 132 6.76 -16.01 27.21
C ALA B 132 5.77 -15.07 26.51
N VAL B 133 5.05 -15.58 25.52
CA VAL B 133 4.02 -14.79 24.87
C VAL B 133 2.91 -14.39 25.85
N ALA B 134 2.46 -15.34 26.66
CA ALA B 134 1.37 -15.12 27.60
C ALA B 134 1.79 -14.10 28.63
N GLY B 135 2.98 -14.31 29.20
CA GLY B 135 3.51 -13.41 30.22
C GLY B 135 3.66 -12.00 29.69
N ALA B 136 4.13 -11.88 28.47
CA ALA B 136 4.41 -10.62 27.86
C ALA B 136 3.10 -9.88 27.63
N PHE B 137 2.09 -10.59 27.16
CA PHE B 137 0.80 -10.00 26.87
C PHE B 137 0.17 -9.51 28.19
N LEU B 138 0.26 -10.32 29.23
CA LEU B 138 -0.37 -10.00 30.49
C LEU B 138 0.30 -8.83 31.19
N MET B 139 1.61 -8.70 31.03
CA MET B 139 2.31 -7.56 31.61
C MET B 139 1.74 -6.26 31.01
N ILE B 140 1.55 -6.23 29.70
CA ILE B 140 1.05 -5.03 29.06
C ILE B 140 -0.41 -4.82 29.42
N PHE B 141 -1.22 -5.88 29.39
CA PHE B 141 -2.65 -5.74 29.59
C PHE B 141 -2.94 -5.26 31.01
N THR B 142 -2.27 -5.82 32.02
CA THR B 142 -2.46 -5.36 33.39
C THR B 142 -1.97 -3.91 33.54
N GLY B 143 -0.91 -3.55 32.83
CA GLY B 143 -0.48 -2.17 32.74
C GLY B 143 -1.57 -1.25 32.19
N PHE B 144 -2.20 -1.66 31.11
CA PHE B 144 -3.28 -0.91 30.49
C PHE B 144 -4.46 -0.74 31.45
N LEU B 145 -4.79 -1.77 32.22
CA LEU B 145 -5.88 -1.66 33.16
C LEU B 145 -5.62 -0.59 34.19
N GLY B 146 -4.40 -0.52 34.73
CA GLY B 146 -4.04 0.47 35.76
C GLY B 146 -3.95 1.87 35.16
N ALA B 147 -3.30 1.95 34.03
CA ALA B 147 -2.97 3.25 33.47
C ALA B 147 -4.14 3.90 32.72
N VAL B 148 -5.09 3.12 32.20
CA VAL B 148 -6.13 3.68 31.35
C VAL B 148 -7.51 3.33 31.84
N VAL B 149 -7.77 2.12 32.33
CA VAL B 149 -9.12 1.60 32.41
C VAL B 149 -9.67 1.73 33.82
N ILE B 150 -9.07 1.08 34.81
CA ILE B 150 -9.63 1.09 36.15
C ILE B 150 -9.27 2.38 36.86
N GLY B 151 -10.25 3.24 37.09
CA GLY B 151 -10.02 4.55 37.69
C GLY B 151 -9.83 5.63 36.64
N ASP B 152 -9.82 5.25 35.36
CA ASP B 152 -9.71 6.20 34.26
C ASP B 152 -8.35 6.87 34.23
N GLY B 153 -7.34 6.21 34.80
CA GLY B 153 -5.99 6.76 34.84
C GLY B 153 -5.82 7.79 35.94
N ARG B 154 -6.75 7.86 36.88
CA ARG B 154 -6.74 8.94 37.85
C ARG B 154 -6.57 8.42 39.26
N SER B 155 -6.49 7.09 39.44
CA SER B 155 -6.46 6.48 40.75
C SER B 155 -5.04 6.01 41.06
N VAL B 156 -4.45 6.55 42.12
CA VAL B 156 -3.10 6.16 42.47
C VAL B 156 -3.11 4.71 42.91
N GLY B 157 -4.03 4.34 43.79
CA GLY B 157 -4.16 2.95 44.22
C GLY B 157 -4.28 1.96 43.06
N SER B 158 -5.10 2.26 42.08
CA SER B 158 -5.27 1.39 40.96
C SER B 158 -3.96 1.30 40.18
N LEU B 159 -3.26 2.42 40.00
CA LEU B 159 -2.01 2.40 39.24
C LEU B 159 -0.95 1.58 39.97
N ILE B 160 -0.94 1.67 41.28
CA ILE B 160 0.05 0.96 42.05
C ILE B 160 -0.23 -0.53 42.01
N ILE B 161 -1.48 -0.92 42.22
CA ILE B 161 -1.83 -2.32 42.28
C ILE B 161 -1.58 -2.97 40.93
N TRP B 162 -2.09 -2.36 39.87
CA TRP B 162 -1.98 -2.98 38.57
C TRP B 162 -0.57 -2.87 38.04
N GLY B 163 0.19 -1.89 38.53
CA GLY B 163 1.58 -1.77 38.16
C GLY B 163 2.37 -2.88 38.80
N ALA B 164 2.02 -3.21 40.03
CA ALA B 164 2.73 -4.28 40.73
C ALA B 164 2.45 -5.61 40.04
N ILE B 165 1.19 -5.84 39.67
CA ILE B 165 0.82 -7.04 38.95
C ILE B 165 1.58 -7.08 37.63
N SER B 166 1.69 -5.95 36.95
CA SER B 166 2.36 -5.95 35.68
C SER B 166 3.85 -6.30 35.88
N THR B 167 4.42 -5.82 36.98
CA THR B 167 5.81 -6.06 37.33
C THR B 167 6.05 -7.54 37.58
N VAL B 168 5.09 -8.25 38.17
CA VAL B 168 5.26 -9.67 38.40
C VAL B 168 5.34 -10.40 37.06
N PHE B 169 4.43 -10.11 36.16
CA PHE B 169 4.48 -10.73 34.85
C PHE B 169 5.76 -10.38 34.11
N TRP B 170 6.31 -9.20 34.39
CA TRP B 170 7.57 -8.79 33.78
C TRP B 170 8.67 -9.72 34.25
N ILE B 171 8.79 -9.88 35.55
CA ILE B 171 9.76 -10.76 36.13
C ILE B 171 9.61 -12.16 35.55
N ILE B 172 8.40 -12.70 35.53
CA ILE B 172 8.21 -14.06 35.04
C ILE B 172 8.71 -14.16 33.60
N THR B 173 8.27 -13.26 32.73
CA THR B 173 8.63 -13.34 31.32
C THR B 173 10.15 -13.25 31.16
N ALA B 174 10.76 -12.33 31.88
CA ALA B 174 12.19 -12.14 31.85
C ALA B 174 12.92 -13.43 32.24
N VAL B 175 12.50 -14.07 33.32
CA VAL B 175 13.17 -15.25 33.81
C VAL B 175 13.05 -16.36 32.77
N ILE B 176 11.85 -16.54 32.20
CA ILE B 176 11.62 -17.55 31.19
C ILE B 176 12.54 -17.33 30.00
N LEU B 177 12.73 -16.08 29.59
CA LEU B 177 13.51 -15.78 28.41
C LEU B 177 14.98 -15.96 28.74
N ILE B 178 15.40 -15.51 29.91
CA ILE B 178 16.80 -15.54 30.25
C ILE B 178 17.22 -17.00 30.41
N ARG B 179 16.35 -17.82 30.96
CA ARG B 179 16.69 -19.22 31.14
C ARG B 179 16.83 -19.88 29.77
N ALA B 180 16.03 -19.46 28.80
CA ALA B 180 16.07 -20.08 27.49
C ALA B 180 17.39 -19.73 26.82
N ILE B 181 17.71 -18.45 26.82
CA ILE B 181 18.96 -18.01 26.25
C ILE B 181 20.12 -18.70 26.94
N ARG B 182 20.11 -18.80 28.25
CA ARG B 182 21.24 -19.36 28.97
C ARG B 182 21.44 -20.81 28.55
N HIS B 183 20.35 -21.51 28.27
CA HIS B 183 20.43 -22.90 27.89
C HIS B 183 20.93 -23.03 26.45
N SER B 184 20.63 -22.03 25.62
CA SER B 184 20.99 -22.05 24.21
C SER B 184 22.46 -21.73 24.03
N LEU B 185 23.01 -20.83 24.85
CA LEU B 185 24.31 -20.26 24.54
C LEU B 185 25.37 -21.35 24.39
N PRO B 186 25.37 -22.41 25.22
CA PRO B 186 26.35 -23.48 25.07
C PRO B 186 26.25 -24.28 23.78
N GLN B 187 25.11 -24.17 23.08
CA GLN B 187 24.84 -25.01 21.93
C GLN B 187 24.99 -24.19 20.66
N LEU B 188 25.45 -22.95 20.80
CA LEU B 188 25.65 -22.07 19.66
C LEU B 188 27.14 -21.99 19.42
N THR B 189 27.52 -21.47 18.25
CA THR B 189 28.93 -21.21 18.00
C THR B 189 29.30 -20.01 18.84
N PRO B 190 30.57 -19.89 19.27
CA PRO B 190 30.99 -18.74 20.04
C PRO B 190 30.55 -17.39 19.48
N GLU B 191 30.61 -17.23 18.16
CA GLU B 191 30.34 -15.93 17.58
C GLU B 191 28.86 -15.59 17.80
N ALA B 192 27.98 -16.56 17.55
CA ALA B 192 26.55 -16.38 17.70
C ALA B 192 26.21 -16.24 19.19
N ALA B 193 26.81 -17.08 20.03
CA ALA B 193 26.55 -17.03 21.45
C ALA B 193 26.79 -15.62 21.99
N ALA B 194 27.92 -15.04 21.60
CA ALA B 194 28.27 -13.71 22.04
C ALA B 194 27.27 -12.66 21.57
N LEU B 195 26.84 -12.75 20.32
CA LEU B 195 25.87 -11.81 19.81
C LEU B 195 24.53 -11.97 20.51
N LEU B 196 24.12 -13.21 20.76
CA LEU B 196 22.83 -13.49 21.36
C LEU B 196 22.80 -13.00 22.81
N LYS B 197 23.92 -13.10 23.51
CA LYS B 197 23.99 -12.65 24.90
C LYS B 197 23.82 -11.13 24.95
N THR B 198 24.57 -10.44 24.11
CA THR B 198 24.45 -8.99 23.98
C THR B 198 23.04 -8.58 23.64
N ALA B 199 22.45 -9.17 22.60
CA ALA B 199 21.10 -8.85 22.20
C ALA B 199 20.14 -9.03 23.37
N THR B 200 20.32 -10.08 24.18
CA THR B 200 19.43 -10.32 25.31
C THR B 200 19.51 -9.19 26.33
N ILE B 201 20.68 -8.66 26.64
N ILE B 201 20.74 -8.75 26.62
CA ILE B 201 20.79 -7.54 27.58
CA ILE B 201 20.98 -7.69 27.58
C ILE B 201 20.10 -6.28 27.08
C ILE B 201 20.36 -6.39 27.07
N PHE B 202 20.14 -6.05 25.77
N PHE B 202 20.46 -6.15 25.77
CA PHE B 202 19.54 -4.87 25.17
CA PHE B 202 19.94 -4.93 25.17
C PHE B 202 18.01 -4.90 25.26
C PHE B 202 18.42 -4.89 25.26
N LEU B 203 17.39 -6.08 25.13
N LEU B 203 17.80 -6.02 24.90
CA LEU B 203 15.93 -6.16 25.20
CA LEU B 203 16.35 -6.10 24.81
C LEU B 203 15.46 -6.03 26.64
C LEU B 203 15.74 -6.02 26.21
N MET B 204 16.19 -6.60 27.58
N MET B 204 16.38 -6.67 27.18
CA MET B 204 15.74 -6.58 28.95
CA MET B 204 15.85 -6.72 28.53
C MET B 204 15.93 -5.17 29.49
C MET B 204 16.00 -5.36 29.18
N SER B 205 17.08 -4.60 29.16
N SER B 205 17.14 -4.73 28.93
CA SER B 205 17.42 -3.26 29.61
CA SER B 205 17.44 -3.43 29.52
C SER B 205 16.47 -2.27 28.97
C SER B 205 16.49 -2.36 28.97
N GLY B 206 16.15 -2.51 27.71
CA GLY B 206 15.22 -1.61 27.06
C GLY B 206 13.85 -1.66 27.71
N TRP B 207 13.48 -2.83 28.23
CA TRP B 207 12.18 -2.99 28.88
C TRP B 207 12.12 -2.15 30.15
N ALA B 208 13.23 -1.93 30.83
CA ALA B 208 13.19 -1.23 32.11
C ALA B 208 12.86 0.26 31.95
N VAL B 209 12.96 0.80 30.76
CA VAL B 209 12.66 2.21 30.58
C VAL B 209 11.16 2.45 30.71
N TYR B 210 10.33 1.50 30.28
CA TYR B 210 8.91 1.77 30.11
C TYR B 210 8.22 2.01 31.46
N PRO B 211 8.44 1.18 32.48
CA PRO B 211 7.91 1.44 33.82
C PRO B 211 8.14 2.88 34.33
N LEU B 212 9.19 3.55 33.87
CA LEU B 212 9.47 4.90 34.32
C LEU B 212 8.39 5.88 33.89
N ALA B 213 7.86 5.70 32.68
CA ALA B 213 6.75 6.54 32.27
C ALA B 213 5.51 6.28 33.11
N TYR B 214 5.34 5.05 33.57
CA TYR B 214 4.19 4.68 34.39
C TYR B 214 4.34 5.37 35.74
N LEU B 215 5.54 5.41 36.27
CA LEU B 215 5.78 6.04 37.56
C LEU B 215 5.54 7.55 37.48
N ILE B 216 5.82 8.17 36.34
CA ILE B 216 5.52 9.56 36.20
C ILE B 216 4.02 9.76 36.35
N GLN B 217 3.23 9.00 35.60
CA GLN B 217 1.78 9.09 35.70
C GLN B 217 1.33 8.99 37.16
N ILE B 218 1.93 8.13 37.97
CA ILE B 218 1.57 8.02 39.36
C ILE B 218 1.89 9.27 40.14
N LEU B 219 3.09 9.86 39.92
CA LEU B 219 3.69 10.80 40.84
C LEU B 219 3.52 12.25 40.44
N PHE B 220 3.41 12.56 39.14
CA PHE B 220 3.43 13.95 38.68
C PHE B 220 2.41 14.18 37.57
N ALA B 221 1.70 15.32 37.61
CA ALA B 221 0.76 15.66 36.56
C ALA B 221 0.98 17.10 36.10
N GLY B 222 0.81 17.31 34.79
CA GLY B 222 1.01 18.62 34.21
C GLY B 222 1.46 18.44 32.78
N GLY B 223 1.56 19.55 32.04
CA GLY B 223 1.93 19.52 30.64
C GLY B 223 3.38 19.05 30.47
N LEU B 224 4.23 19.48 31.38
CA LEU B 224 5.63 19.10 31.32
C LEU B 224 5.78 17.57 31.48
N TRP B 225 4.96 16.99 32.36
CA TRP B 225 4.97 15.58 32.64
C TRP B 225 4.35 14.78 31.52
N THR B 226 3.26 15.24 30.97
CA THR B 226 2.73 14.61 29.78
C THR B 226 3.79 14.60 28.69
N THR B 227 4.52 15.71 28.57
CA THR B 227 5.52 15.85 27.51
C THR B 227 6.62 14.84 27.76
N SER B 228 7.07 14.78 29.02
CA SER B 228 8.09 13.85 29.43
C SER B 228 7.70 12.40 29.14
N ILE B 229 6.45 12.03 29.43
CA ILE B 229 5.99 10.68 29.18
C ILE B 229 6.12 10.38 27.70
N HIS B 230 5.65 11.26 26.84
CA HIS B 230 5.68 11.01 25.42
C HIS B 230 7.12 10.96 24.91
N ILE B 231 8.03 11.77 25.48
CA ILE B 231 9.38 11.79 24.98
C ILE B 231 10.06 10.49 25.39
N ILE B 232 9.90 10.08 26.65
CA ILE B 232 10.49 8.84 27.09
C ILE B 232 9.94 7.65 26.30
N LEU B 233 8.63 7.58 26.08
CA LEU B 233 8.09 6.41 25.45
C LEU B 233 8.41 6.39 23.96
N CYS B 234 8.40 7.55 23.31
CA CYS B 234 8.76 7.64 21.91
C CYS B 234 10.21 7.23 21.71
N THR B 235 11.08 7.69 22.60
CA THR B 235 12.49 7.45 22.47
C THR B 235 12.76 5.98 22.71
N ALA B 236 12.18 5.41 23.76
CA ALA B 236 12.30 3.98 23.99
C ALA B 236 11.78 3.17 22.81
N ASP B 237 10.63 3.55 22.26
CA ASP B 237 10.12 2.82 21.12
C ASP B 237 11.15 2.86 19.98
N ILE B 238 11.72 4.02 19.68
CA ILE B 238 12.69 4.11 18.59
C ILE B 238 13.90 3.20 18.90
N VAL B 239 14.49 3.35 20.06
CA VAL B 239 15.70 2.63 20.38
C VAL B 239 15.44 1.12 20.42
N VAL B 240 14.38 0.68 21.04
CA VAL B 240 14.12 -0.73 21.16
C VAL B 240 13.71 -1.33 19.81
N LYS B 241 12.94 -0.63 18.99
N LYS B 241 12.94 -0.63 18.99
CA LYS B 241 12.38 -1.27 17.80
CA LYS B 241 12.38 -1.25 17.79
C LYS B 241 13.26 -1.07 16.57
C LYS B 241 13.28 -1.00 16.59
N LEU B 242 14.34 -0.31 16.67
N LEU B 242 13.51 0.27 16.26
CA LEU B 242 15.29 -0.28 15.56
CA LEU B 242 14.42 0.60 15.18
C LEU B 242 16.54 -1.04 15.97
C LEU B 242 15.86 0.33 15.61
N GLY B 243 17.06 -0.74 17.16
N GLY B 243 16.23 0.69 16.82
CA GLY B 243 18.27 -1.35 17.69
CA GLY B 243 17.62 0.58 17.19
C GLY B 243 18.19 -2.88 17.84
C GLY B 243 18.09 -0.87 17.25
N PHE B 244 17.21 -3.36 18.58
N PHE B 244 17.23 -1.77 17.74
CA PHE B 244 17.12 -4.77 18.90
CA PHE B 244 17.63 -3.15 17.99
C PHE B 244 16.82 -5.60 17.66
C PHE B 244 17.05 -4.13 16.96
N CYS B 245 15.98 -5.04 16.79
N CYS B 245 16.49 -3.66 15.84
CA CYS B 245 15.54 -5.78 15.62
CA CYS B 245 15.91 -4.62 14.90
C CYS B 245 16.72 -5.99 14.69
C CYS B 245 16.97 -5.24 14.01
N GLY B 246 17.56 -4.96 14.55
N GLY B 246 18.20 -4.79 14.20
CA GLY B 246 18.81 -5.08 13.81
CA GLY B 246 19.31 -5.34 13.46
C GLY B 246 19.68 -6.19 14.37
C GLY B 246 20.05 -6.39 14.28
N LEU B 247 19.68 -6.34 15.70
N LEU B 247 19.83 -6.42 15.58
CA LEU B 247 20.59 -7.26 16.37
CA LEU B 247 20.57 -7.31 16.44
C LEU B 247 20.21 -8.73 16.12
C LEU B 247 20.22 -8.75 16.15
N ILE B 248 18.92 -9.06 16.08
CA ILE B 248 18.47 -10.42 15.86
C ILE B 248 18.65 -10.76 14.40
N HIS B 249 18.48 -9.77 13.54
CA HIS B 249 18.68 -9.98 12.12
C HIS B 249 20.14 -10.40 11.87
N ARG B 250 21.08 -9.75 12.52
CA ARG B 250 22.46 -10.13 12.38
C ARG B 250 22.70 -11.57 12.83
N ILE B 251 22.11 -12.02 13.94
CA ILE B 251 22.30 -13.37 14.43
C ILE B 251 21.67 -14.38 13.47
N ALA B 252 20.50 -14.02 12.93
CA ALA B 252 19.85 -14.90 11.99
C ALA B 252 20.72 -15.03 10.75
N LYS B 253 21.34 -13.93 10.30
CA LYS B 253 22.25 -13.97 9.19
C LYS B 253 23.46 -14.83 9.51
N LEU B 254 24.05 -14.64 10.65
CA LEU B 254 25.19 -15.44 11.03
C LEU B 254 24.86 -16.94 11.12
N ARG B 255 23.72 -17.30 11.68
CA ARG B 255 23.36 -18.70 11.80
C ARG B 255 23.05 -19.26 10.40
N THR B 256 22.43 -18.45 9.53
CA THR B 256 22.23 -18.86 8.17
C THR B 256 23.54 -19.19 7.49
N ALA B 257 24.51 -18.29 7.58
CA ALA B 257 25.81 -18.46 6.98
C ALA B 257 26.52 -19.67 7.54
N GLU B 258 26.33 -19.98 8.81
CA GLU B 258 26.99 -21.14 9.41
C GLU B 258 26.37 -22.43 8.89
N ASP B 259 25.05 -22.41 8.63
CA ASP B 259 24.38 -23.55 8.02
C ASP B 259 24.87 -23.76 6.59
N VAL B 260 25.07 -22.68 5.84
CA VAL B 260 25.57 -22.77 4.48
C VAL B 260 26.96 -23.40 4.47
N ARG B 261 27.85 -22.92 5.34
CA ARG B 261 29.21 -23.46 5.38
C ARG B 261 29.28 -24.88 5.91
N ALA B 262 28.24 -25.33 6.63
CA ALA B 262 28.22 -26.66 7.20
C ALA B 262 27.57 -27.64 6.23
N GLY B 263 26.97 -27.10 5.16
CA GLY B 263 26.22 -27.90 4.23
C GLY B 263 24.81 -28.22 4.68
N VAL B 264 24.37 -27.63 5.78
CA VAL B 264 23.02 -27.87 6.29
C VAL B 264 21.98 -27.28 5.34
N ASP B 265 22.30 -26.16 4.69
CA ASP B 265 21.39 -25.57 3.73
C ASP B 265 22.20 -24.76 2.71
N ILE B 266 21.53 -24.23 1.70
CA ILE B 266 22.14 -23.37 0.73
C ILE B 266 21.41 -22.04 0.80
N HIS B 267 22.04 -20.95 0.33
CA HIS B 267 21.40 -19.65 0.32
C HIS B 267 21.63 -19.02 -1.03
N THR B 268 20.65 -18.30 -1.55
CA THR B 268 20.74 -17.85 -2.93
C THR B 268 21.74 -16.71 -3.09
N GLU B 269 21.92 -15.89 -2.07
CA GLU B 269 22.91 -14.83 -2.16
C GLU B 269 23.97 -15.05 -1.10
N ALA B 270 25.10 -14.37 -1.28
CA ALA B 270 26.13 -14.24 -0.28
C ALA B 270 25.62 -13.42 0.90
N ILE B 271 26.16 -13.73 2.08
CA ILE B 271 25.79 -13.05 3.28
C ILE B 271 26.99 -12.24 3.72
N TRP B 272 26.75 -10.93 3.89
CA TRP B 272 27.75 -9.99 4.35
C TRP B 272 27.35 -9.44 5.73
N ILE B 273 28.28 -9.46 6.67
CA ILE B 273 28.00 -8.94 7.99
C ILE B 273 29.15 -8.03 8.37
N SER B 274 28.85 -6.74 8.52
CA SER B 274 29.87 -5.75 8.89
C SER B 274 30.97 -5.79 7.85
N SER B 275 30.56 -5.77 6.58
CA SER B 275 31.49 -5.65 5.47
C SER B 275 32.27 -6.93 5.18
N VAL B 276 32.12 -7.98 6.00
CA VAL B 276 32.87 -9.21 5.79
C VAL B 276 31.95 -10.32 5.28
N LYS B 277 32.41 -11.07 4.28
CA LYS B 277 31.62 -12.11 3.65
C LYS B 277 31.61 -13.34 4.55
N GLN B 278 30.42 -13.87 4.84
CA GLN B 278 30.27 -14.94 5.80
C GLN B 278 29.99 -16.23 5.07
N SER B 279 29.31 -16.15 3.94
CA SER B 279 29.02 -17.32 3.14
C SER B 279 28.88 -16.88 1.67
N ASP B 280 29.15 -17.81 0.74
CA ASP B 280 28.95 -17.57 -0.71
C ASP B 280 27.56 -17.92 -1.17
N ALA B 281 27.12 -17.27 -2.25
CA ALA B 281 25.88 -17.64 -2.94
C ALA B 281 26.02 -19.05 -3.51
N GLY B 282 24.95 -19.82 -3.46
CA GLY B 282 24.99 -21.21 -3.87
C GLY B 282 23.71 -21.63 -4.58
N ILE B 283 23.74 -22.80 -5.22
CA ILE B 283 22.56 -23.36 -5.89
C ILE B 283 22.42 -24.82 -5.49
N PRO B 284 21.18 -25.35 -5.47
CA PRO B 284 20.95 -26.79 -5.25
C PRO B 284 21.63 -27.59 -6.34
N THR B 285 22.16 -28.77 -5.97
CA THR B 285 22.78 -29.66 -6.97
C THR B 285 21.79 -30.04 -8.09
N ASP C 3 13.99 40.69 20.82
CA ASP C 3 13.17 41.24 19.71
C ASP C 3 12.25 40.14 19.19
N MET C 4 10.97 40.45 19.12
CA MET C 4 9.98 39.52 18.63
C MET C 4 9.85 39.68 17.12
N ILE C 5 9.74 38.55 16.43
CA ILE C 5 9.35 38.52 15.04
C ILE C 5 8.09 37.67 14.88
N SER C 6 7.46 37.69 13.72
CA SER C 6 6.33 36.82 13.50
C SER C 6 6.81 35.54 12.83
N ALA C 7 6.26 34.39 13.24
CA ALA C 7 6.71 33.13 12.66
C ALA C 7 6.18 33.00 11.23
N PRO C 8 6.79 32.16 10.38
CA PRO C 8 6.31 32.01 9.01
C PRO C 8 4.88 31.52 8.85
N TRP C 9 4.40 30.72 9.81
CA TRP C 9 3.05 30.16 9.71
C TRP C 9 2.00 31.15 10.24
N GLU C 10 2.43 32.35 10.62
CA GLU C 10 1.54 33.38 11.10
C GLU C 10 1.13 34.38 10.01
N ALA C 11 1.78 34.33 8.86
CA ALA C 11 1.53 35.31 7.83
C ALA C 11 0.29 34.95 7.03
N SER C 12 -0.51 35.96 6.68
CA SER C 12 -1.60 35.76 5.73
C SER C 12 -1.06 35.69 4.31
N LEU C 13 -1.70 34.91 3.45
CA LEU C 13 -1.17 34.70 2.12
C LEU C 13 -2.14 35.31 1.11
N THR C 14 -1.59 35.94 0.07
CA THR C 14 -2.41 36.24 -1.09
C THR C 14 -2.77 34.94 -1.83
N GLN C 15 -3.73 35.04 -2.77
CA GLN C 15 -4.15 33.86 -3.51
C GLN C 15 -2.97 33.32 -4.31
N ALA C 16 -2.14 34.24 -4.83
CA ALA C 16 -0.97 33.82 -5.60
C ALA C 16 -0.06 32.98 -4.74
N GLU C 17 0.32 33.52 -3.55
CA GLU C 17 1.19 32.82 -2.62
C GLU C 17 0.60 31.50 -2.17
N HIS C 18 -0.69 31.45 -1.91
CA HIS C 18 -1.30 30.23 -1.43
C HIS C 18 -1.21 29.14 -2.51
N SER C 19 -1.41 29.55 -3.76
CA SER C 19 -1.37 28.66 -4.90
C SER C 19 0.06 28.19 -5.18
N LEU C 20 1.04 29.09 -5.11
CA LEU C 20 2.43 28.70 -5.22
C LEU C 20 2.85 27.70 -4.13
N ILE C 21 2.49 27.94 -2.88
CA ILE C 21 2.91 27.01 -1.85
C ILE C 21 2.28 25.66 -2.10
N PHE C 22 1.00 25.60 -2.43
CA PHE C 22 0.35 24.33 -2.69
C PHE C 22 1.14 23.58 -3.79
N TYR C 23 1.47 24.29 -4.86
CA TYR C 23 2.15 23.67 -5.97
C TYR C 23 3.48 23.04 -5.50
N PHE C 24 4.34 23.83 -4.84
CA PHE C 24 5.64 23.35 -4.39
C PHE C 24 5.52 22.19 -3.39
N LEU C 25 4.54 22.22 -2.50
CA LEU C 25 4.43 21.12 -1.56
C LEU C 25 4.01 19.86 -2.28
N ALA C 26 3.07 19.99 -3.20
CA ALA C 26 2.55 18.84 -3.92
C ALA C 26 3.58 18.33 -4.92
N LEU C 27 4.37 19.25 -5.48
CA LEU C 27 5.42 18.88 -6.39
C LEU C 27 6.48 18.05 -5.65
N THR C 28 6.80 18.44 -4.41
CA THR C 28 7.85 17.79 -3.68
C THR C 28 7.36 16.42 -3.24
N GLY C 29 6.16 16.35 -2.72
CA GLY C 29 5.61 15.06 -2.33
C GLY C 29 5.58 14.06 -3.47
N SER C 30 5.24 14.54 -4.66
CA SER C 30 5.12 13.73 -5.85
C SER C 30 6.49 13.28 -6.32
N ALA C 31 7.44 14.21 -6.35
CA ALA C 31 8.78 13.89 -6.74
C ALA C 31 9.37 12.84 -5.81
N LEU C 32 9.08 12.95 -4.52
CA LEU C 32 9.66 12.03 -3.57
C LEU C 32 8.99 10.67 -3.73
N LEU C 33 7.72 10.64 -4.12
CA LEU C 33 7.04 9.36 -4.28
C LEU C 33 7.57 8.64 -5.53
N PHE C 34 7.88 9.39 -6.59
CA PHE C 34 8.61 8.85 -7.71
C PHE C 34 9.95 8.25 -7.22
N GLY C 35 10.69 9.00 -6.42
CA GLY C 35 11.97 8.57 -5.89
C GLY C 35 11.87 7.27 -5.11
N LEU C 36 10.80 7.15 -4.36
CA LEU C 36 10.57 5.92 -3.64
C LEU C 36 10.41 4.76 -4.62
N ALA C 37 9.60 4.96 -5.65
CA ALA C 37 9.34 3.92 -6.61
C ALA C 37 10.63 3.55 -7.35
N ARG C 38 11.41 4.55 -7.71
CA ARG C 38 12.68 4.32 -8.37
C ARG C 38 13.58 3.42 -7.53
N THR C 39 13.61 3.67 -6.23
CA THR C 39 14.48 2.98 -5.31
C THR C 39 14.06 1.54 -5.28
N TRP C 40 12.76 1.29 -5.24
CA TRP C 40 12.25 -0.06 -5.14
C TRP C 40 12.53 -0.82 -6.43
N LEU C 41 12.29 -0.20 -7.58
CA LEU C 41 12.49 -0.82 -8.85
C LEU C 41 13.96 -1.07 -9.15
N THR C 42 14.90 -0.36 -8.51
CA THR C 42 16.29 -0.52 -8.92
C THR C 42 17.09 -1.22 -7.82
N ARG C 43 16.40 -1.71 -6.78
CA ARG C 43 17.07 -2.27 -5.62
C ARG C 43 17.90 -3.51 -5.98
N GLY C 44 17.51 -4.30 -6.98
CA GLY C 44 18.28 -5.47 -7.36
C GLY C 44 19.50 -5.18 -8.20
N GLU C 45 19.84 -3.92 -8.44
CA GLU C 45 21.02 -3.63 -9.24
C GLU C 45 22.27 -3.62 -8.37
N VAL C 46 22.09 -3.76 -7.07
CA VAL C 46 23.17 -3.55 -6.12
C VAL C 46 23.37 -4.86 -5.37
N GLY C 47 24.62 -5.24 -5.16
CA GLY C 47 24.89 -6.45 -4.42
C GLY C 47 24.54 -6.33 -2.95
N ALA C 48 24.42 -7.46 -2.25
CA ALA C 48 24.18 -7.52 -0.83
C ALA C 48 25.27 -6.82 -0.01
N ARG C 49 26.49 -6.75 -0.51
CA ARG C 49 27.53 -6.04 0.21
C ARG C 49 27.23 -4.56 0.34
N TYR C 50 26.35 -3.99 -0.49
CA TYR C 50 26.13 -2.56 -0.53
C TYR C 50 24.65 -2.26 -0.38
N ARG C 51 23.88 -3.19 0.17
CA ARG C 51 22.45 -3.01 0.33
C ARG C 51 22.09 -1.90 1.31
N THR C 52 22.99 -1.50 2.19
CA THR C 52 22.70 -0.40 3.10
C THR C 52 22.39 0.87 2.33
N ALA C 53 23.08 1.09 1.21
CA ALA C 53 22.76 2.21 0.34
C ALA C 53 21.29 2.24 -0.04
N VAL C 54 20.71 1.10 -0.38
CA VAL C 54 19.32 1.02 -0.80
C VAL C 54 18.39 1.21 0.38
N VAL C 55 18.78 0.63 1.51
CA VAL C 55 17.95 0.73 2.72
C VAL C 55 17.89 2.19 3.15
N ALA C 56 19.06 2.83 3.27
CA ALA C 56 19.12 4.23 3.64
C ALA C 56 18.26 5.09 2.70
N ARG C 57 18.38 4.86 1.41
N ARG C 57 18.39 4.86 1.40
CA ARG C 57 17.69 5.67 0.44
CA ARG C 57 17.70 5.66 0.40
C ARG C 57 16.18 5.43 0.45
C ARG C 57 16.19 5.43 0.44
N SER C 58 15.77 4.18 0.55
CA SER C 58 14.37 3.88 0.77
C SER C 58 13.79 4.65 1.95
N GLY C 59 14.54 4.75 3.05
CA GLY C 59 14.06 5.41 4.25
C GLY C 59 13.92 6.89 4.03
N ILE C 60 14.93 7.50 3.42
CA ILE C 60 14.83 8.90 3.07
C ILE C 60 13.56 9.16 2.26
N MET C 61 13.30 8.35 1.25
CA MET C 61 12.22 8.62 0.34
C MET C 61 10.89 8.36 1.04
N ILE C 62 10.79 7.32 1.90
CA ILE C 62 9.52 7.06 2.55
C ILE C 62 9.18 8.16 3.57
N VAL C 63 10.14 8.52 4.40
CA VAL C 63 9.87 9.49 5.43
C VAL C 63 9.57 10.85 4.81
N ALA C 64 10.33 11.24 3.76
CA ALA C 64 10.14 12.53 3.15
C ALA C 64 8.76 12.58 2.49
N THR C 65 8.37 11.51 1.82
CA THR C 65 7.08 11.48 1.15
C THR C 65 5.96 11.69 2.18
N LEU C 66 6.03 10.95 3.28
CA LEU C 66 4.99 10.99 4.29
C LEU C 66 4.88 12.40 4.87
N SER C 67 6.03 12.99 5.15
CA SER C 67 6.10 14.33 5.64
C SER C 67 5.40 15.33 4.72
N TYR C 68 5.64 15.24 3.42
CA TYR C 68 5.05 16.19 2.49
C TYR C 68 3.56 15.93 2.30
N VAL C 69 3.14 14.68 2.38
CA VAL C 69 1.73 14.35 2.25
C VAL C 69 1.00 14.95 3.44
N PHE C 70 1.60 14.78 4.62
CA PHE C 70 1.06 15.39 5.80
C PHE C 70 0.96 16.91 5.62
N MET C 71 2.00 17.53 5.08
CA MET C 71 2.04 18.97 5.00
C MET C 71 1.02 19.47 3.96
N VAL C 72 0.80 18.72 2.90
CA VAL C 72 -0.13 19.16 1.89
C VAL C 72 -1.54 19.15 2.46
N LEU C 73 -1.87 18.11 3.24
CA LEU C 73 -3.15 18.04 3.91
C LEU C 73 -3.25 19.13 4.98
N ALA C 74 -2.22 19.31 5.78
CA ALA C 74 -2.24 20.39 6.74
C ALA C 74 -2.47 21.75 6.06
N PHE C 75 -1.92 21.93 4.84
CA PHE C 75 -2.00 23.21 4.15
C PHE C 75 -3.47 23.49 3.78
N THR C 76 -4.16 22.44 3.33
CA THR C 76 -5.55 22.54 2.96
C THR C 76 -6.42 22.88 4.18
N SER C 77 -5.98 22.52 5.38
CA SER C 77 -6.76 22.78 6.56
C SER C 77 -6.21 23.92 7.42
N GLY C 78 -5.07 24.50 7.09
CA GLY C 78 -4.41 25.40 8.01
C GLY C 78 -4.58 26.84 7.61
N TYR C 79 -5.25 27.10 6.49
CA TYR C 79 -5.54 28.46 6.08
C TYR C 79 -7.02 28.58 5.69
N ASP C 80 -7.66 29.71 5.98
CA ASP C 80 -9.07 29.92 5.62
C ASP C 80 -9.17 31.13 4.71
N HIS C 81 -9.90 30.98 3.61
CA HIS C 81 -10.03 32.04 2.65
C HIS C 81 -10.96 33.09 3.25
N VAL C 82 -10.44 34.29 3.46
CA VAL C 82 -11.22 35.36 4.06
C VAL C 82 -10.96 36.62 3.26
N GLY C 83 -11.95 37.03 2.48
CA GLY C 83 -11.74 38.13 1.56
C GLY C 83 -10.87 37.64 0.42
N SER C 84 -9.77 38.35 0.18
CA SER C 84 -8.83 37.98 -0.85
C SER C 84 -7.56 37.37 -0.22
N LEU C 85 -7.59 37.07 1.09
CA LEU C 85 -6.42 36.56 1.78
C LEU C 85 -6.68 35.16 2.30
N TRP C 86 -5.61 34.38 2.41
CA TRP C 86 -5.70 33.13 3.15
C TRP C 86 -5.11 33.37 4.54
N VAL C 87 -5.91 33.17 5.57
CA VAL C 87 -5.52 33.52 6.90
C VAL C 87 -5.18 32.22 7.63
N PRO C 88 -3.98 32.13 8.27
CA PRO C 88 -3.56 30.89 8.92
C PRO C 88 -4.35 30.67 10.21
N ASN C 89 -4.80 29.43 10.44
CA ASN C 89 -5.34 29.01 11.72
C ASN C 89 -4.28 28.27 12.56
N SER C 90 -4.69 27.51 13.57
CA SER C 90 -3.74 26.96 14.52
C SER C 90 -3.03 25.73 13.94
N GLU C 91 -3.50 25.24 12.80
CA GLU C 91 -2.89 24.11 12.13
C GLU C 91 -1.81 24.53 11.11
N ALA C 92 -1.61 25.84 10.90
CA ALA C 92 -0.73 26.29 9.85
C ALA C 92 0.71 25.89 10.18
N ILE C 93 1.01 25.76 11.47
CA ILE C 93 2.36 25.37 11.89
C ILE C 93 2.73 23.95 11.38
N MET C 94 1.72 23.13 11.09
CA MET C 94 1.93 21.80 10.57
C MET C 94 2.25 21.83 9.09
N THR C 95 2.39 23.01 8.49
CA THR C 95 2.90 23.12 7.13
C THR C 95 4.40 23.44 7.14
N ILE C 96 4.98 23.65 8.32
CA ILE C 96 6.39 23.96 8.43
C ILE C 96 7.10 22.94 9.31
N ALA C 97 6.54 22.66 10.48
CA ALA C 97 7.20 21.83 11.46
C ALA C 97 7.51 20.41 10.98
N PRO C 98 6.67 19.72 10.19
CA PRO C 98 7.00 18.37 9.75
C PRO C 98 8.27 18.22 8.92
N ARG C 99 8.79 19.29 8.35
CA ARG C 99 10.08 19.20 7.69
C ARG C 99 11.18 18.79 8.67
N TYR C 100 11.10 19.25 9.91
CA TYR C 100 12.07 18.91 10.94
C TYR C 100 12.02 17.44 11.30
N VAL C 101 10.85 16.83 11.15
CA VAL C 101 10.73 15.42 11.41
C VAL C 101 11.46 14.67 10.31
N GLU C 102 11.10 14.95 9.07
CA GLU C 102 11.76 14.43 7.87
C GLU C 102 13.27 14.57 8.00
N TRP C 103 13.79 15.77 8.24
CA TRP C 103 15.22 15.96 8.28
C TRP C 103 15.88 15.19 9.42
N SER C 104 15.16 14.98 10.51
CA SER C 104 15.70 14.32 11.68
C SER C 104 16.04 12.88 11.34
N ILE C 105 15.34 12.30 10.37
CA ILE C 105 15.67 10.98 9.93
C ILE C 105 16.56 11.01 8.69
N ALA C 106 16.24 11.88 7.74
CA ALA C 106 16.87 11.85 6.44
C ALA C 106 18.33 12.30 6.51
N VAL C 107 18.70 13.24 7.36
CA VAL C 107 20.09 13.68 7.31
C VAL C 107 20.97 12.58 7.88
N PRO C 108 20.64 11.96 9.01
CA PRO C 108 21.35 10.75 9.45
C PRO C 108 21.39 9.62 8.40
N LEU C 109 20.27 9.38 7.70
CA LEU C 109 20.26 8.34 6.69
C LEU C 109 21.14 8.71 5.51
N LEU C 110 21.24 9.99 5.14
CA LEU C 110 22.18 10.42 4.12
C LEU C 110 23.59 10.11 4.55
N SER C 111 23.92 10.38 5.80
CA SER C 111 25.24 10.10 6.32
C SER C 111 25.56 8.61 6.17
N ILE C 112 24.56 7.78 6.47
CA ILE C 112 24.72 6.35 6.40
C ILE C 112 24.88 5.92 4.96
N GLU C 113 24.09 6.47 4.06
CA GLU C 113 24.18 6.20 2.64
C GLU C 113 25.58 6.53 2.11
N LEU C 114 26.10 7.70 2.44
CA LEU C 114 27.40 8.09 1.94
C LEU C 114 28.49 7.13 2.43
N LEU C 115 28.41 6.67 3.67
CA LEU C 115 29.46 5.86 4.26
C LEU C 115 29.32 4.40 3.86
N SER C 116 28.15 4.05 3.32
CA SER C 116 27.83 2.70 2.91
C SER C 116 28.67 2.25 1.74
N VAL C 117 29.23 3.19 0.99
CA VAL C 117 29.98 2.86 -0.21
C VAL C 117 31.41 3.27 -0.01
N ALA C 118 31.75 3.68 1.21
CA ALA C 118 33.13 4.05 1.50
C ALA C 118 33.86 2.81 2.03
N THR C 119 35.16 2.91 2.27
CA THR C 119 35.95 1.76 2.67
C THR C 119 36.38 1.93 4.11
N LEU C 120 35.48 1.64 5.04
CA LEU C 120 35.78 1.69 6.45
C LEU C 120 35.22 0.42 7.07
N SER C 121 35.92 -0.12 8.07
CA SER C 121 35.36 -1.19 8.88
C SER C 121 36.07 -1.25 10.23
N GLY C 122 35.51 -2.05 11.14
CA GLY C 122 36.03 -2.16 12.49
C GLY C 122 35.44 -1.09 13.41
N VAL C 123 36.24 -0.69 14.41
CA VAL C 123 35.78 0.23 15.45
C VAL C 123 35.54 1.58 14.78
N SER C 124 36.49 2.00 13.94
CA SER C 124 36.38 3.26 13.22
C SER C 124 35.05 3.34 12.47
N ALA C 125 34.64 2.24 11.81
CA ALA C 125 33.41 2.29 11.06
C ALA C 125 32.24 2.67 11.97
N ARG C 126 32.15 1.97 13.10
CA ARG C 126 31.05 2.13 14.03
C ARG C 126 31.17 3.51 14.71
N ARG C 127 32.38 3.89 15.05
CA ARG C 127 32.63 5.18 15.66
C ARG C 127 32.11 6.27 14.70
N THR C 128 32.50 6.18 13.43
CA THR C 128 32.16 7.18 12.44
C THR C 128 30.65 7.20 12.22
N ARG C 129 30.05 6.03 12.03
CA ARG C 129 28.63 5.99 11.75
C ARG C 129 27.83 6.56 12.92
N LEU C 130 28.24 6.27 14.15
CA LEU C 130 27.49 6.76 15.31
C LEU C 130 27.69 8.25 15.43
N ALA C 131 28.94 8.69 15.42
CA ALA C 131 29.17 10.11 15.51
C ALA C 131 28.38 10.86 14.43
N ALA C 132 28.37 10.36 13.20
CA ALA C 132 27.77 11.13 12.10
C ALA C 132 26.26 11.12 12.25
N VAL C 133 25.69 9.99 12.64
CA VAL C 133 24.26 9.93 12.89
C VAL C 133 23.85 10.87 14.04
N ALA C 134 24.61 10.86 15.12
CA ALA C 134 24.30 11.65 16.29
C ALA C 134 24.39 13.12 15.96
N GLY C 135 25.49 13.50 15.31
CA GLY C 135 25.72 14.89 14.92
C GLY C 135 24.61 15.39 14.00
N ALA C 136 24.20 14.55 13.08
CA ALA C 136 23.24 14.92 12.08
C ALA C 136 21.89 15.12 12.76
N PHE C 137 21.54 14.24 13.69
CA PHE C 137 20.27 14.32 14.38
C PHE C 137 20.24 15.60 15.23
N LEU C 138 21.34 15.89 15.92
CA LEU C 138 21.39 17.03 16.81
C LEU C 138 21.35 18.36 16.07
N MET C 139 21.94 18.40 14.87
CA MET C 139 21.88 19.60 14.07
C MET C 139 20.42 19.93 13.77
N ILE C 140 19.63 18.93 13.38
CA ILE C 140 18.25 19.19 13.04
C ILE C 140 17.45 19.49 14.30
N PHE C 141 17.67 18.75 15.38
CA PHE C 141 16.86 18.89 16.57
C PHE C 141 17.08 20.28 17.18
N THR C 142 18.32 20.75 17.28
CA THR C 142 18.60 22.08 17.81
C THR C 142 18.01 23.14 16.88
N GLY C 143 18.02 22.89 15.57
CA GLY C 143 17.32 23.74 14.63
C GLY C 143 15.83 23.82 14.91
N PHE C 144 15.20 22.70 15.15
CA PHE C 144 13.79 22.62 15.48
C PHE C 144 13.48 23.40 16.76
N LEU C 145 14.34 23.32 17.76
CA LEU C 145 14.10 24.04 19.00
C LEU C 145 14.05 25.53 18.77
N GLY C 146 14.98 26.07 17.95
CA GLY C 146 15.05 27.51 17.68
C GLY C 146 13.90 27.94 16.78
N ALA C 147 13.65 27.17 15.75
CA ALA C 147 12.71 27.59 14.74
C ALA C 147 11.25 27.35 15.12
N VAL C 148 10.96 26.39 16.01
CA VAL C 148 9.58 26.02 16.28
C VAL C 148 9.25 26.10 17.75
N VAL C 149 10.14 25.69 18.65
CA VAL C 149 9.75 25.33 20.00
C VAL C 149 10.03 26.47 20.97
N ILE C 150 11.29 26.84 21.15
CA ILE C 150 11.63 27.85 22.14
C ILE C 150 11.35 29.23 21.61
N GLY C 151 10.32 29.89 22.16
CA GLY C 151 9.89 31.20 21.68
C GLY C 151 8.78 31.10 20.65
N ASP C 152 8.41 29.88 20.28
CA ASP C 152 7.31 29.64 19.33
C ASP C 152 7.65 30.14 17.95
N GLY C 153 8.95 30.22 17.63
CA GLY C 153 9.38 30.68 16.33
C GLY C 153 9.34 32.20 16.20
N ARG C 154 9.23 32.90 17.32
CA ARG C 154 9.00 34.34 17.27
C ARG C 154 10.14 35.10 17.90
N SER C 155 11.13 34.39 18.46
CA SER C 155 12.21 35.02 19.23
C SER C 155 13.48 35.05 18.39
N VAL C 156 13.99 36.23 18.11
CA VAL C 156 15.20 36.35 17.31
C VAL C 156 16.35 35.74 18.09
N GLY C 157 16.49 36.14 19.35
CA GLY C 157 17.55 35.58 20.20
C GLY C 157 17.55 34.05 20.23
N SER C 158 16.40 33.44 20.38
CA SER C 158 16.31 32.01 20.43
C SER C 158 16.74 31.43 19.07
N LEU C 159 16.33 32.06 17.96
CA LEU C 159 16.67 31.54 16.64
C LEU C 159 18.18 31.64 16.42
N ILE C 160 18.78 32.70 16.91
CA ILE C 160 20.18 32.92 16.70
C ILE C 160 20.98 31.92 17.51
N ILE C 161 20.63 31.75 18.79
CA ILE C 161 21.36 30.88 19.66
C ILE C 161 21.26 29.44 19.17
N TRP C 162 20.06 28.98 18.91
CA TRP C 162 19.87 27.60 18.55
C TRP C 162 20.35 27.34 17.14
N GLY C 163 20.38 28.39 16.31
CA GLY C 163 20.92 28.27 14.98
C GLY C 163 22.42 28.11 15.04
N ALA C 164 23.05 28.83 15.97
CA ALA C 164 24.49 28.72 16.11
C ALA C 164 24.85 27.34 16.61
N ILE C 165 24.11 26.82 17.58
CA ILE C 165 24.33 25.48 18.08
C ILE C 165 24.13 24.49 16.93
N SER C 166 23.12 24.69 16.12
CA SER C 166 22.88 23.76 15.04
C SER C 166 24.05 23.78 14.05
N THR C 167 24.62 24.97 13.83
CA THR C 167 25.74 25.18 12.95
C THR C 167 26.98 24.44 13.46
N VAL C 168 27.17 24.38 14.76
CA VAL C 168 28.31 23.66 15.30
C VAL C 168 28.17 22.16 14.99
N PHE C 169 27.00 21.60 15.23
CA PHE C 169 26.79 20.21 14.92
C PHE C 169 26.93 19.95 13.43
N TRP C 170 26.62 20.96 12.61
CA TRP C 170 26.77 20.84 11.17
C TRP C 170 28.24 20.67 10.84
N ILE C 171 29.06 21.58 11.34
CA ILE C 171 30.49 21.51 11.15
C ILE C 171 31.03 20.17 11.61
N ILE C 172 30.67 19.72 12.80
CA ILE C 172 31.20 18.48 13.32
C ILE C 172 30.85 17.34 12.37
N THR C 173 29.57 17.21 12.00
CA THR C 173 29.14 16.11 11.16
C THR C 173 29.88 16.15 9.82
N ALA C 174 29.98 17.32 9.24
CA ALA C 174 30.67 17.51 7.98
C ALA C 174 32.12 17.03 8.07
N VAL C 175 32.82 17.43 9.12
CA VAL C 175 34.23 17.09 9.25
C VAL C 175 34.37 15.58 9.38
N ILE C 176 33.52 14.95 10.19
CA ILE C 176 33.55 13.51 10.40
C ILE C 176 33.34 12.79 9.07
N LEU C 177 32.42 13.30 8.24
CA LEU C 177 32.10 12.62 6.99
C LEU C 177 33.22 12.86 5.99
N ILE C 178 33.74 14.06 5.95
CA ILE C 178 34.73 14.39 4.96
C ILE C 178 36.01 13.62 5.27
N ARG C 179 36.32 13.47 6.54
CA ARG C 179 37.52 12.74 6.92
C ARG C 179 37.35 11.26 6.51
N ALA C 180 36.14 10.74 6.59
CA ALA C 180 35.92 9.35 6.29
C ALA C 180 36.11 9.13 4.79
N ILE C 181 35.47 9.97 4.01
CA ILE C 181 35.61 9.91 2.58
C ILE C 181 37.08 10.06 2.19
N ARG C 182 37.77 11.00 2.77
CA ARG C 182 39.14 11.26 2.37
C ARG C 182 40.00 10.03 2.63
N HIS C 183 39.69 9.30 3.70
CA HIS C 183 40.45 8.12 4.06
C HIS C 183 40.12 6.97 3.10
N SER C 184 38.89 6.95 2.58
CA SER C 184 38.41 5.89 1.73
C SER C 184 38.96 6.06 0.31
N LEU C 185 39.10 7.29 -0.17
CA LEU C 185 39.31 7.50 -1.58
C LEU C 185 40.55 6.76 -2.07
N PRO C 186 41.66 6.72 -1.29
CA PRO C 186 42.85 5.99 -1.72
C PRO C 186 42.67 4.48 -1.84
N GLN C 187 41.61 3.94 -1.24
CA GLN C 187 41.43 2.50 -1.15
C GLN C 187 40.35 2.06 -2.11
N LEU C 188 39.86 2.98 -2.94
CA LEU C 188 38.84 2.67 -3.93
C LEU C 188 39.52 2.64 -5.28
N THR C 189 38.82 2.09 -6.28
CA THR C 189 39.34 2.16 -7.64
C THR C 189 39.19 3.60 -8.09
N PRO C 190 40.05 4.08 -9.00
CA PRO C 190 39.92 5.44 -9.50
C PRO C 190 38.51 5.84 -9.93
N GLU C 191 37.79 4.93 -10.58
CA GLU C 191 36.49 5.29 -11.11
C GLU C 191 35.54 5.58 -9.94
N ALA C 192 35.54 4.71 -8.93
CA ALA C 192 34.68 4.86 -7.79
C ALA C 192 35.12 6.07 -6.96
N ALA C 193 36.43 6.22 -6.76
CA ALA C 193 36.96 7.33 -5.98
C ALA C 193 36.44 8.64 -6.54
N ALA C 194 36.51 8.79 -7.86
CA ALA C 194 36.06 10.00 -8.52
C ALA C 194 34.58 10.25 -8.31
N LEU C 195 33.77 9.20 -8.44
CA LEU C 195 32.34 9.35 -8.24
C LEU C 195 32.02 9.70 -6.79
N LEU C 196 32.73 9.06 -5.85
CA LEU C 196 32.48 9.27 -4.43
C LEU C 196 32.84 10.70 -4.02
N LYS C 197 33.90 11.24 -4.60
CA LYS C 197 34.32 12.60 -4.27
C LYS C 197 33.26 13.59 -4.74
N THR C 198 32.83 13.44 -5.98
CA THR C 198 31.75 14.26 -6.53
C THR C 198 30.50 14.16 -5.69
N ALA C 199 30.05 12.95 -5.38
CA ALA C 199 28.85 12.76 -4.58
C ALA C 199 29.00 13.48 -3.24
N THR C 200 30.19 13.44 -2.63
CA THR C 200 30.39 14.10 -1.34
C THR C 200 30.20 15.61 -1.44
N ILE C 201 30.69 16.26 -2.49
N ILE C 201 30.78 16.19 -2.50
CA ILE C 201 30.49 17.70 -2.66
CA ILE C 201 30.70 17.61 -2.76
C ILE C 201 29.02 18.08 -2.81
C ILE C 201 29.26 18.01 -3.01
N PHE C 202 28.23 17.23 -3.47
N PHE C 202 28.51 17.17 -3.71
CA PHE C 202 26.82 17.49 -3.71
CA PHE C 202 27.12 17.47 -4.04
C PHE C 202 26.01 17.43 -2.41
C PHE C 202 26.26 17.45 -2.78
N LEU C 203 26.36 16.54 -1.47
N LEU C 203 26.44 16.41 -1.96
CA LEU C 203 25.62 16.45 -0.23
CA LEU C 203 25.60 16.20 -0.78
C LEU C 203 25.98 17.61 0.69
C LEU C 203 25.90 17.27 0.26
N MET C 204 27.24 18.02 0.70
N MET C 204 27.18 17.63 0.41
CA MET C 204 27.64 19.06 1.63
CA MET C 204 27.57 18.57 1.42
C MET C 204 27.10 20.38 1.12
C MET C 204 27.10 19.96 1.01
N SER C 205 27.21 20.57 -0.19
N SER C 205 27.21 20.25 -0.29
CA SER C 205 26.76 21.79 -0.83
CA SER C 205 26.86 21.56 -0.80
C SER C 205 25.25 21.86 -0.72
C SER C 205 25.35 21.78 -0.69
N GLY C 206 24.59 20.72 -0.87
CA GLY C 206 23.15 20.74 -0.74
C GLY C 206 22.71 21.11 0.66
N TRP C 207 23.53 20.75 1.66
CA TRP C 207 23.21 21.06 3.04
C TRP C 207 23.25 22.57 3.26
N ALA C 208 24.08 23.31 2.54
CA ALA C 208 24.23 24.73 2.82
C ALA C 208 23.00 25.54 2.40
N VAL C 209 22.11 24.96 1.61
CA VAL C 209 20.93 25.71 1.21
C VAL C 209 19.97 25.86 2.39
N TYR C 210 19.90 24.87 3.29
CA TYR C 210 18.83 24.83 4.26
C TYR C 210 18.95 25.98 5.26
N PRO C 211 20.12 26.25 5.86
CA PRO C 211 20.29 27.40 6.73
C PRO C 211 19.76 28.72 6.15
N LEU C 212 19.68 28.87 4.83
CA LEU C 212 19.19 30.09 4.23
C LEU C 212 17.72 30.32 4.55
N ALA C 213 16.93 29.25 4.57
CA ALA C 213 15.55 29.39 4.96
C ALA C 213 15.42 29.80 6.43
N TYR C 214 16.36 29.35 7.25
CA TYR C 214 16.34 29.67 8.66
C TYR C 214 16.64 31.17 8.82
N LEU C 215 17.58 31.68 8.03
CA LEU C 215 17.93 33.09 8.10
C LEU C 215 16.76 33.96 7.66
N ILE C 216 15.95 33.50 6.71
CA ILE C 216 14.79 34.26 6.34
C ILE C 216 13.87 34.40 7.54
N GLN C 217 13.56 33.28 8.20
CA GLN C 217 12.73 33.32 9.38
C GLN C 217 13.25 34.36 10.39
N ILE C 218 14.55 34.46 10.58
CA ILE C 218 15.11 35.44 11.48
C ILE C 218 14.87 36.87 11.02
N LEU C 219 15.05 37.14 9.71
CA LEU C 219 15.24 38.49 9.21
C LEU C 219 13.99 39.09 8.60
N PHE C 220 13.10 38.29 8.02
CA PHE C 220 11.97 38.81 7.26
C PHE C 220 10.68 38.05 7.54
N ALA C 221 9.56 38.75 7.67
CA ALA C 221 8.27 38.11 7.87
C ALA C 221 7.23 38.68 6.92
N GLY C 222 6.35 37.82 6.43
CA GLY C 222 5.32 38.21 5.50
C GLY C 222 5.00 37.03 4.62
N GLY C 223 3.96 37.18 3.78
CA GLY C 223 3.51 36.10 2.93
C GLY C 223 4.55 35.77 1.87
N LEU C 224 5.22 36.79 1.37
CA LEU C 224 6.23 36.58 0.35
C LEU C 224 7.40 35.75 0.92
N TRP C 225 7.74 36.00 2.19
CA TRP C 225 8.81 35.32 2.87
C TRP C 225 8.41 33.91 3.25
N THR C 226 7.21 33.71 3.72
CA THR C 226 6.73 32.36 3.93
C THR C 226 6.81 31.59 2.62
N THR C 227 6.45 32.24 1.53
CA THR C 227 6.40 31.59 0.22
C THR C 227 7.83 31.21 -0.16
N SER C 228 8.73 32.16 0.01
CA SER C 228 10.13 31.94 -0.28
C SER C 228 10.71 30.78 0.51
N ILE C 229 10.38 30.68 1.81
CA ILE C 229 10.87 29.60 2.63
C ILE C 229 10.42 28.28 2.04
N HIS C 230 9.14 28.15 1.72
CA HIS C 230 8.62 26.90 1.22
C HIS C 230 9.23 26.57 -0.15
N ILE C 231 9.51 27.58 -0.98
CA ILE C 231 10.03 27.31 -2.29
C ILE C 231 11.47 26.82 -2.16
N ILE C 232 12.26 27.52 -1.35
CA ILE C 232 13.63 27.12 -1.14
C ILE C 232 13.69 25.71 -0.52
N LEU C 233 12.89 25.41 0.48
CA LEU C 233 13.03 24.14 1.15
C LEU C 233 12.48 23.02 0.29
N CYS C 234 11.40 23.26 -0.44
CA CYS C 234 10.86 22.26 -1.36
C CYS C 234 11.88 21.94 -2.45
N THR C 235 12.50 22.98 -2.98
CA THR C 235 13.41 22.81 -4.10
C THR C 235 14.63 22.06 -3.61
N ALA C 236 15.20 22.47 -2.47
CA ALA C 236 16.32 21.74 -1.89
C ALA C 236 15.95 20.29 -1.63
N ASP C 237 14.77 20.04 -1.07
CA ASP C 237 14.38 18.67 -0.81
C ASP C 237 14.39 17.89 -2.13
N ILE C 238 13.83 18.43 -3.20
CA ILE C 238 13.78 17.72 -4.47
C ILE C 238 15.22 17.45 -4.96
N VAL C 239 16.04 18.47 -5.04
CA VAL C 239 17.36 18.33 -5.59
C VAL C 239 18.21 17.38 -4.75
N VAL C 240 18.20 17.51 -3.45
CA VAL C 240 19.03 16.66 -2.60
C VAL C 240 18.50 15.22 -2.59
N LYS C 241 17.20 14.99 -2.57
N LYS C 241 17.19 15.02 -2.53
CA LYS C 241 16.70 13.64 -2.34
CA LYS C 241 16.69 13.67 -2.31
C LYS C 241 16.42 12.90 -3.64
C LYS C 241 16.49 12.95 -3.64
N LEU C 242 16.68 13.51 -4.79
N LEU C 242 15.70 13.54 -4.54
CA LEU C 242 16.65 12.76 -6.03
CA LEU C 242 15.46 12.95 -5.84
C LEU C 242 18.06 12.67 -6.59
C LEU C 242 16.65 13.19 -6.76
N GLY C 243 18.75 13.81 -6.64
N GLY C 243 17.23 14.38 -6.73
CA GLY C 243 20.11 13.90 -7.17
CA GLY C 243 18.30 14.69 -7.65
C GLY C 243 21.13 13.03 -6.42
C GLY C 243 19.52 13.83 -7.41
N PHE C 244 21.23 13.24 -5.11
N PHE C 244 19.91 13.67 -6.13
CA PHE C 244 22.27 12.58 -4.33
CA PHE C 244 21.16 13.00 -5.76
C PHE C 244 22.03 11.07 -4.27
C PHE C 244 20.89 11.55 -5.35
N CYS C 245 20.74 10.70 -4.22
N CYS C 245 19.68 11.07 -5.62
CA CYS C 245 20.39 9.31 -4.01
CA CYS C 245 19.24 9.75 -5.19
C CYS C 245 20.76 8.52 -5.25
C CYS C 245 19.91 8.64 -5.99
N GLY C 246 20.51 9.13 -6.42
N GLY C 246 20.56 9.05 -7.10
CA GLY C 246 20.94 8.56 -7.68
CA GLY C 246 21.17 8.10 -7.99
C GLY C 246 22.44 8.35 -7.71
C GLY C 246 22.69 8.14 -7.91
N LEU C 247 23.19 9.27 -7.09
N LEU C 247 23.23 9.13 -7.21
CA LEU C 247 24.64 9.26 -7.18
CA LEU C 247 24.68 9.28 -7.13
C LEU C 247 25.26 8.11 -6.37
C LEU C 247 25.28 8.11 -6.36
N ILE C 248 24.70 7.80 -5.20
CA ILE C 248 25.23 6.73 -4.36
C ILE C 248 24.84 5.40 -4.96
N HIS C 249 23.66 5.35 -5.59
CA HIS C 249 23.22 4.15 -6.24
C HIS C 249 24.21 3.78 -7.35
N ARG C 250 24.64 4.75 -8.14
CA ARG C 250 25.62 4.49 -9.17
C ARG C 250 26.92 3.93 -8.58
N ILE C 251 27.42 4.46 -7.47
CA ILE C 251 28.66 3.99 -6.87
C ILE C 251 28.47 2.57 -6.33
N ALA C 252 27.31 2.31 -5.74
CA ALA C 252 27.05 0.98 -5.23
C ALA C 252 27.01 0.01 -6.40
N LYS C 253 26.43 0.40 -7.54
CA LYS C 253 26.42 -0.43 -8.73
C LYS C 253 27.84 -0.65 -9.22
N LEU C 254 28.62 0.39 -9.31
CA LEU C 254 29.99 0.24 -9.77
C LEU C 254 30.82 -0.66 -8.86
N ARG C 255 30.67 -0.53 -7.55
CA ARG C 255 31.45 -1.37 -6.64
C ARG C 255 30.94 -2.81 -6.71
N THR C 256 29.63 -3.01 -6.90
CA THR C 256 29.10 -4.32 -7.12
C THR C 256 29.75 -4.98 -8.34
N ALA C 257 29.75 -4.26 -9.46
CA ALA C 257 30.31 -4.75 -10.69
C ALA C 257 31.78 -5.06 -10.56
N GLU C 258 32.52 -4.29 -9.75
CA GLU C 258 33.94 -4.52 -9.56
C GLU C 258 34.16 -5.78 -8.75
N ASP C 259 33.27 -6.05 -7.79
CA ASP C 259 33.33 -7.29 -7.02
C ASP C 259 33.04 -8.50 -7.91
N VAL C 260 32.08 -8.37 -8.83
CA VAL C 260 31.75 -9.44 -9.74
C VAL C 260 32.95 -9.75 -10.64
N ARG C 261 33.59 -8.74 -11.20
CA ARG C 261 34.74 -8.95 -12.08
C ARG C 261 35.96 -9.44 -11.33
N ALA C 262 36.01 -9.25 -10.01
CA ALA C 262 37.16 -9.65 -9.22
C ALA C 262 36.95 -11.06 -8.68
N GLY C 263 35.73 -11.58 -8.84
CA GLY C 263 35.36 -12.87 -8.28
C GLY C 263 34.97 -12.80 -6.82
N VAL C 264 34.89 -11.61 -6.25
CA VAL C 264 34.52 -11.46 -4.85
C VAL C 264 33.07 -11.88 -4.63
N ASP C 265 32.20 -11.65 -5.61
CA ASP C 265 30.82 -12.06 -5.49
C ASP C 265 30.24 -12.29 -6.90
N ILE C 266 29.02 -12.76 -6.98
CA ILE C 266 28.32 -12.92 -8.23
C ILE C 266 27.06 -12.06 -8.15
N HIS C 267 26.48 -11.69 -9.30
CA HIS C 267 25.27 -10.91 -9.31
C HIS C 267 24.32 -11.53 -10.31
N THR C 268 23.04 -11.53 -10.01
CA THR C 268 22.11 -12.29 -10.83
C THR C 268 21.86 -11.63 -12.17
N GLU C 269 21.93 -10.31 -12.25
CA GLU C 269 21.77 -9.64 -13.53
C GLU C 269 23.05 -8.90 -13.88
N ALA C 270 23.16 -8.54 -15.16
CA ALA C 270 24.17 -7.62 -15.64
C ALA C 270 23.92 -6.22 -15.07
N ILE C 271 25.00 -5.47 -14.91
CA ILE C 271 24.94 -4.14 -14.39
C ILE C 271 25.31 -3.21 -15.53
N TRP C 272 24.41 -2.26 -15.80
CA TRP C 272 24.60 -1.25 -16.81
C TRP C 272 24.68 0.13 -16.14
N ILE C 273 25.69 0.90 -16.52
CA ILE C 273 25.85 2.23 -15.96
C ILE C 273 26.11 3.17 -17.11
N SER C 274 25.16 4.10 -17.34
CA SER C 274 25.28 5.07 -18.42
C SER C 274 25.41 4.31 -19.73
N SER C 275 24.55 3.32 -19.92
CA SER C 275 24.45 2.60 -21.17
C SER C 275 25.61 1.63 -21.42
N VAL C 276 26.61 1.57 -20.53
CA VAL C 276 27.73 0.68 -20.71
C VAL C 276 27.68 -0.48 -19.72
N LYS C 277 27.93 -1.70 -20.20
CA LYS C 277 27.85 -2.89 -19.38
C LYS C 277 29.08 -2.99 -18.51
N GLN C 278 28.90 -3.17 -17.20
CA GLN C 278 30.00 -3.13 -16.25
C GLN C 278 30.31 -4.53 -15.78
N SER C 279 29.31 -5.39 -15.73
CA SER C 279 29.50 -6.78 -15.35
C SER C 279 28.42 -7.63 -16.00
N ASP C 280 28.71 -8.92 -16.23
CA ASP C 280 27.74 -9.88 -16.75
C ASP C 280 26.93 -10.55 -15.66
N ALA C 281 25.73 -11.00 -16.00
CA ALA C 281 24.92 -11.85 -15.13
C ALA C 281 25.65 -13.17 -14.89
N GLY C 282 25.56 -13.69 -13.67
CA GLY C 282 26.27 -14.91 -13.31
C GLY C 282 25.46 -15.78 -12.38
N ILE C 283 25.91 -17.03 -12.19
CA ILE C 283 25.28 -17.96 -11.25
C ILE C 283 26.36 -18.61 -10.40
N PRO C 284 26.02 -19.01 -9.14
CA PRO C 284 26.93 -19.78 -8.29
C PRO C 284 27.31 -21.08 -8.97
N THR C 285 28.55 -21.53 -8.80
CA THR C 285 28.97 -22.83 -9.34
C THR C 285 28.10 -23.98 -8.82
N ASP D 3 -8.27 42.82 -19.57
CA ASP D 3 -9.65 42.26 -19.60
C ASP D 3 -9.71 41.10 -18.61
N MET D 4 -10.70 41.16 -17.73
CA MET D 4 -10.90 40.13 -16.74
C MET D 4 -11.82 39.06 -17.30
N ILE D 5 -11.48 37.80 -17.02
CA ILE D 5 -12.38 36.69 -17.26
C ILE D 5 -12.62 35.96 -15.93
N SER D 6 -13.56 35.04 -15.89
CA SER D 6 -13.74 34.24 -14.70
C SER D 6 -12.96 32.95 -14.84
N ALA D 7 -12.32 32.49 -13.78
CA ALA D 7 -11.54 31.28 -13.85
C ALA D 7 -12.47 30.06 -13.96
N PRO D 8 -11.98 28.92 -14.46
CA PRO D 8 -12.83 27.72 -14.56
C PRO D 8 -13.42 27.21 -13.27
N TRP D 9 -12.69 27.39 -12.15
CA TRP D 9 -13.15 26.88 -10.87
C TRP D 9 -14.13 27.85 -10.20
N GLU D 10 -14.49 28.92 -10.87
CA GLU D 10 -15.43 29.90 -10.37
C GLU D 10 -16.85 29.67 -10.89
N ALA D 11 -17.03 28.79 -11.87
CA ALA D 11 -18.32 28.61 -12.50
C ALA D 11 -19.19 27.69 -11.66
N SER D 12 -20.49 28.01 -11.56
CA SER D 12 -21.45 27.09 -10.97
C SER D 12 -21.79 25.97 -11.97
N LEU D 13 -22.07 24.78 -11.47
CA LEU D 13 -22.29 23.67 -12.37
C LEU D 13 -23.75 23.21 -12.24
N THR D 14 -24.36 22.85 -13.36
CA THR D 14 -25.59 22.10 -13.29
C THR D 14 -25.33 20.68 -12.77
N GLN D 15 -26.39 19.96 -12.41
CA GLN D 15 -26.25 18.61 -11.90
C GLN D 15 -25.61 17.72 -12.96
N ALA D 16 -25.98 17.96 -14.22
CA ALA D 16 -25.42 17.18 -15.30
C ALA D 16 -23.91 17.37 -15.37
N GLU D 17 -23.48 18.64 -15.41
CA GLU D 17 -22.06 18.98 -15.46
C GLU D 17 -21.31 18.45 -14.26
N HIS D 18 -21.89 18.53 -13.07
CA HIS D 18 -21.20 18.08 -11.88
C HIS D 18 -20.97 16.56 -11.94
N SER D 19 -21.98 15.85 -12.46
CA SER D 19 -21.93 14.40 -12.59
C SER D 19 -20.94 13.99 -13.68
N LEU D 20 -20.94 14.68 -14.82
CA LEU D 20 -19.93 14.44 -15.84
C LEU D 20 -18.50 14.66 -15.33
N ILE D 21 -18.25 15.75 -14.63
CA ILE D 21 -16.90 15.98 -14.16
C ILE D 21 -16.49 14.88 -13.21
N PHE D 22 -17.36 14.51 -12.28
CA PHE D 22 -17.02 13.46 -11.32
C PHE D 22 -16.62 12.19 -12.11
N TYR D 23 -17.43 11.84 -13.11
CA TYR D 23 -17.18 10.64 -13.86
C TYR D 23 -15.78 10.69 -14.50
N PHE D 24 -15.46 11.75 -15.26
CA PHE D 24 -14.18 11.87 -15.94
C PHE D 24 -13.01 11.89 -14.95
N LEU D 25 -13.14 12.53 -13.81
CA LEU D 25 -12.03 12.54 -12.89
C LEU D 25 -11.80 11.16 -12.32
N ALA D 26 -12.88 10.47 -11.98
CA ALA D 26 -12.79 9.17 -11.37
C ALA D 26 -12.36 8.13 -12.42
N LEU D 27 -12.78 8.34 -13.67
CA LEU D 27 -12.38 7.48 -14.75
C LEU D 27 -10.87 7.59 -14.97
N THR D 28 -10.33 8.79 -14.89
CA THR D 28 -8.94 9.01 -15.17
C THR D 28 -8.11 8.44 -14.04
N GLY D 29 -8.48 8.72 -12.81
CA GLY D 29 -7.78 8.16 -11.69
C GLY D 29 -7.71 6.64 -11.72
N SER D 30 -8.80 6.01 -12.12
CA SER D 30 -8.93 4.58 -12.18
C SER D 30 -8.09 4.01 -13.31
N ALA D 31 -8.18 4.64 -14.48
CA ALA D 31 -7.38 4.23 -15.60
C ALA D 31 -5.89 4.31 -15.26
N LEU D 32 -5.49 5.35 -14.55
CA LEU D 32 -4.08 5.53 -14.26
C LEU D 32 -3.66 4.51 -13.22
N LEU D 33 -4.56 4.11 -12.32
CA LEU D 33 -4.20 3.13 -11.31
C LEU D 33 -4.04 1.74 -11.95
N PHE D 34 -4.87 1.43 -12.95
CA PHE D 34 -4.67 0.27 -13.78
C PHE D 34 -3.27 0.33 -14.43
N GLY D 35 -2.92 1.49 -15.02
CA GLY D 35 -1.65 1.68 -15.68
C GLY D 35 -0.48 1.46 -14.75
N LEU D 36 -0.64 1.89 -13.51
CA LEU D 36 0.39 1.65 -12.54
C LEU D 36 0.58 0.15 -12.32
N ALA D 37 -0.53 -0.57 -12.16
CA ALA D 37 -0.47 -1.99 -11.92
C ALA D 37 0.15 -2.70 -13.12
N ARG D 38 -0.24 -2.29 -14.32
CA ARG D 38 0.30 -2.88 -15.51
C ARG D 38 1.82 -2.74 -15.56
N THR D 39 2.32 -1.58 -15.15
CA THR D 39 3.73 -1.26 -15.21
C THR D 39 4.45 -2.17 -14.26
N TRP D 40 3.88 -2.38 -13.09
CA TRP D 40 4.53 -3.20 -12.08
C TRP D 40 4.54 -4.66 -12.52
N LEU D 41 3.43 -5.17 -13.04
CA LEU D 41 3.32 -6.52 -13.48
C LEU D 41 4.19 -6.81 -14.69
N THR D 42 4.57 -5.81 -15.50
CA THR D 42 5.27 -6.14 -16.72
C THR D 42 6.73 -5.69 -16.64
N ARG D 43 7.18 -5.24 -15.46
CA ARG D 43 8.50 -4.68 -15.32
C ARG D 43 9.61 -5.69 -15.61
N GLY D 44 9.40 -6.98 -15.37
CA GLY D 44 10.41 -7.97 -15.67
C GLY D 44 10.51 -8.35 -17.14
N GLU D 45 9.77 -7.71 -18.03
CA GLU D 45 9.85 -8.06 -19.44
C GLU D 45 11.00 -7.30 -20.11
N VAL D 46 11.63 -6.41 -19.38
CA VAL D 46 12.60 -5.49 -19.95
C VAL D 46 13.93 -5.73 -19.28
N GLY D 47 15.00 -5.72 -20.07
CA GLY D 47 16.31 -5.91 -19.48
C GLY D 47 16.75 -4.72 -18.65
N ALA D 48 17.77 -4.92 -17.81
CA ALA D 48 18.38 -3.89 -17.00
C ALA D 48 18.95 -2.73 -17.85
N ARG D 49 19.35 -2.98 -19.08
CA ARG D 49 19.84 -1.92 -19.92
C ARG D 49 18.75 -0.89 -20.23
N TYR D 50 17.47 -1.23 -20.07
CA TYR D 50 16.39 -0.36 -20.51
C TYR D 50 15.42 -0.16 -19.35
N ARG D 51 15.86 -0.38 -18.12
CA ARG D 51 15.00 -0.24 -16.97
C ARG D 51 14.56 1.21 -16.73
N THR D 52 15.25 2.20 -17.27
CA THR D 52 14.82 3.58 -17.13
C THR D 52 13.42 3.79 -17.70
N ALA D 53 13.12 3.10 -18.80
CA ALA D 53 11.79 3.13 -19.35
C ALA D 53 10.73 2.76 -18.31
N VAL D 54 10.98 1.73 -17.51
CA VAL D 54 10.02 1.27 -16.53
C VAL D 54 9.95 2.24 -15.35
N VAL D 55 11.11 2.77 -14.98
CA VAL D 55 11.16 3.70 -13.85
C VAL D 55 10.39 4.96 -14.23
N ALA D 56 10.70 5.53 -15.39
CA ALA D 56 10.00 6.72 -15.86
C ALA D 56 8.48 6.49 -15.89
N ARG D 57 8.06 5.36 -16.43
N ARG D 57 8.06 5.34 -16.45
CA ARG D 57 6.65 5.08 -16.59
CA ARG D 57 6.65 5.02 -16.62
C ARG D 57 5.95 4.85 -15.25
C ARG D 57 5.95 4.81 -15.27
N SER D 58 6.59 4.09 -14.36
CA SER D 58 6.09 3.98 -13.00
C SER D 58 5.82 5.34 -12.38
N GLY D 59 6.74 6.29 -12.57
CA GLY D 59 6.64 7.60 -11.96
C GLY D 59 5.47 8.38 -12.53
N ILE D 60 5.35 8.36 -13.87
CA ILE D 60 4.22 8.99 -14.50
C ILE D 60 2.91 8.44 -13.89
N MET D 61 2.79 7.14 -13.77
CA MET D 61 1.55 6.54 -13.37
C MET D 61 1.30 6.83 -11.88
N ILE D 62 2.34 6.82 -11.03
CA ILE D 62 2.11 7.07 -9.61
C ILE D 62 1.70 8.53 -9.37
N VAL D 63 2.43 9.46 -9.97
CA VAL D 63 2.15 10.85 -9.73
C VAL D 63 0.78 11.22 -10.30
N ALA D 64 0.44 10.72 -11.49
CA ALA D 64 -0.81 11.05 -12.12
C ALA D 64 -1.96 10.48 -11.29
N THR D 65 -1.82 9.27 -10.80
CA THR D 65 -2.88 8.65 -10.01
C THR D 65 -3.15 9.50 -8.77
N LEU D 66 -2.08 9.88 -8.07
CA LEU D 66 -2.18 10.61 -6.82
C LEU D 66 -2.88 11.95 -7.07
N SER D 67 -2.47 12.61 -8.14
CA SER D 67 -3.06 13.85 -8.54
C SER D 67 -4.58 13.73 -8.75
N TYR D 68 -5.03 12.69 -9.44
CA TYR D 68 -6.44 12.56 -9.73
C TYR D 68 -7.22 12.14 -8.48
N VAL D 69 -6.60 11.37 -7.59
CA VAL D 69 -7.26 10.98 -6.36
C VAL D 69 -7.49 12.24 -5.53
N PHE D 70 -6.45 13.07 -5.46
CA PHE D 70 -6.58 14.33 -4.79
C PHE D 70 -7.71 15.14 -5.41
N MET D 71 -7.79 15.20 -6.73
CA MET D 71 -8.76 16.06 -7.38
C MET D 71 -10.17 15.52 -7.17
N VAL D 72 -10.33 14.21 -7.12
CA VAL D 72 -11.66 13.64 -6.95
C VAL D 72 -12.17 14.00 -5.56
N LEU D 73 -11.30 13.90 -4.56
CA LEU D 73 -11.66 14.29 -3.21
C LEU D 73 -11.89 15.80 -3.13
N ALA D 74 -11.03 16.60 -3.72
CA ALA D 74 -11.27 18.03 -3.77
C ALA D 74 -12.63 18.35 -4.40
N PHE D 75 -13.03 17.57 -5.42
CA PHE D 75 -14.26 17.84 -6.15
C PHE D 75 -15.46 17.65 -5.22
N THR D 76 -15.39 16.59 -4.42
CA THR D 76 -16.45 16.29 -3.48
C THR D 76 -16.57 17.37 -2.41
N SER D 77 -15.49 18.10 -2.13
CA SER D 77 -15.52 19.13 -1.12
C SER D 77 -15.53 20.54 -1.68
N GLY D 78 -15.40 20.73 -2.99
CA GLY D 78 -15.17 22.04 -3.52
C GLY D 78 -16.41 22.65 -4.14
N TYR D 79 -17.52 21.92 -4.15
CA TYR D 79 -18.78 22.45 -4.63
C TYR D 79 -19.89 22.13 -3.63
N ASP D 80 -20.84 23.03 -3.45
CA ASP D 80 -21.97 22.80 -2.54
C ASP D 80 -23.27 22.86 -3.31
N HIS D 81 -24.14 21.88 -3.10
CA HIS D 81 -25.39 21.82 -3.83
C HIS D 81 -26.29 22.88 -3.26
N VAL D 82 -26.68 23.84 -4.08
CA VAL D 82 -27.53 24.94 -3.64
C VAL D 82 -28.59 25.15 -4.70
N GLY D 83 -29.82 24.75 -4.37
CA GLY D 83 -30.86 24.76 -5.38
C GLY D 83 -30.61 23.61 -6.35
N SER D 84 -30.57 23.96 -7.63
CA SER D 84 -30.29 22.99 -8.67
C SER D 84 -28.86 23.16 -9.20
N LEU D 85 -28.03 23.97 -8.51
CA LEU D 85 -26.69 24.25 -8.98
C LEU D 85 -25.67 23.74 -7.98
N TRP D 86 -24.49 23.39 -8.49
CA TRP D 86 -23.36 23.16 -7.61
C TRP D 86 -22.49 24.42 -7.62
N VAL D 87 -22.32 25.03 -6.47
CA VAL D 87 -21.65 26.31 -6.38
C VAL D 87 -20.25 26.07 -5.83
N PRO D 88 -19.20 26.56 -6.51
CA PRO D 88 -17.82 26.31 -6.08
C PRO D 88 -17.49 27.10 -4.83
N ASN D 89 -16.82 26.47 -3.87
CA ASN D 89 -16.22 27.15 -2.73
C ASN D 89 -14.72 27.38 -2.94
N SER D 90 -13.96 27.65 -1.89
CA SER D 90 -12.58 28.08 -2.06
C SER D 90 -11.66 26.90 -2.36
N GLU D 91 -12.17 25.68 -2.25
CA GLU D 91 -11.42 24.48 -2.54
C GLU D 91 -11.57 24.05 -4.01
N ALA D 92 -12.42 24.73 -4.79
CA ALA D 92 -12.73 24.27 -6.13
C ALA D 92 -11.47 24.36 -7.02
N ILE D 93 -10.58 25.28 -6.68
CA ILE D 93 -9.35 25.44 -7.45
C ILE D 93 -8.48 24.17 -7.38
N MET D 94 -8.64 23.37 -6.34
CA MET D 94 -7.92 22.13 -6.18
C MET D 94 -8.48 21.03 -7.06
N THR D 95 -9.47 21.33 -7.90
CA THR D 95 -9.91 20.40 -8.91
C THR D 95 -9.27 20.70 -10.26
N ILE D 96 -8.48 21.77 -10.34
CA ILE D 96 -7.83 22.15 -11.58
C ILE D 96 -6.31 22.22 -11.38
N ALA D 97 -5.87 22.91 -10.33
CA ALA D 97 -4.47 23.18 -10.13
C ALA D 97 -3.60 21.92 -10.00
N PRO D 98 -4.02 20.83 -9.35
CA PRO D 98 -3.18 19.64 -9.26
C PRO D 98 -2.75 18.99 -10.56
N ARG D 99 -3.44 19.27 -11.66
CA ARG D 99 -2.97 18.79 -12.95
C ARG D 99 -1.58 19.34 -13.28
N TYR D 100 -1.32 20.59 -12.90
CA TYR D 100 -0.02 21.23 -13.14
C TYR D 100 1.08 20.57 -12.34
N VAL D 101 0.75 19.99 -11.20
CA VAL D 101 1.72 19.27 -10.42
C VAL D 101 2.08 18.00 -11.16
N GLU D 102 1.07 17.21 -11.48
CA GLU D 102 1.20 16.00 -12.29
C GLU D 102 2.04 16.29 -13.54
N TRP D 103 1.68 17.26 -14.35
CA TRP D 103 2.40 17.51 -15.57
C TRP D 103 3.84 17.93 -15.34
N SER D 104 4.11 18.59 -14.21
CA SER D 104 5.43 19.09 -13.91
C SER D 104 6.39 17.92 -13.71
N ILE D 105 5.88 16.77 -13.32
CA ILE D 105 6.71 15.60 -13.22
C ILE D 105 6.60 14.74 -14.47
N ALA D 106 5.38 14.56 -14.97
CA ALA D 106 5.11 13.58 -16.01
C ALA D 106 5.70 14.01 -17.34
N VAL D 107 5.70 15.29 -17.69
CA VAL D 107 6.19 15.61 -19.01
C VAL D 107 7.70 15.42 -19.06
N PRO D 108 8.48 15.87 -18.07
CA PRO D 108 9.89 15.47 -17.98
C PRO D 108 10.13 13.96 -17.97
N LEU D 109 9.31 13.19 -17.25
CA LEU D 109 9.48 11.76 -17.23
C LEU D 109 9.16 11.13 -18.58
N LEU D 110 8.19 11.68 -19.34
CA LEU D 110 7.95 11.21 -20.69
C LEU D 110 9.17 11.45 -21.55
N SER D 111 9.80 12.60 -21.41
CA SER D 111 11.00 12.90 -22.16
C SER D 111 12.07 11.86 -21.87
N ILE D 112 12.20 11.51 -20.59
CA ILE D 112 13.20 10.56 -20.15
C ILE D 112 12.86 9.18 -20.72
N GLU D 113 11.59 8.80 -20.66
CA GLU D 113 11.13 7.54 -21.21
C GLU D 113 11.44 7.43 -22.71
N LEU D 114 11.14 8.47 -23.47
CA LEU D 114 11.41 8.41 -24.90
C LEU D 114 12.88 8.24 -25.19
N LEU D 115 13.74 8.90 -24.42
CA LEU D 115 15.18 8.90 -24.70
C LEU D 115 15.85 7.65 -24.15
N SER D 116 15.15 6.94 -23.28
CA SER D 116 15.61 5.72 -22.63
C SER D 116 15.85 4.61 -23.64
N VAL D 117 15.17 4.67 -24.77
CA VAL D 117 15.22 3.59 -25.73
C VAL D 117 15.89 4.10 -26.99
N ALA D 118 16.41 5.32 -26.95
CA ALA D 118 17.11 5.86 -28.09
C ALA D 118 18.61 5.52 -27.97
N THR D 119 19.41 5.87 -28.96
CA THR D 119 20.78 5.40 -29.00
C THR D 119 21.79 6.51 -28.74
N LEU D 120 21.38 7.57 -28.05
CA LEU D 120 22.31 8.64 -27.73
C LEU D 120 23.04 8.22 -26.46
N SER D 121 24.32 8.61 -26.34
CA SER D 121 25.09 8.38 -25.12
C SER D 121 26.28 9.34 -25.06
N GLY D 122 26.95 9.39 -23.89
CA GLY D 122 28.03 10.32 -23.66
C GLY D 122 27.54 11.68 -23.16
N VAL D 123 28.27 12.74 -23.51
CA VAL D 123 27.98 14.08 -23.04
C VAL D 123 26.64 14.52 -23.66
N SER D 124 26.48 14.24 -24.95
CA SER D 124 25.25 14.52 -25.66
C SER D 124 24.05 13.94 -24.92
N ALA D 125 24.16 12.71 -24.43
CA ALA D 125 23.04 12.09 -23.75
C ALA D 125 22.62 12.94 -22.56
N ARG D 126 23.60 13.34 -21.73
CA ARG D 126 23.34 14.08 -20.52
C ARG D 126 22.86 15.50 -20.89
N ARG D 127 23.47 16.08 -21.90
CA ARG D 127 23.08 17.39 -22.39
C ARG D 127 21.61 17.34 -22.79
N THR D 128 21.24 16.34 -23.60
CA THR D 128 19.90 16.20 -24.12
C THR D 128 18.91 15.94 -22.98
N ARG D 129 19.24 15.01 -22.10
CA ARG D 129 18.31 14.68 -21.03
C ARG D 129 18.06 15.89 -20.14
N LEU D 130 19.10 16.68 -19.85
CA LEU D 130 18.94 17.82 -18.98
C LEU D 130 18.13 18.89 -19.70
N ALA D 131 18.55 19.24 -20.90
CA ALA D 131 17.79 20.22 -21.64
C ALA D 131 16.31 19.82 -21.74
N ALA D 132 16.02 18.56 -22.03
CA ALA D 132 14.65 18.15 -22.31
C ALA D 132 13.85 18.16 -21.00
N VAL D 133 14.45 17.72 -19.92
CA VAL D 133 13.79 17.78 -18.63
C VAL D 133 13.51 19.23 -18.20
N ALA D 134 14.49 20.11 -18.38
CA ALA D 134 14.38 21.49 -17.97
C ALA D 134 13.31 22.18 -18.78
N GLY D 135 13.36 21.99 -20.10
CA GLY D 135 12.40 22.60 -21.01
C GLY D 135 10.99 22.13 -20.68
N ALA D 136 10.83 20.86 -20.38
CA ALA D 136 9.55 20.27 -20.15
C ALA D 136 8.98 20.83 -18.86
N PHE D 137 9.82 20.96 -17.84
CA PHE D 137 9.38 21.47 -16.56
C PHE D 137 8.95 22.93 -16.71
N LEU D 138 9.73 23.71 -17.44
CA LEU D 138 9.45 25.13 -17.58
C LEU D 138 8.20 25.41 -18.40
N MET D 139 7.92 24.56 -19.38
CA MET D 139 6.70 24.70 -20.15
C MET D 139 5.49 24.58 -19.21
N ILE D 140 5.50 23.60 -18.32
CA ILE D 140 4.38 23.41 -17.43
C ILE D 140 4.34 24.52 -16.40
N PHE D 141 5.48 24.89 -15.83
CA PHE D 141 5.52 25.84 -14.74
C PHE D 141 5.04 27.21 -15.25
N THR D 142 5.50 27.67 -16.41
CA THR D 142 5.04 28.94 -16.95
C THR D 142 3.56 28.86 -17.29
N GLY D 143 3.07 27.69 -17.73
CA GLY D 143 1.65 27.47 -17.89
C GLY D 143 0.88 27.65 -16.59
N PHE D 144 1.38 27.08 -15.51
CA PHE D 144 0.78 27.19 -14.20
C PHE D 144 0.73 28.65 -13.74
N LEU D 145 1.77 29.41 -14.00
CA LEU D 145 1.78 30.80 -13.60
C LEU D 145 0.66 31.58 -14.27
N GLY D 146 0.44 31.36 -15.58
CA GLY D 146 -0.60 32.06 -16.33
C GLY D 146 -1.99 31.58 -15.93
N ALA D 147 -2.13 30.28 -15.83
CA ALA D 147 -3.44 29.72 -15.66
C ALA D 147 -3.94 29.76 -14.21
N VAL D 148 -3.04 29.81 -13.22
CA VAL D 148 -3.47 29.69 -11.83
C VAL D 148 -2.98 30.85 -10.99
N VAL D 149 -1.74 31.34 -11.19
CA VAL D 149 -1.08 32.12 -10.17
C VAL D 149 -1.17 33.61 -10.48
N ILE D 150 -0.61 34.07 -11.58
CA ILE D 150 -0.58 35.50 -11.86
C ILE D 150 -1.91 35.96 -12.41
N GLY D 151 -2.65 36.73 -11.62
CA GLY D 151 -3.99 37.18 -11.99
C GLY D 151 -5.07 36.25 -11.48
N ASP D 152 -4.68 35.17 -10.82
CA ASP D 152 -5.62 34.23 -10.21
C ASP D 152 -6.43 33.50 -11.26
N GLY D 153 -5.90 33.38 -12.47
CA GLY D 153 -6.59 32.69 -13.55
C GLY D 153 -7.67 33.56 -14.19
N ARG D 154 -7.65 34.87 -13.93
CA ARG D 154 -8.74 35.72 -14.37
C ARG D 154 -8.27 36.78 -15.34
N SER D 155 -6.96 36.81 -15.64
CA SER D 155 -6.38 37.86 -16.47
C SER D 155 -6.08 37.32 -17.86
N VAL D 156 -6.69 37.90 -18.87
CA VAL D 156 -6.47 37.44 -20.23
C VAL D 156 -5.02 37.73 -20.61
N GLY D 157 -4.57 38.95 -20.37
CA GLY D 157 -3.18 39.31 -20.64
C GLY D 157 -2.18 38.36 -20.01
N SER D 158 -2.36 38.02 -18.76
CA SER D 158 -1.46 37.11 -18.09
C SER D 158 -1.51 35.75 -18.75
N LEU D 159 -2.69 35.27 -19.12
CA LEU D 159 -2.82 33.95 -19.73
C LEU D 159 -2.13 33.93 -21.09
N ILE D 160 -2.24 35.02 -21.81
CA ILE D 160 -1.66 35.09 -23.13
C ILE D 160 -0.16 35.13 -23.05
N ILE D 161 0.38 35.99 -22.17
CA ILE D 161 1.81 36.14 -22.07
C ILE D 161 2.44 34.84 -21.60
N TRP D 162 1.92 34.28 -20.52
CA TRP D 162 2.53 33.11 -19.96
C TRP D 162 2.28 31.90 -20.83
N GLY D 163 1.20 31.93 -21.62
CA GLY D 163 0.93 30.86 -22.54
C GLY D 163 1.93 30.90 -23.68
N ALA D 164 2.28 32.11 -24.10
CA ALA D 164 3.25 32.24 -25.17
C ALA D 164 4.61 31.76 -24.71
N ILE D 165 4.99 32.14 -23.50
CA ILE D 165 6.24 31.68 -22.92
C ILE D 165 6.22 30.16 -22.83
N SER D 166 5.10 29.59 -22.41
CA SER D 166 5.04 28.15 -22.27
C SER D 166 5.20 27.49 -23.64
N THR D 167 4.65 28.11 -24.67
CA THR D 167 4.72 27.64 -26.04
C THR D 167 6.16 27.64 -26.54
N VAL D 168 6.96 28.62 -26.14
CA VAL D 168 8.36 28.63 -26.56
C VAL D 168 9.08 27.44 -25.97
N PHE D 169 8.91 27.19 -24.68
CA PHE D 169 9.54 26.05 -24.07
C PHE D 169 9.05 24.75 -24.68
N TRP D 170 7.81 24.74 -25.17
CA TRP D 170 7.26 23.57 -25.84
C TRP D 170 8.05 23.30 -27.10
N ILE D 171 8.18 24.32 -27.94
CA ILE D 171 8.94 24.23 -29.16
C ILE D 171 10.36 23.76 -28.85
N ILE D 172 11.03 24.37 -27.90
CA ILE D 172 12.40 24.01 -27.62
C ILE D 172 12.47 22.52 -27.25
N THR D 173 11.65 22.07 -26.30
CA THR D 173 11.70 20.70 -25.84
C THR D 173 11.44 19.74 -26.99
N ALA D 174 10.44 20.06 -27.80
CA ALA D 174 10.10 19.25 -28.95
C ALA D 174 11.27 19.11 -29.90
N VAL D 175 11.94 20.21 -30.21
CA VAL D 175 13.04 20.18 -31.16
C VAL D 175 14.16 19.33 -30.61
N ILE D 176 14.50 19.50 -29.34
CA ILE D 176 15.55 18.74 -28.69
C ILE D 176 15.24 17.25 -28.76
N LEU D 177 13.97 16.87 -28.56
CA LEU D 177 13.62 15.47 -28.52
C LEU D 177 13.62 14.93 -29.95
N ILE D 178 13.10 15.70 -30.88
CA ILE D 178 12.97 15.20 -32.23
C ILE D 178 14.35 15.03 -32.83
N ARG D 179 15.26 15.93 -32.50
CA ARG D 179 16.61 15.83 -33.03
C ARG D 179 17.27 14.58 -32.46
N ALA D 180 16.96 14.22 -31.21
CA ALA D 180 17.60 13.08 -30.60
C ALA D 180 17.11 11.81 -31.27
N ILE D 181 15.81 11.70 -31.41
CA ILE D 181 15.22 10.56 -32.07
C ILE D 181 15.76 10.46 -33.50
N ARG D 182 15.84 11.57 -34.21
CA ARG D 182 16.25 11.52 -35.61
C ARG D 182 17.67 10.99 -35.70
N HIS D 183 18.50 11.32 -34.72
CA HIS D 183 19.88 10.89 -34.73
C HIS D 183 19.99 9.41 -34.36
N SER D 184 19.05 8.92 -33.55
CA SER D 184 19.04 7.55 -33.08
C SER D 184 18.54 6.60 -34.15
N LEU D 185 17.58 7.02 -34.96
CA LEU D 185 16.86 6.09 -35.80
C LEU D 185 17.82 5.32 -36.70
N PRO D 186 18.85 5.96 -37.27
CA PRO D 186 19.81 5.24 -38.13
C PRO D 186 20.64 4.17 -37.42
N GLN D 187 20.68 4.23 -36.09
CA GLN D 187 21.56 3.37 -35.33
C GLN D 187 20.75 2.28 -34.65
N LEU D 188 19.46 2.20 -34.96
CA LEU D 188 18.59 1.18 -34.40
C LEU D 188 18.33 0.16 -35.51
N THR D 189 17.80 -0.99 -35.12
CA THR D 189 17.38 -1.97 -36.11
C THR D 189 16.13 -1.42 -36.77
N PRO D 190 15.85 -1.75 -38.04
CA PRO D 190 14.64 -1.29 -38.70
C PRO D 190 13.36 -1.44 -37.87
N GLU D 191 13.22 -2.56 -37.19
CA GLU D 191 11.98 -2.83 -36.48
C GLU D 191 11.82 -1.81 -35.35
N ALA D 192 12.89 -1.58 -34.59
CA ALA D 192 12.86 -0.66 -33.48
C ALA D 192 12.74 0.77 -34.00
N ALA D 193 13.49 1.11 -35.05
CA ALA D 193 13.45 2.44 -35.61
C ALA D 193 12.02 2.82 -35.96
N ALA D 194 11.31 1.91 -36.61
CA ALA D 194 9.94 2.15 -37.00
C ALA D 194 9.02 2.36 -35.81
N LEU D 195 9.19 1.55 -34.78
CA LEU D 195 8.37 1.71 -33.60
C LEU D 195 8.67 3.02 -32.87
N LEU D 196 9.96 3.38 -32.81
CA LEU D 196 10.38 4.59 -32.12
C LEU D 196 9.86 5.84 -32.82
N LYS D 197 9.82 5.80 -34.16
CA LYS D 197 9.35 6.95 -34.91
C LYS D 197 7.86 7.16 -34.65
N THR D 198 7.09 6.08 -34.73
CA THR D 198 5.67 6.11 -34.42
C THR D 198 5.43 6.63 -33.01
N ALA D 199 6.11 6.05 -32.02
CA ALA D 199 5.94 6.47 -30.64
C ALA D 199 6.22 7.97 -30.50
N THR D 200 7.23 8.48 -31.21
CA THR D 200 7.56 9.90 -31.13
C THR D 200 6.41 10.77 -31.63
N ILE D 201 5.74 10.42 -32.72
N ILE D 201 5.85 10.37 -32.77
CA ILE D 201 4.61 11.20 -33.21
CA ILE D 201 4.74 11.05 -33.40
C ILE D 201 3.44 11.23 -32.22
C ILE D 201 3.52 11.02 -32.48
N PHE D 202 3.22 10.12 -31.51
N PHE D 202 3.29 9.89 -31.82
CA PHE D 202 2.13 10.02 -30.56
CA PHE D 202 2.15 9.74 -30.93
C PHE D 202 2.34 10.92 -29.35
C PHE D 202 2.30 10.66 -29.72
N LEU D 203 3.58 11.10 -28.89
N LEU D 203 3.49 10.64 -29.10
CA LEU D 203 3.83 11.95 -27.73
CA LEU D 203 3.71 11.37 -27.87
C LEU D 203 3.72 13.42 -28.13
C LEU D 203 3.72 12.87 -28.14
N MET D 204 4.19 13.77 -29.32
N MET D 204 4.28 13.27 -29.26
CA MET D 204 4.19 15.17 -29.70
CA MET D 204 4.39 14.68 -29.56
C MET D 204 2.77 15.58 -30.01
C MET D 204 3.00 15.21 -29.90
N SER D 205 2.06 14.71 -30.71
N SER D 205 2.24 14.41 -30.62
CA SER D 205 0.69 14.96 -31.10
CA SER D 205 0.92 14.83 -31.08
C SER D 205 -0.17 15.01 -29.86
C SER D 205 -0.03 14.98 -29.89
N GLY D 206 0.12 14.12 -28.91
CA GLY D 206 -0.65 14.13 -27.69
C GLY D 206 -0.45 15.42 -26.91
N TRP D 207 0.75 16.00 -27.01
CA TRP D 207 1.04 17.25 -26.34
C TRP D 207 0.19 18.38 -26.88
N ALA D 208 -0.17 18.35 -28.16
CA ALA D 208 -0.88 19.48 -28.75
C ALA D 208 -2.31 19.60 -28.24
N VAL D 209 -2.84 18.56 -27.60
CA VAL D 209 -4.21 18.66 -27.10
C VAL D 209 -4.27 19.60 -25.90
N TYR D 210 -3.21 19.65 -25.09
CA TYR D 210 -3.31 20.30 -23.79
C TYR D 210 -3.50 21.81 -23.94
N PRO D 211 -2.71 22.51 -24.78
CA PRO D 211 -2.94 23.94 -25.03
C PRO D 211 -4.39 24.29 -25.37
N LEU D 212 -5.18 23.36 -25.91
CA LEU D 212 -6.57 23.66 -26.25
C LEU D 212 -7.39 23.95 -25.00
N ALA D 213 -7.14 23.24 -23.92
CA ALA D 213 -7.84 23.53 -22.69
C ALA D 213 -7.45 24.91 -22.15
N TYR D 214 -6.20 25.32 -22.40
CA TYR D 214 -5.73 26.61 -21.94
C TYR D 214 -6.46 27.69 -22.73
N LEU D 215 -6.64 27.47 -24.03
CA LEU D 215 -7.31 28.44 -24.87
C LEU D 215 -8.78 28.60 -24.46
N ILE D 216 -9.41 27.52 -23.99
CA ILE D 216 -10.77 27.65 -23.51
C ILE D 216 -10.78 28.60 -22.33
N GLN D 217 -9.91 28.37 -21.35
CA GLN D 217 -9.84 29.25 -20.20
C GLN D 217 -9.71 30.72 -20.64
N ILE D 218 -8.94 31.01 -21.67
CA ILE D 218 -8.82 32.37 -22.16
C ILE D 218 -10.11 32.91 -22.72
N LEU D 219 -10.83 32.09 -23.53
CA LEU D 219 -11.85 32.57 -24.43
C LEU D 219 -13.27 32.41 -23.91
N PHE D 220 -13.54 31.39 -23.08
CA PHE D 220 -14.91 31.07 -22.68
C PHE D 220 -15.00 30.71 -21.20
N ALA D 221 -16.05 31.19 -20.53
CA ALA D 221 -16.26 30.86 -19.12
C ALA D 221 -17.70 30.42 -18.90
N GLY D 222 -17.88 29.44 -18.02
CA GLY D 222 -19.18 28.92 -17.71
C GLY D 222 -19.04 27.46 -17.33
N GLY D 223 -20.13 26.84 -16.88
CA GLY D 223 -20.11 25.47 -16.43
C GLY D 223 -19.82 24.51 -17.57
N LEU D 224 -20.36 24.82 -18.74
CA LEU D 224 -20.14 23.97 -19.90
C LEU D 224 -18.66 23.96 -20.28
N TRP D 225 -18.00 25.12 -20.15
CA TRP D 225 -16.60 25.27 -20.47
C TRP D 225 -15.71 24.63 -19.41
N THR D 226 -16.05 24.80 -18.16
CA THR D 226 -15.32 24.07 -17.13
C THR D 226 -15.43 22.57 -17.41
N THR D 227 -16.61 22.14 -17.83
CA THR D 227 -16.85 20.71 -18.05
C THR D 227 -15.98 20.26 -19.21
N SER D 228 -15.99 21.06 -20.28
CA SER D 228 -15.19 20.79 -21.44
C SER D 228 -13.70 20.69 -21.12
N ILE D 229 -13.19 21.60 -20.29
CA ILE D 229 -11.80 21.59 -19.91
C ILE D 229 -11.49 20.26 -19.25
N HIS D 230 -12.30 19.84 -18.28
CA HIS D 230 -12.04 18.63 -17.54
C HIS D 230 -12.14 17.40 -18.47
N ILE D 231 -13.05 17.42 -19.45
CA ILE D 231 -13.22 16.27 -20.29
C ILE D 231 -12.02 16.17 -21.21
N ILE D 232 -11.61 17.28 -21.80
CA ILE D 232 -10.45 17.28 -22.68
C ILE D 232 -9.20 16.85 -21.91
N LEU D 233 -8.97 17.38 -20.72
CA LEU D 233 -7.74 17.09 -20.04
C LEU D 233 -7.74 15.68 -19.48
N CYS D 234 -8.87 15.20 -19.00
CA CYS D 234 -8.98 13.83 -18.51
C CYS D 234 -8.73 12.86 -19.65
N THR D 235 -9.31 13.14 -20.81
CA THR D 235 -9.23 12.24 -21.93
C THR D 235 -7.80 12.23 -22.44
N ALA D 236 -7.18 13.39 -22.61
CA ALA D 236 -5.78 13.45 -22.99
C ALA D 236 -4.91 12.70 -21.98
N ASP D 237 -5.14 12.90 -20.69
CA ASP D 237 -4.35 12.19 -19.71
C ASP D 237 -4.48 10.69 -19.94
N ILE D 238 -5.69 10.17 -20.13
CA ILE D 238 -5.88 8.74 -20.31
C ILE D 238 -5.12 8.28 -21.57
N VAL D 239 -5.36 8.93 -22.69
CA VAL D 239 -4.79 8.50 -23.94
C VAL D 239 -3.25 8.59 -23.91
N VAL D 240 -2.70 9.68 -23.42
CA VAL D 240 -1.26 9.84 -23.41
C VAL D 240 -0.61 8.90 -22.39
N LYS D 241 -1.20 8.69 -21.22
N LYS D 241 -1.20 8.75 -21.21
CA LYS D 241 -0.49 7.97 -20.17
CA LYS D 241 -0.51 8.03 -20.16
C LYS D 241 -0.81 6.47 -20.16
C LYS D 241 -0.81 6.55 -20.27
N LEU D 242 -1.63 6.00 -21.09
N LEU D 242 -2.10 6.19 -20.20
CA LEU D 242 -1.77 4.56 -21.26
CA LEU D 242 -2.46 4.80 -20.28
C LEU D 242 -1.18 4.16 -22.60
C LEU D 242 -2.43 4.30 -21.73
N GLY D 243 -1.54 4.90 -23.65
N GLY D 243 -2.89 5.11 -22.67
CA GLY D 243 -1.09 4.64 -25.02
CA GLY D 243 -2.93 4.66 -24.04
C GLY D 243 0.42 4.74 -25.21
C GLY D 243 -1.54 4.36 -24.59
N PHE D 244 1.00 5.86 -24.82
N PHE D 244 -0.58 5.25 -24.29
CA PHE D 244 2.41 6.12 -25.09
CA PHE D 244 0.77 5.16 -24.85
C PHE D 244 3.30 5.20 -24.25
C PHE D 244 1.76 4.53 -23.86
N CYS D 245 2.85 4.94 -23.03
N CYS D 245 1.28 3.93 -22.77
CA CYS D 245 3.65 4.18 -22.10
CA CYS D 245 2.19 3.39 -21.76
C CYS D 245 3.74 2.74 -22.58
C CYS D 245 2.87 2.11 -22.26
N GLY D 246 2.62 2.21 -23.11
N GLY D 246 2.37 1.59 -23.38
CA GLY D 246 2.61 0.91 -23.73
CA GLY D 246 2.89 0.34 -23.89
C GLY D 246 3.60 0.84 -24.88
C GLY D 246 3.79 0.55 -25.09
N LEU D 247 3.73 1.94 -25.62
N LEU D 247 3.78 1.75 -25.66
CA LEU D 247 4.53 1.97 -26.83
CA LEU D 247 4.58 2.01 -26.85
C LEU D 247 6.02 1.89 -26.54
C LEU D 247 6.06 1.91 -26.55
N ILE D 248 6.51 2.56 -25.49
CA ILE D 248 7.91 2.56 -25.13
C ILE D 248 8.26 1.21 -24.52
N HIS D 249 7.31 0.64 -23.80
CA HIS D 249 7.52 -0.66 -23.21
C HIS D 249 7.79 -1.69 -24.32
N ARG D 250 7.00 -1.65 -25.39
CA ARG D 250 7.22 -2.54 -26.50
C ARG D 250 8.63 -2.36 -27.08
N ILE D 251 9.11 -1.13 -27.26
CA ILE D 251 10.43 -0.90 -27.83
C ILE D 251 11.51 -1.41 -26.88
N ALA D 252 11.32 -1.19 -25.58
CA ALA D 252 12.28 -1.65 -24.62
C ALA D 252 12.32 -3.18 -24.68
N LYS D 253 11.17 -3.84 -24.82
CA LYS D 253 11.12 -5.28 -24.96
C LYS D 253 11.83 -5.72 -26.22
N LEU D 254 11.55 -5.08 -27.32
CA LEU D 254 12.21 -5.43 -28.56
C LEU D 254 13.73 -5.25 -28.50
N ARG D 255 14.21 -4.17 -27.91
CA ARG D 255 15.65 -3.95 -27.82
C ARG D 255 16.27 -4.96 -26.85
N THR D 256 15.54 -5.31 -25.78
CA THR D 256 15.99 -6.37 -24.90
C THR D 256 16.19 -7.66 -25.65
N ALA D 257 15.18 -8.07 -26.40
CA ALA D 257 15.20 -9.31 -27.16
C ALA D 257 16.31 -9.28 -28.18
N GLU D 258 16.63 -8.13 -28.77
CA GLU D 258 17.69 -8.05 -29.76
C GLU D 258 19.05 -8.21 -29.10
N ASP D 259 19.19 -7.70 -27.87
CA ASP D 259 20.40 -7.90 -27.10
C ASP D 259 20.59 -9.37 -26.73
N VAL D 260 19.50 -10.06 -26.37
CA VAL D 260 19.55 -11.46 -26.04
C VAL D 260 20.01 -12.27 -27.26
N ARG D 261 19.43 -12.01 -28.42
CA ARG D 261 19.79 -12.74 -29.62
C ARG D 261 21.19 -12.41 -30.12
N ALA D 262 21.74 -11.28 -29.71
CA ALA D 262 23.06 -10.86 -30.16
C ALA D 262 24.12 -11.35 -29.19
N GLY D 263 23.69 -11.88 -28.04
CA GLY D 263 24.59 -12.30 -26.99
C GLY D 263 25.05 -11.15 -26.10
N VAL D 264 24.50 -9.96 -26.29
CA VAL D 264 24.89 -8.82 -25.48
C VAL D 264 24.44 -9.01 -24.04
N ASP D 265 23.30 -9.66 -23.82
CA ASP D 265 22.84 -9.93 -22.47
C ASP D 265 21.96 -11.19 -22.49
N ILE D 266 21.53 -11.63 -21.33
CA ILE D 266 20.61 -12.74 -21.20
C ILE D 266 19.37 -12.21 -20.49
N HIS D 267 18.23 -12.90 -20.63
CA HIS D 267 17.02 -12.48 -19.96
C HIS D 267 16.39 -13.71 -19.33
N THR D 268 15.79 -13.56 -18.17
CA THR D 268 15.36 -14.73 -17.44
C THR D 268 14.12 -15.36 -18.06
N GLU D 269 13.26 -14.57 -18.69
CA GLU D 269 12.10 -15.14 -19.35
C GLU D 269 12.16 -14.87 -20.84
N ALA D 270 11.36 -15.61 -21.60
CA ALA D 270 11.10 -15.32 -22.99
C ALA D 270 10.33 -14.02 -23.12
N ILE D 271 10.54 -13.34 -24.25
CA ILE D 271 9.89 -12.10 -24.53
C ILE D 271 8.95 -12.35 -25.68
N TRP D 272 7.67 -12.01 -25.44
CA TRP D 272 6.61 -12.13 -26.43
C TRP D 272 6.09 -10.73 -26.79
N ILE D 273 5.98 -10.46 -28.08
CA ILE D 273 5.48 -9.18 -28.52
C ILE D 273 4.44 -9.45 -29.58
N SER D 274 3.19 -9.09 -29.29
CA SER D 274 2.08 -9.30 -30.22
C SER D 274 2.00 -10.77 -30.57
N SER D 275 2.07 -11.60 -29.53
CA SER D 275 1.85 -13.03 -29.66
C SER D 275 3.04 -13.76 -30.29
N VAL D 276 4.08 -13.06 -30.72
CA VAL D 276 5.22 -13.70 -31.36
C VAL D 276 6.43 -13.68 -30.45
N LYS D 277 7.14 -14.81 -30.34
CA LYS D 277 8.28 -14.95 -29.45
C LYS D 277 9.49 -14.25 -30.07
N GLN D 278 10.15 -13.38 -29.30
CA GLN D 278 11.21 -12.55 -29.83
C GLN D 278 12.54 -13.07 -29.33
N SER D 279 12.56 -13.64 -28.14
CA SER D 279 13.77 -14.21 -27.58
C SER D 279 13.38 -15.33 -26.61
N ASP D 280 14.27 -16.31 -26.42
CA ASP D 280 14.08 -17.39 -25.44
C ASP D 280 14.60 -17.03 -24.06
N ALA D 281 14.02 -17.66 -23.03
CA ALA D 281 14.55 -17.58 -21.66
C ALA D 281 15.94 -18.20 -21.62
N GLY D 282 16.84 -17.59 -20.84
CA GLY D 282 18.22 -18.04 -20.79
C GLY D 282 18.78 -17.95 -19.38
N ILE D 283 19.95 -18.56 -19.18
CA ILE D 283 20.64 -18.51 -17.88
C ILE D 283 22.10 -18.15 -18.14
N PRO D 284 22.76 -17.47 -17.16
CA PRO D 284 24.19 -17.17 -17.23
C PRO D 284 24.98 -18.48 -17.32
N THR D 285 26.05 -18.50 -18.12
CA THR D 285 26.83 -19.73 -18.26
C THR D 285 27.56 -19.97 -16.93
N ASP E 3 -42.38 11.72 -18.71
CA ASP E 3 -42.82 11.27 -17.36
C ASP E 3 -41.61 11.28 -16.44
N MET E 4 -41.78 11.94 -15.29
CA MET E 4 -40.72 12.04 -14.31
C MET E 4 -40.84 10.86 -13.34
N ILE E 5 -39.68 10.30 -12.99
CA ILE E 5 -39.58 9.35 -11.90
C ILE E 5 -38.59 9.89 -10.85
N SER E 6 -38.51 9.26 -9.70
CA SER E 6 -37.49 9.64 -8.74
C SER E 6 -36.27 8.76 -8.95
N ALA E 7 -35.07 9.33 -8.83
CA ALA E 7 -33.87 8.55 -9.01
C ALA E 7 -33.67 7.63 -7.80
N PRO E 8 -32.90 6.54 -7.92
CA PRO E 8 -32.65 5.65 -6.78
C PRO E 8 -32.02 6.29 -5.57
N TRP E 9 -31.17 7.30 -5.77
CA TRP E 9 -30.47 7.93 -4.67
C TRP E 9 -31.34 9.00 -3.99
N GLU E 10 -32.59 9.15 -4.42
CA GLU E 10 -33.51 10.09 -3.84
C GLU E 10 -34.43 9.46 -2.81
N ALA E 11 -34.44 8.14 -2.70
CA ALA E 11 -35.38 7.46 -1.83
C ALA E 11 -34.86 7.46 -0.39
N SER E 12 -35.76 7.66 0.57
CA SER E 12 -35.43 7.45 1.97
C SER E 12 -35.39 5.97 2.31
N LEU E 13 -34.52 5.57 3.22
CA LEU E 13 -34.36 4.15 3.49
C LEU E 13 -34.84 3.88 4.92
N THR E 14 -35.50 2.74 5.11
CA THR E 14 -35.68 2.25 6.46
C THR E 14 -34.35 1.75 7.02
N GLN E 15 -34.31 1.50 8.33
CA GLN E 15 -33.09 1.05 8.98
C GLN E 15 -32.67 -0.30 8.38
N ALA E 16 -33.67 -1.14 8.07
CA ALA E 16 -33.38 -2.43 7.49
C ALA E 16 -32.66 -2.26 6.16
N GLU E 17 -33.26 -1.46 5.27
CA GLU E 17 -32.69 -1.18 3.95
C GLU E 17 -31.31 -0.55 4.05
N HIS E 18 -31.12 0.36 4.98
CA HIS E 18 -29.84 1.04 5.10
C HIS E 18 -28.75 0.03 5.49
N SER E 19 -29.11 -0.87 6.40
CA SER E 19 -28.21 -1.90 6.90
C SER E 19 -27.91 -2.93 5.82
N LEU E 20 -28.92 -3.37 5.07
CA LEU E 20 -28.69 -4.24 3.93
C LEU E 20 -27.76 -3.62 2.88
N ILE E 21 -27.99 -2.37 2.51
CA ILE E 21 -27.13 -1.78 1.50
C ILE E 21 -25.71 -1.71 2.01
N PHE E 22 -25.50 -1.28 3.25
CA PHE E 22 -24.15 -1.21 3.79
C PHE E 22 -23.48 -2.60 3.67
N TYR E 23 -24.21 -3.64 4.06
CA TYR E 23 -23.65 -4.97 4.03
C TYR E 23 -23.19 -5.34 2.61
N PHE E 24 -24.08 -5.22 1.62
CA PHE E 24 -23.76 -5.58 0.25
C PHE E 24 -22.62 -4.75 -0.33
N LEU E 25 -22.55 -3.46 -0.01
CA LEU E 25 -21.46 -2.68 -0.54
C LEU E 25 -20.15 -3.10 0.06
N ALA E 26 -20.15 -3.35 1.36
CA ALA E 26 -18.94 -3.71 2.07
C ALA E 26 -18.53 -5.15 1.71
N LEU E 27 -19.53 -6.00 1.47
CA LEU E 27 -19.27 -7.35 1.05
C LEU E 27 -18.59 -7.37 -0.32
N THR E 28 -19.03 -6.49 -1.22
CA THR E 28 -18.52 -6.48 -2.57
C THR E 28 -17.10 -5.92 -2.55
N GLY E 29 -16.90 -4.84 -1.86
CA GLY E 29 -15.57 -4.27 -1.75
C GLY E 29 -14.56 -5.26 -1.20
N SER E 30 -14.97 -6.05 -0.20
CA SER E 30 -14.13 -7.01 0.46
C SER E 30 -13.84 -8.18 -0.46
N ALA E 31 -14.87 -8.68 -1.11
CA ALA E 31 -14.71 -9.75 -2.06
C ALA E 31 -13.74 -9.35 -3.18
N LEU E 32 -13.84 -8.11 -3.63
CA LEU E 32 -13.01 -7.68 -4.73
C LEU E 32 -11.58 -7.51 -4.25
N LEU E 33 -11.40 -7.13 -2.98
CA LEU E 33 -10.05 -6.97 -2.47
C LEU E 33 -9.37 -8.33 -2.30
N PHE E 34 -10.13 -9.35 -1.89
CA PHE E 34 -9.66 -10.71 -1.93
C PHE E 34 -9.23 -11.07 -3.36
N GLY E 35 -10.07 -10.78 -4.35
CA GLY E 35 -9.81 -11.06 -5.74
C GLY E 35 -8.52 -10.42 -6.23
N LEU E 36 -8.28 -9.21 -5.77
CA LEU E 36 -7.05 -8.56 -6.12
C LEU E 36 -5.86 -9.33 -5.55
N ALA E 37 -5.95 -9.74 -4.30
CA ALA E 37 -4.86 -10.45 -3.66
C ALA E 37 -4.64 -11.79 -4.36
N ARG E 38 -5.73 -12.48 -4.70
CA ARG E 38 -5.63 -13.74 -5.40
C ARG E 38 -4.85 -13.58 -6.71
N THR E 39 -5.12 -12.49 -7.42
CA THR E 39 -4.55 -12.24 -8.72
C THR E 39 -3.07 -12.05 -8.55
N TRP E 40 -2.68 -11.31 -7.53
CA TRP E 40 -1.29 -11.03 -7.30
C TRP E 40 -0.54 -12.29 -6.90
N LEU E 41 -1.10 -13.09 -6.00
CA LEU E 41 -0.49 -14.30 -5.54
C LEU E 41 -0.40 -15.36 -6.62
N THR E 42 -1.24 -15.31 -7.67
CA THR E 42 -1.23 -16.41 -8.61
C THR E 42 -0.65 -15.96 -9.95
N ARG E 43 -0.10 -14.75 -10.01
CA ARG E 43 0.37 -14.18 -11.26
C ARG E 43 1.50 -15.00 -11.88
N GLY E 44 2.35 -15.66 -11.09
CA GLY E 44 3.43 -16.45 -11.64
C GLY E 44 3.01 -17.80 -12.16
N GLU E 45 1.73 -18.14 -12.17
CA GLU E 45 1.32 -19.44 -12.67
C GLU E 45 1.14 -19.40 -14.19
N VAL E 46 1.27 -18.21 -14.77
CA VAL E 46 0.93 -18.01 -16.17
C VAL E 46 2.19 -17.57 -16.88
N GLY E 47 2.42 -18.09 -18.08
CA GLY E 47 3.58 -17.68 -18.84
C GLY E 47 3.47 -16.26 -19.34
N ALA E 48 4.60 -15.67 -19.74
CA ALA E 48 4.67 -14.36 -20.34
C ALA E 48 3.84 -14.24 -21.62
N ARG E 49 3.62 -15.32 -22.35
CA ARG E 49 2.79 -15.26 -23.53
C ARG E 49 1.35 -14.91 -23.20
N TYR E 50 0.91 -15.09 -21.94
CA TYR E 50 -0.49 -14.93 -21.59
C TYR E 50 -0.62 -13.98 -20.42
N ARG E 51 0.38 -13.15 -20.18
CA ARG E 51 0.37 -12.22 -19.07
C ARG E 51 -0.71 -11.14 -19.20
N THR E 52 -1.22 -10.88 -20.39
CA THR E 52 -2.31 -9.93 -20.54
C THR E 52 -3.53 -10.33 -19.71
N ALA E 53 -3.80 -11.62 -19.64
CA ALA E 53 -4.85 -12.11 -18.78
C ALA E 53 -4.70 -11.62 -17.34
N VAL E 54 -3.50 -11.65 -16.80
CA VAL E 54 -3.25 -11.23 -15.43
C VAL E 54 -3.35 -9.73 -15.29
N VAL E 55 -2.84 -9.02 -16.30
CA VAL E 55 -2.86 -7.57 -16.28
C VAL E 55 -4.31 -7.10 -16.30
N ALA E 56 -5.08 -7.61 -17.27
CA ALA E 56 -6.49 -7.26 -17.38
C ALA E 56 -7.22 -7.52 -16.06
N ARG E 57 -7.00 -8.68 -15.47
N ARG E 57 -6.98 -8.71 -15.48
CA ARG E 57 -7.70 -9.07 -14.27
CA ARG E 57 -7.67 -9.15 -14.28
C ARG E 57 -7.29 -8.23 -13.06
C ARG E 57 -7.28 -8.32 -13.05
N SER E 58 -6.00 -7.99 -12.90
CA SER E 58 -5.54 -7.07 -11.90
C SER E 58 -6.27 -5.72 -11.98
N GLY E 59 -6.46 -5.21 -13.20
CA GLY E 59 -7.08 -3.91 -13.40
C GLY E 59 -8.53 -3.94 -13.01
N ILE E 60 -9.25 -4.97 -13.44
CA ILE E 60 -10.62 -5.13 -13.02
C ILE E 60 -10.71 -5.10 -11.50
N MET E 61 -9.87 -5.84 -10.81
CA MET E 61 -9.97 -5.98 -9.39
C MET E 61 -9.58 -4.68 -8.69
N ILE E 62 -8.55 -3.97 -9.19
CA ILE E 62 -8.15 -2.74 -8.53
C ILE E 62 -9.22 -1.65 -8.69
N VAL E 63 -9.72 -1.47 -9.91
CA VAL E 63 -10.67 -0.42 -10.15
C VAL E 63 -11.97 -0.71 -9.41
N ALA E 64 -12.43 -1.97 -9.42
CA ALA E 64 -13.68 -2.32 -8.78
C ALA E 64 -13.55 -2.12 -7.27
N THR E 65 -12.44 -2.51 -6.70
CA THR E 65 -12.25 -2.35 -5.26
C THR E 65 -12.34 -0.88 -4.88
N LEU E 66 -11.63 -0.04 -5.62
CA LEU E 66 -11.56 1.39 -5.32
C LEU E 66 -12.95 1.99 -5.41
N SER E 67 -13.68 1.63 -6.45
CA SER E 67 -15.03 2.07 -6.64
C SER E 67 -15.92 1.74 -5.43
N TYR E 68 -15.84 0.52 -4.93
CA TYR E 68 -16.70 0.12 -3.83
C TYR E 68 -16.27 0.76 -2.52
N VAL E 69 -14.97 0.99 -2.35
CA VAL E 69 -14.49 1.64 -1.15
C VAL E 69 -15.01 3.07 -1.13
N PHE E 70 -14.94 3.71 -2.29
CA PHE E 70 -15.50 5.03 -2.43
C PHE E 70 -16.99 5.01 -2.10
N MET E 71 -17.72 4.02 -2.59
CA MET E 71 -19.16 4.00 -2.42
C MET E 71 -19.51 3.73 -0.96
N VAL E 72 -18.72 2.92 -0.26
CA VAL E 72 -19.04 2.60 1.12
C VAL E 72 -18.88 3.86 1.96
N LEU E 73 -17.82 4.63 1.69
CA LEU E 73 -17.62 5.90 2.37
C LEU E 73 -18.69 6.91 1.98
N ALA E 74 -19.00 7.02 0.71
CA ALA E 74 -20.10 7.87 0.31
C ALA E 74 -21.41 7.50 1.02
N PHE E 75 -21.64 6.19 1.25
CA PHE E 75 -22.87 5.73 1.85
C PHE E 75 -22.98 6.24 3.29
N THR E 76 -21.85 6.19 3.99
CA THR E 76 -21.79 6.66 5.37
C THR E 76 -22.04 8.16 5.44
N SER E 77 -21.76 8.91 4.38
CA SER E 77 -21.94 10.34 4.41
C SER E 77 -23.15 10.81 3.60
N GLY E 78 -23.85 9.92 2.90
CA GLY E 78 -24.84 10.37 1.94
C GLY E 78 -26.24 10.21 2.46
N TYR E 79 -26.41 9.66 3.66
CA TYR E 79 -27.73 9.54 4.28
C TYR E 79 -27.66 10.04 5.72
N ASP E 80 -28.70 10.69 6.21
CA ASP E 80 -28.75 11.17 7.59
C ASP E 80 -29.92 10.53 8.31
N HIS E 81 -29.67 10.01 9.51
CA HIS E 81 -30.70 9.33 10.26
C HIS E 81 -31.63 10.40 10.80
N VAL E 82 -32.89 10.34 10.40
CA VAL E 82 -33.87 11.33 10.81
C VAL E 82 -35.14 10.59 11.16
N GLY E 83 -35.43 10.51 12.46
CA GLY E 83 -36.53 9.67 12.90
C GLY E 83 -36.12 8.21 12.77
N SER E 84 -36.95 7.45 12.07
CA SER E 84 -36.66 6.05 11.81
C SER E 84 -36.22 5.84 10.36
N LEU E 85 -35.94 6.94 9.63
CA LEU E 85 -35.58 6.85 8.23
C LEU E 85 -34.17 7.36 8.01
N TRP E 86 -33.52 6.81 6.98
CA TRP E 86 -32.29 7.42 6.51
C TRP E 86 -32.62 8.27 5.28
N VAL E 87 -32.34 9.56 5.36
CA VAL E 87 -32.76 10.48 4.33
C VAL E 87 -31.52 10.83 3.51
N PRO E 88 -31.59 10.71 2.17
CA PRO E 88 -30.41 10.95 1.32
C PRO E 88 -30.12 12.44 1.24
N ASN E 89 -28.84 12.81 1.34
CA ASN E 89 -28.38 14.17 1.04
C ASN E 89 -27.78 14.25 -0.36
N SER E 90 -26.99 15.28 -0.66
CA SER E 90 -26.56 15.52 -2.04
C SER E 90 -25.41 14.59 -2.43
N GLU E 91 -24.86 13.86 -1.46
CA GLU E 91 -23.79 12.91 -1.71
C GLU E 91 -24.32 11.50 -2.01
N ALA E 92 -25.65 11.28 -1.90
CA ALA E 92 -26.18 9.93 -2.01
C ALA E 92 -25.95 9.40 -3.44
N ILE E 93 -25.88 10.30 -4.42
CA ILE E 93 -25.66 9.89 -5.79
C ILE E 93 -24.29 9.19 -5.97
N MET E 94 -23.35 9.47 -5.08
CA MET E 94 -22.05 8.85 -5.09
C MET E 94 -22.09 7.44 -4.54
N THR E 95 -23.27 6.92 -4.21
CA THR E 95 -23.42 5.52 -3.87
C THR E 95 -23.91 4.72 -5.07
N ILE E 96 -24.20 5.39 -6.19
CA ILE E 96 -24.67 4.72 -7.39
C ILE E 96 -23.76 5.02 -8.57
N ALA E 97 -23.44 6.29 -8.77
CA ALA E 97 -22.71 6.71 -9.95
C ALA E 97 -21.32 6.06 -10.09
N PRO E 98 -20.54 5.84 -9.04
CA PRO E 98 -19.22 5.21 -9.20
C PRO E 98 -19.20 3.82 -9.81
N ARG E 99 -20.32 3.12 -9.82
CA ARG E 99 -20.37 1.84 -10.53
C ARG E 99 -20.10 2.02 -12.02
N TYR E 100 -20.56 3.13 -12.59
CA TYR E 100 -20.37 3.44 -14.00
C TYR E 100 -18.91 3.70 -14.31
N VAL E 101 -18.16 4.18 -13.33
CA VAL E 101 -16.75 4.39 -13.52
C VAL E 101 -16.08 3.03 -13.60
N GLU E 102 -16.29 2.22 -12.59
CA GLU E 102 -15.83 0.83 -12.53
C GLU E 102 -16.15 0.11 -13.84
N TRP E 103 -17.40 0.10 -14.28
CA TRP E 103 -17.76 -0.65 -15.46
C TRP E 103 -17.09 -0.10 -16.71
N SER E 104 -16.82 1.19 -16.74
CA SER E 104 -16.24 1.84 -17.90
C SER E 104 -14.84 1.30 -18.15
N ILE E 105 -14.18 0.84 -17.10
CA ILE E 105 -12.90 0.22 -17.27
C ILE E 105 -13.00 -1.30 -17.31
N ALA E 106 -13.82 -1.87 -16.44
CA ALA E 106 -13.85 -3.31 -16.24
C ALA E 106 -14.46 -4.03 -17.44
N VAL E 107 -15.45 -3.48 -18.12
CA VAL E 107 -16.05 -4.25 -19.19
C VAL E 107 -15.07 -4.32 -20.36
N PRO E 108 -14.43 -3.22 -20.78
CA PRO E 108 -13.32 -3.32 -21.73
C PRO E 108 -12.18 -4.26 -21.30
N LEU E 109 -11.81 -4.25 -20.02
CA LEU E 109 -10.75 -5.13 -19.56
C LEU E 109 -11.20 -6.59 -19.60
N LEU E 110 -12.48 -6.89 -19.34
CA LEU E 110 -12.99 -8.23 -19.50
C LEU E 110 -12.87 -8.67 -20.94
N SER E 111 -13.19 -7.78 -21.87
CA SER E 111 -13.08 -8.10 -23.28
C SER E 111 -11.64 -8.46 -23.62
N ILE E 112 -10.70 -7.71 -23.05
CA ILE E 112 -9.30 -7.93 -23.31
C ILE E 112 -8.87 -9.24 -22.69
N GLU E 113 -9.31 -9.52 -21.47
CA GLU E 113 -9.03 -10.78 -20.80
C GLU E 113 -9.52 -11.98 -21.63
N LEU E 114 -10.75 -11.92 -22.12
CA LEU E 114 -11.26 -13.04 -22.89
C LEU E 114 -10.46 -13.28 -24.15
N LEU E 115 -10.00 -12.22 -24.81
CA LEU E 115 -9.32 -12.33 -26.08
C LEU E 115 -7.84 -12.67 -25.90
N SER E 116 -7.35 -12.49 -24.68
CA SER E 116 -5.98 -12.74 -24.31
C SER E 116 -5.61 -14.20 -24.45
N VAL E 117 -6.59 -15.08 -24.38
CA VAL E 117 -6.34 -16.50 -24.37
C VAL E 117 -6.93 -17.10 -25.62
N ALA E 118 -7.37 -16.26 -26.53
CA ALA E 118 -7.92 -16.74 -27.79
C ALA E 118 -6.80 -16.81 -28.82
N THR E 119 -7.07 -17.45 -29.95
CA THR E 119 -6.05 -17.76 -30.93
C THR E 119 -6.25 -16.83 -32.13
N LEU E 120 -5.76 -15.61 -32.01
CA LEU E 120 -6.08 -14.57 -32.96
C LEU E 120 -4.93 -13.59 -32.92
N SER E 121 -4.48 -13.13 -34.10
CA SER E 121 -3.33 -12.23 -34.18
C SER E 121 -3.32 -11.51 -35.54
N GLY E 122 -2.43 -10.53 -35.67
CA GLY E 122 -2.36 -9.70 -36.86
C GLY E 122 -3.30 -8.50 -36.78
N VAL E 123 -3.78 -8.05 -37.95
CA VAL E 123 -4.61 -6.86 -38.05
C VAL E 123 -5.94 -7.17 -37.36
N SER E 124 -6.49 -8.35 -37.64
CA SER E 124 -7.73 -8.80 -37.03
C SER E 124 -7.64 -8.71 -35.50
N ALA E 125 -6.52 -9.09 -34.91
CA ALA E 125 -6.40 -9.04 -33.46
C ALA E 125 -6.63 -7.61 -32.97
N ARG E 126 -5.93 -6.66 -33.59
CA ARG E 126 -5.96 -5.27 -33.19
C ARG E 126 -7.35 -4.70 -33.51
N ARG E 127 -7.88 -5.05 -34.67
CA ARG E 127 -9.20 -4.61 -35.07
C ARG E 127 -10.21 -5.07 -34.01
N THR E 128 -10.16 -6.35 -33.64
CA THR E 128 -11.10 -6.93 -32.69
C THR E 128 -10.92 -6.28 -31.32
N ARG E 129 -9.69 -6.17 -30.84
CA ARG E 129 -9.48 -5.62 -29.52
C ARG E 129 -9.97 -4.17 -29.45
N LEU E 130 -9.74 -3.38 -30.51
CA LEU E 130 -10.17 -2.00 -30.50
C LEU E 130 -11.68 -1.94 -30.56
N ALA E 131 -12.27 -2.62 -31.53
CA ALA E 131 -13.72 -2.59 -31.61
C ALA E 131 -14.35 -3.02 -30.27
N ALA E 132 -13.82 -4.07 -29.64
CA ALA E 132 -14.49 -4.61 -28.46
C ALA E 132 -14.31 -3.66 -27.28
N VAL E 133 -13.13 -3.08 -27.16
CA VAL E 133 -12.91 -2.08 -26.13
C VAL E 133 -13.81 -0.86 -26.31
N ALA E 134 -13.91 -0.37 -27.55
CA ALA E 134 -14.68 0.81 -27.85
C ALA E 134 -16.15 0.57 -27.58
N GLY E 135 -16.64 -0.57 -28.08
CA GLY E 135 -18.04 -0.94 -27.92
C GLY E 135 -18.39 -1.08 -26.44
N ALA E 136 -17.49 -1.66 -25.68
CA ALA E 136 -17.72 -1.94 -24.30
C ALA E 136 -17.78 -0.64 -23.53
N PHE E 137 -16.88 0.29 -23.85
CA PHE E 137 -16.83 1.57 -23.18
C PHE E 137 -18.11 2.35 -23.49
N LEU E 138 -18.54 2.34 -24.75
CA LEU E 138 -19.68 3.12 -25.16
C LEU E 138 -20.99 2.59 -24.57
N MET E 139 -21.08 1.27 -24.40
CA MET E 139 -22.25 0.70 -23.78
C MET E 139 -22.41 1.26 -22.36
N ILE E 140 -21.32 1.32 -21.60
CA ILE E 140 -21.39 1.81 -20.24
C ILE E 140 -21.64 3.31 -20.25
N PHE E 141 -20.94 4.05 -21.10
CA PHE E 141 -21.01 5.50 -21.07
C PHE E 141 -22.43 5.96 -21.44
N THR E 142 -23.03 5.39 -22.48
CA THR E 142 -24.39 5.75 -22.85
C THR E 142 -25.36 5.34 -21.74
N GLY E 143 -25.09 4.23 -21.05
CA GLY E 143 -25.83 3.87 -19.87
C GLY E 143 -25.76 4.93 -18.78
N PHE E 144 -24.57 5.43 -18.51
CA PHE E 144 -24.33 6.47 -17.53
C PHE E 144 -25.09 7.74 -17.90
N LEU E 145 -25.12 8.11 -19.17
CA LEU E 145 -25.83 9.30 -19.58
C LEU E 145 -27.31 9.20 -19.26
N GLY E 146 -27.94 8.05 -19.52
CA GLY E 146 -29.37 7.85 -19.27
C GLY E 146 -29.65 7.76 -17.77
N ALA E 147 -28.83 7.00 -17.08
CA ALA E 147 -29.13 6.69 -15.71
C ALA E 147 -28.72 7.81 -14.73
N VAL E 148 -27.75 8.65 -15.08
CA VAL E 148 -27.25 9.63 -14.13
C VAL E 148 -27.29 11.03 -14.67
N VAL E 149 -27.01 11.27 -15.95
CA VAL E 149 -26.63 12.60 -16.41
C VAL E 149 -27.81 13.30 -17.07
N ILE E 150 -28.34 12.77 -18.17
CA ILE E 150 -29.39 13.47 -18.89
C ILE E 150 -30.72 13.25 -18.21
N GLY E 151 -31.26 14.30 -17.59
CA GLY E 151 -32.50 14.21 -16.82
C GLY E 151 -32.25 13.95 -15.35
N ASP E 152 -30.99 13.80 -14.97
CA ASP E 152 -30.60 13.62 -13.57
C ASP E 152 -31.13 12.29 -13.02
N GLY E 153 -31.34 11.32 -13.89
CA GLY E 153 -31.84 10.01 -13.49
C GLY E 153 -33.33 10.00 -13.24
N ARG E 154 -34.04 11.03 -13.67
CA ARG E 154 -35.44 11.18 -13.31
C ARG E 154 -36.34 11.12 -14.52
N SER E 155 -35.77 11.02 -15.73
CA SER E 155 -36.52 11.08 -16.97
C SER E 155 -36.68 9.69 -17.56
N VAL E 156 -37.92 9.23 -17.69
CA VAL E 156 -38.16 7.91 -18.24
C VAL E 156 -37.72 7.90 -19.69
N GLY E 157 -38.14 8.88 -20.46
CA GLY E 157 -37.73 8.99 -21.86
C GLY E 157 -36.21 8.94 -22.05
N SER E 158 -35.47 9.67 -21.24
CA SER E 158 -34.04 9.67 -21.36
C SER E 158 -33.49 8.28 -21.01
N LEU E 159 -34.05 7.62 -20.01
CA LEU E 159 -33.55 6.30 -19.61
C LEU E 159 -33.82 5.29 -20.72
N ILE E 160 -34.96 5.43 -21.36
CA ILE E 160 -35.32 4.49 -22.40
C ILE E 160 -34.44 4.67 -23.61
N ILE E 161 -34.25 5.93 -24.04
CA ILE E 161 -33.49 6.20 -25.23
C ILE E 161 -32.04 5.78 -25.03
N TRP E 162 -31.44 6.20 -23.94
CA TRP E 162 -30.04 5.93 -23.73
C TRP E 162 -29.82 4.48 -23.38
N GLY E 163 -30.85 3.82 -22.84
CA GLY E 163 -30.77 2.41 -22.56
C GLY E 163 -30.79 1.64 -23.85
N ALA E 164 -31.58 2.09 -24.80
CA ALA E 164 -31.65 1.42 -26.08
C ALA E 164 -30.32 1.57 -26.81
N ILE E 165 -29.75 2.77 -26.78
CA ILE E 165 -28.45 2.98 -27.38
C ILE E 165 -27.42 2.09 -26.71
N SER E 166 -27.48 1.97 -25.39
CA SER E 166 -26.51 1.17 -24.69
C SER E 166 -26.65 -0.30 -25.11
N THR E 167 -27.90 -0.73 -25.34
CA THR E 167 -28.22 -2.08 -25.76
C THR E 167 -27.64 -2.38 -27.13
N VAL E 168 -27.63 -1.40 -28.02
CA VAL E 168 -27.05 -1.61 -29.34
C VAL E 168 -25.55 -1.87 -29.21
N PHE E 169 -24.85 -1.05 -28.44
CA PHE E 169 -23.45 -1.27 -28.24
C PHE E 169 -23.18 -2.60 -27.56
N TRP E 170 -24.13 -3.07 -26.74
CA TRP E 170 -24.00 -4.36 -26.09
C TRP E 170 -23.99 -5.44 -27.14
N ILE E 171 -25.01 -5.43 -27.99
CA ILE E 171 -25.11 -6.38 -29.07
C ILE E 171 -23.84 -6.36 -29.92
N ILE E 172 -23.38 -5.20 -30.32
CA ILE E 172 -22.22 -5.11 -31.19
C ILE E 172 -21.03 -5.77 -30.49
N THR E 173 -20.74 -5.38 -29.25
CA THR E 173 -19.58 -5.90 -28.54
C THR E 173 -19.68 -7.42 -28.41
N ALA E 174 -20.85 -7.90 -28.05
CA ALA E 174 -21.09 -9.32 -27.90
C ALA E 174 -20.79 -10.07 -29.20
N VAL E 175 -21.29 -9.56 -30.32
CA VAL E 175 -21.11 -10.24 -31.59
C VAL E 175 -19.62 -10.28 -31.93
N ILE E 176 -18.93 -9.18 -31.75
CA ILE E 176 -17.51 -9.09 -32.04
C ILE E 176 -16.74 -10.12 -31.22
N LEU E 177 -17.12 -10.29 -29.94
CA LEU E 177 -16.39 -11.18 -29.06
C LEU E 177 -16.74 -12.61 -29.42
N ILE E 178 -18.00 -12.88 -29.69
CA ILE E 178 -18.42 -14.24 -29.92
C ILE E 178 -17.81 -14.71 -31.24
N ARG E 179 -17.72 -13.84 -32.21
CA ARG E 179 -17.14 -14.21 -33.49
C ARG E 179 -15.66 -14.54 -33.29
N ALA E 180 -14.99 -13.83 -32.39
CA ALA E 180 -13.58 -14.03 -32.19
C ALA E 180 -13.36 -15.39 -31.54
N ILE E 181 -14.10 -15.65 -30.48
CA ILE E 181 -14.04 -16.93 -29.82
C ILE E 181 -14.35 -18.05 -30.80
N ARG E 182 -15.37 -17.89 -31.61
CA ARG E 182 -15.79 -18.97 -32.50
C ARG E 182 -14.68 -19.28 -33.48
N HIS E 183 -13.93 -18.26 -33.89
CA HIS E 183 -12.85 -18.44 -34.84
C HIS E 183 -11.66 -19.13 -34.15
N SER E 184 -11.48 -18.87 -32.85
CA SER E 184 -10.37 -19.37 -32.09
C SER E 184 -10.56 -20.84 -31.74
N LEU E 185 -11.79 -21.25 -31.47
CA LEU E 185 -12.00 -22.55 -30.84
C LEU E 185 -11.40 -23.67 -31.68
N PRO E 186 -11.50 -23.62 -33.02
CA PRO E 186 -10.91 -24.67 -33.85
C PRO E 186 -9.39 -24.75 -33.81
N GLN E 187 -8.74 -23.70 -33.32
CA GLN E 187 -7.30 -23.57 -33.38
C GLN E 187 -6.71 -23.81 -31.99
N LEU E 188 -7.56 -24.21 -31.05
CA LEU E 188 -7.12 -24.49 -29.68
C LEU E 188 -7.14 -25.99 -29.50
N THR E 189 -6.50 -26.47 -28.44
CA THR E 189 -6.60 -27.87 -28.11
C THR E 189 -8.01 -28.10 -27.58
N PRO E 190 -8.58 -29.30 -27.74
CA PRO E 190 -9.90 -29.58 -27.19
C PRO E 190 -10.12 -29.15 -25.76
N GLU E 191 -9.13 -29.33 -24.90
CA GLU E 191 -9.31 -29.05 -23.49
C GLU E 191 -9.51 -27.54 -23.32
N ALA E 192 -8.67 -26.75 -23.97
CA ALA E 192 -8.73 -25.30 -23.87
C ALA E 192 -10.01 -24.79 -24.56
N ALA E 193 -10.31 -25.35 -25.74
CA ALA E 193 -11.48 -24.94 -26.48
C ALA E 193 -12.72 -25.05 -25.61
N ALA E 194 -12.86 -26.17 -24.93
CA ALA E 194 -13.99 -26.41 -24.06
C ALA E 194 -14.06 -25.41 -22.92
N LEU E 195 -12.93 -25.13 -22.30
CA LEU E 195 -12.92 -24.18 -21.22
C LEU E 195 -13.25 -22.77 -21.70
N LEU E 196 -12.72 -22.40 -22.87
CA LEU E 196 -12.92 -21.08 -23.43
C LEU E 196 -14.39 -20.86 -23.80
N LYS E 197 -15.04 -21.91 -24.31
CA LYS E 197 -16.44 -21.79 -24.69
C LYS E 197 -17.30 -21.54 -23.45
N THR E 198 -17.07 -22.34 -22.42
CA THR E 198 -17.75 -22.18 -21.15
C THR E 198 -17.53 -20.78 -20.58
N ALA E 199 -16.28 -20.34 -20.50
CA ALA E 199 -15.96 -19.02 -19.99
C ALA E 199 -16.72 -17.95 -20.76
N THR E 200 -16.83 -18.10 -22.09
CA THR E 200 -17.52 -17.10 -22.91
C THR E 200 -19.00 -17.00 -22.52
N ILE E 201 -19.69 -18.12 -22.28
N ILE E 201 -19.61 -18.18 -22.37
CA ILE E 201 -21.09 -18.06 -21.86
CA ILE E 201 -21.00 -18.33 -21.99
C ILE E 201 -21.28 -17.36 -20.52
C ILE E 201 -21.24 -17.73 -20.62
N PHE E 202 -20.34 -17.54 -19.60
N PHE E 202 -20.31 -17.93 -19.68
CA PHE E 202 -20.41 -16.95 -18.28
CA PHE E 202 -20.42 -17.39 -18.35
C PHE E 202 -20.30 -15.43 -18.33
C PHE E 202 -20.32 -15.88 -18.35
N LEU E 203 -19.46 -14.89 -19.22
N LEU E 203 -19.34 -15.34 -19.08
CA LEU E 203 -19.32 -13.44 -19.30
CA LEU E 203 -19.08 -13.92 -19.10
C LEU E 203 -20.53 -12.82 -19.96
C LEU E 203 -20.18 -13.18 -19.85
N MET E 204 -21.06 -13.47 -20.98
N MET E 204 -20.70 -13.78 -20.91
CA MET E 204 -22.16 -12.88 -21.71
CA MET E 204 -21.71 -13.10 -21.69
C MET E 204 -23.40 -12.93 -20.85
C MET E 204 -23.00 -13.10 -20.90
N SER E 205 -23.59 -14.08 -20.20
N SER E 205 -23.26 -14.21 -20.21
CA SER E 205 -24.74 -14.30 -19.35
CA SER E 205 -24.51 -14.38 -19.48
C SER E 205 -24.65 -13.37 -18.15
C SER E 205 -24.58 -13.43 -18.28
N GLY E 206 -23.44 -13.20 -17.64
CA GLY E 206 -23.28 -12.29 -16.51
C GLY E 206 -23.62 -10.87 -16.88
N TRP E 207 -23.37 -10.50 -18.15
CA TRP E 207 -23.67 -9.17 -18.63
C TRP E 207 -25.17 -8.92 -18.62
N ALA E 208 -25.99 -9.94 -18.83
CA ALA E 208 -27.42 -9.73 -18.95
C ALA E 208 -28.08 -9.35 -17.63
N VAL E 209 -27.39 -9.55 -16.51
CA VAL E 209 -27.99 -9.20 -15.24
C VAL E 209 -28.06 -7.68 -15.08
N TYR E 210 -27.07 -6.95 -15.62
CA TYR E 210 -26.92 -5.55 -15.28
C TYR E 210 -28.09 -4.72 -15.80
N PRO E 211 -28.51 -4.86 -17.08
CA PRO E 211 -29.69 -4.17 -17.58
C PRO E 211 -30.94 -4.30 -16.68
N LEU E 212 -31.04 -5.35 -15.88
CA LEU E 212 -32.19 -5.51 -15.01
C LEU E 212 -32.25 -4.44 -13.93
N ALA E 213 -31.10 -4.03 -13.42
CA ALA E 213 -31.09 -2.94 -12.46
C ALA E 213 -31.49 -1.62 -13.12
N TYR E 214 -31.18 -1.47 -14.40
CA TYR E 214 -31.52 -0.27 -15.13
C TYR E 214 -33.04 -0.23 -15.31
N LEU E 215 -33.64 -1.38 -15.60
CA LEU E 215 -35.08 -1.43 -15.77
C LEU E 215 -35.82 -1.12 -14.46
N ILE E 216 -35.24 -1.49 -13.33
CA ILE E 216 -35.85 -1.13 -12.07
C ILE E 216 -35.90 0.38 -11.97
N GLN E 217 -34.77 1.06 -12.19
CA GLN E 217 -34.73 2.49 -12.15
C GLN E 217 -35.84 3.10 -13.02
N ILE E 218 -36.10 2.55 -14.19
CA ILE E 218 -37.15 3.05 -15.05
C ILE E 218 -38.53 2.87 -14.45
N LEU E 219 -38.81 1.69 -13.85
CA LEU E 219 -40.15 1.24 -13.59
C LEU E 219 -40.60 1.44 -12.15
N PHE E 220 -39.69 1.41 -11.18
CA PHE E 220 -40.07 1.42 -9.77
C PHE E 220 -39.17 2.33 -8.95
N ALA E 221 -39.73 3.09 -8.01
CA ALA E 221 -38.94 3.94 -7.13
C ALA E 221 -39.37 3.75 -5.68
N GLY E 222 -38.40 3.78 -4.78
CA GLY E 222 -38.65 3.60 -3.37
C GLY E 222 -37.42 2.98 -2.73
N GLY E 223 -37.43 2.85 -1.40
CA GLY E 223 -36.30 2.33 -0.67
C GLY E 223 -36.07 0.86 -0.99
N LEU E 224 -37.16 0.12 -1.16
CA LEU E 224 -37.05 -1.28 -1.45
C LEU E 224 -36.37 -1.50 -2.81
N TRP E 225 -36.69 -0.62 -3.77
CA TRP E 225 -36.14 -0.67 -5.11
C TRP E 225 -34.70 -0.22 -5.14
N THR E 226 -34.38 0.84 -4.42
CA THR E 226 -32.98 1.20 -4.30
C THR E 226 -32.20 0.03 -3.72
N THR E 227 -32.80 -0.65 -2.73
CA THR E 227 -32.12 -1.75 -2.06
C THR E 227 -31.89 -2.87 -3.05
N SER E 228 -32.95 -3.18 -3.80
CA SER E 228 -32.89 -4.20 -4.82
C SER E 228 -31.81 -3.91 -5.87
N ILE E 229 -31.71 -2.66 -6.31
CA ILE E 229 -30.70 -2.30 -7.29
C ILE E 229 -29.33 -2.61 -6.73
N HIS E 230 -29.05 -2.18 -5.51
CA HIS E 230 -27.74 -2.38 -4.93
C HIS E 230 -27.46 -3.87 -4.72
N ILE E 231 -28.48 -4.66 -4.38
CA ILE E 231 -28.25 -6.07 -4.12
C ILE E 231 -27.94 -6.76 -5.43
N ILE E 232 -28.73 -6.48 -6.46
CA ILE E 232 -28.49 -7.08 -7.76
C ILE E 232 -27.11 -6.68 -8.29
N LEU E 233 -26.74 -5.41 -8.21
CA LEU E 233 -25.51 -5.00 -8.83
C LEU E 233 -24.31 -5.46 -8.03
N CYS E 234 -24.41 -5.48 -6.70
CA CYS E 234 -23.34 -5.97 -5.87
C CYS E 234 -23.12 -7.46 -6.13
N THR E 235 -24.21 -8.20 -6.25
CA THR E 235 -24.13 -9.63 -6.39
C THR E 235 -23.55 -9.95 -7.76
N ALA E 236 -24.04 -9.29 -8.81
CA ALA E 236 -23.45 -9.45 -10.14
C ALA E 236 -21.97 -9.10 -10.14
N ASP E 237 -21.59 -8.00 -9.50
CA ASP E 237 -20.19 -7.65 -9.46
C ASP E 237 -19.39 -8.79 -8.83
N ILE E 238 -19.86 -9.34 -7.71
CA ILE E 238 -19.12 -10.42 -7.05
C ILE E 238 -19.00 -11.63 -7.99
N VAL E 239 -20.12 -12.08 -8.52
CA VAL E 239 -20.12 -13.28 -9.33
C VAL E 239 -19.29 -13.10 -10.60
N VAL E 240 -19.44 -11.99 -11.28
CA VAL E 240 -18.71 -11.79 -12.52
C VAL E 240 -17.22 -11.56 -12.24
N LYS E 241 -16.84 -10.84 -11.21
N LYS E 241 -16.88 -10.78 -11.24
CA LYS E 241 -15.45 -10.44 -11.06
CA LYS E 241 -15.49 -10.41 -11.06
C LYS E 241 -14.65 -11.43 -10.20
C LYS E 241 -14.77 -11.46 -10.24
N LEU E 242 -15.27 -12.49 -9.69
N LEU E 242 -15.22 -11.69 -9.00
CA LEU E 242 -14.50 -13.54 -9.06
CA LEU E 242 -14.58 -12.67 -8.16
C LEU E 242 -14.55 -14.80 -9.93
C LEU E 242 -14.92 -14.08 -8.62
N GLY E 243 -15.76 -15.15 -10.38
N GLY E 243 -16.17 -14.34 -8.97
CA GLY E 243 -16.02 -16.32 -11.19
CA GLY E 243 -16.58 -15.68 -9.31
C GLY E 243 -15.31 -16.32 -12.54
C GLY E 243 -15.88 -16.20 -10.55
N PHE E 244 -15.53 -15.28 -13.33
N PHE E 244 -15.75 -15.35 -11.58
CA PHE E 244 -15.02 -15.22 -14.70
CA PHE E 244 -15.23 -15.76 -12.87
C PHE E 244 -13.49 -15.11 -14.70
C PHE E 244 -13.76 -15.35 -13.04
N CYS E 245 -12.98 -14.35 -13.72
N CYS E 245 -13.09 -14.89 -11.98
CA CYS E 245 -11.55 -14.08 -13.69
CA CYS E 245 -11.72 -14.41 -12.14
C CYS E 245 -10.81 -15.36 -13.38
C CYS E 245 -10.75 -15.58 -12.32
N GLY E 246 -11.35 -16.16 -12.45
N GLY E 246 -11.24 -16.79 -12.12
CA GLY E 246 -10.82 -17.48 -12.17
CA GLY E 246 -10.40 -17.97 -12.24
C GLY E 246 -10.79 -18.34 -13.42
C GLY E 246 -10.60 -18.67 -13.57
N LEU E 247 -11.80 -18.20 -14.27
N LEU E 247 -11.65 -18.34 -14.29
CA LEU E 247 -11.95 -19.07 -15.43
CA LEU E 247 -11.96 -19.04 -15.52
C LEU E 247 -10.90 -18.80 -16.51
C LEU E 247 -10.90 -18.80 -16.57
N ILE E 248 -10.54 -17.53 -16.73
CA ILE E 248 -9.56 -17.17 -17.74
C ILE E 248 -8.18 -17.53 -17.22
N HIS E 249 -7.98 -17.40 -15.92
CA HIS E 249 -6.72 -17.76 -15.32
C HIS E 249 -6.45 -19.25 -15.56
N ARG E 250 -7.45 -20.10 -15.38
CA ARG E 250 -7.29 -21.50 -15.64
C ARG E 250 -6.90 -21.76 -17.10
N ILE E 251 -7.51 -21.07 -18.08
CA ILE E 251 -7.18 -21.28 -19.48
C ILE E 251 -5.76 -20.80 -19.78
N ALA E 252 -5.37 -19.68 -19.17
CA ALA E 252 -4.05 -19.18 -19.37
C ALA E 252 -3.05 -20.18 -18.81
N LYS E 253 -3.35 -20.80 -17.65
CA LYS E 253 -2.51 -21.82 -17.09
C LYS E 253 -2.45 -23.03 -18.00
N LEU E 254 -3.56 -23.48 -18.49
CA LEU E 254 -3.56 -24.61 -19.39
C LEU E 254 -2.78 -24.35 -20.68
N ARG E 255 -2.92 -23.17 -21.27
CA ARG E 255 -2.20 -22.88 -22.50
C ARG E 255 -0.70 -22.75 -22.19
N THR E 256 -0.35 -22.19 -21.03
CA THR E 256 1.03 -22.16 -20.60
C THR E 256 1.61 -23.56 -20.54
N ALA E 257 0.92 -24.46 -19.85
CA ALA E 257 1.37 -25.81 -19.68
C ALA E 257 1.50 -26.53 -21.01
N GLU E 258 0.63 -26.22 -21.97
CA GLU E 258 0.70 -26.86 -23.29
C GLU E 258 1.90 -26.37 -24.05
N ASP E 259 2.27 -25.09 -23.87
CA ASP E 259 3.47 -24.54 -24.46
C ASP E 259 4.72 -25.19 -23.87
N VAL E 260 4.72 -25.42 -22.55
CA VAL E 260 5.83 -26.07 -21.89
C VAL E 260 6.02 -27.48 -22.43
N ARG E 261 4.95 -28.25 -22.53
CA ARG E 261 5.04 -29.62 -23.02
C ARG E 261 5.37 -29.70 -24.50
N ALA E 262 5.16 -28.63 -25.24
CA ALA E 262 5.42 -28.61 -26.68
C ALA E 262 6.83 -28.11 -26.94
N GLY E 263 7.49 -27.61 -25.90
CA GLY E 263 8.80 -27.01 -26.04
C GLY E 263 8.75 -25.57 -26.52
N VAL E 264 7.57 -24.99 -26.63
CA VAL E 264 7.45 -23.61 -27.10
C VAL E 264 8.03 -22.66 -26.06
N ASP E 265 7.91 -22.97 -24.78
CA ASP E 265 8.48 -22.14 -23.74
C ASP E 265 8.78 -23.00 -22.52
N ILE E 266 9.41 -22.42 -21.51
CA ILE E 266 9.66 -23.08 -20.26
C ILE E 266 8.96 -22.28 -19.18
N HIS E 267 8.68 -22.90 -18.02
CA HIS E 267 8.04 -22.20 -16.92
C HIS E 267 8.80 -22.54 -15.65
N THR E 268 8.93 -21.59 -14.75
CA THR E 268 9.81 -21.81 -13.62
C THR E 268 9.21 -22.75 -12.60
N GLU E 269 7.89 -22.77 -12.48
CA GLU E 269 7.27 -23.73 -11.56
C GLU E 269 6.39 -24.68 -12.34
N ALA E 270 6.04 -25.79 -11.70
CA ALA E 270 5.01 -26.70 -12.17
C ALA E 270 3.64 -26.02 -12.12
N ILE E 271 2.78 -26.45 -13.03
CA ILE E 271 1.45 -25.91 -13.12
C ILE E 271 0.50 -27.02 -12.71
N TRP E 272 -0.33 -26.70 -11.71
CA TRP E 272 -1.35 -27.60 -11.20
C TRP E 272 -2.73 -27.02 -11.50
N ILE E 273 -3.61 -27.85 -12.04
CA ILE E 273 -4.96 -27.40 -12.34
C ILE E 273 -5.91 -28.46 -11.81
N SER E 274 -6.72 -28.08 -10.82
CA SER E 274 -7.67 -29.00 -10.21
C SER E 274 -6.92 -30.20 -9.67
N SER E 275 -5.83 -29.93 -8.96
CA SER E 275 -5.07 -30.95 -8.27
C SER E 275 -4.25 -31.84 -9.19
N VAL E 276 -4.32 -31.66 -10.50
CA VAL E 276 -3.55 -32.48 -11.43
C VAL E 276 -2.43 -31.68 -12.05
N LYS E 277 -1.23 -32.29 -12.14
CA LYS E 277 -0.04 -31.61 -12.64
C LYS E 277 -0.11 -31.57 -14.16
N GLN E 278 0.08 -30.38 -14.75
CA GLN E 278 -0.11 -30.19 -16.17
C GLN E 278 1.23 -30.06 -16.84
N SER E 279 2.20 -29.50 -16.13
CA SER E 279 3.55 -29.35 -16.65
C SER E 279 4.53 -29.35 -15.49
N ASP E 280 5.79 -29.76 -15.74
CA ASP E 280 6.87 -29.71 -14.75
C ASP E 280 7.61 -28.39 -14.76
N ALA E 281 8.20 -28.04 -13.62
CA ALA E 281 9.12 -26.90 -13.52
C ALA E 281 10.35 -27.17 -14.38
N GLY E 282 10.85 -26.13 -15.05
CA GLY E 282 11.96 -26.29 -15.97
C GLY E 282 12.92 -25.11 -15.90
N ILE E 283 14.10 -25.27 -16.53
CA ILE E 283 15.09 -24.21 -16.60
C ILE E 283 15.57 -24.08 -18.03
N PRO E 284 15.99 -22.86 -18.46
CA PRO E 284 16.60 -22.66 -19.77
C PRO E 284 17.87 -23.50 -19.89
N THR E 285 18.15 -24.03 -21.08
CA THR E 285 19.38 -24.79 -21.28
C THR E 285 20.59 -23.87 -21.07
#